data_5CRM
# 
_entry.id   5CRM 
# 
_audit_conform.dict_name       mmcif_pdbx.dic 
_audit_conform.dict_version    5.387 
_audit_conform.dict_location   http://mmcif.pdb.org/dictionaries/ascii/mmcif_pdbx.dic 
# 
loop_
_database_2.database_id 
_database_2.database_code 
_database_2.pdbx_database_accession 
_database_2.pdbx_DOI 
PDB   5CRM         pdb_00005crm 10.2210/pdb5crm/pdb 
WWPDB D_1000212090 ?            ?                   
# 
loop_
_pdbx_audit_revision_history.ordinal 
_pdbx_audit_revision_history.data_content_type 
_pdbx_audit_revision_history.major_revision 
_pdbx_audit_revision_history.minor_revision 
_pdbx_audit_revision_history.revision_date 
1 'Structure model' 1 0 2016-01-13 
2 'Structure model' 1 1 2016-01-27 
3 'Structure model' 1 2 2016-03-09 
4 'Structure model' 1 3 2024-03-20 
# 
_pdbx_audit_revision_details.ordinal             1 
_pdbx_audit_revision_details.revision_ordinal    1 
_pdbx_audit_revision_details.data_content_type   'Structure model' 
_pdbx_audit_revision_details.provider            repository 
_pdbx_audit_revision_details.type                'Initial release' 
_pdbx_audit_revision_details.description         ? 
_pdbx_audit_revision_details.details             ? 
# 
loop_
_pdbx_audit_revision_group.ordinal 
_pdbx_audit_revision_group.revision_ordinal 
_pdbx_audit_revision_group.data_content_type 
_pdbx_audit_revision_group.group 
1 2 'Structure model' 'Database references'  
2 3 'Structure model' 'Database references'  
3 4 'Structure model' 'Data collection'      
4 4 'Structure model' 'Database references'  
5 4 'Structure model' 'Derived calculations' 
# 
loop_
_pdbx_audit_revision_category.ordinal 
_pdbx_audit_revision_category.revision_ordinal 
_pdbx_audit_revision_category.data_content_type 
_pdbx_audit_revision_category.category 
1 4 'Structure model' chem_comp_atom              
2 4 'Structure model' chem_comp_bond              
3 4 'Structure model' citation                    
4 4 'Structure model' database_2                  
5 4 'Structure model' diffrn_radiation_wavelength 
6 4 'Structure model' pdbx_struct_oper_list       
# 
loop_
_pdbx_audit_revision_item.ordinal 
_pdbx_audit_revision_item.revision_ordinal 
_pdbx_audit_revision_item.data_content_type 
_pdbx_audit_revision_item.item 
1 4 'Structure model' '_citation.journal_id_CSD'                  
2 4 'Structure model' '_database_2.pdbx_DOI'                      
3 4 'Structure model' '_database_2.pdbx_database_accession'       
4 4 'Structure model' '_pdbx_struct_oper_list.symmetry_operation' 
# 
_pdbx_database_status.status_code                     REL 
_pdbx_database_status.status_code_sf                  REL 
_pdbx_database_status.status_code_mr                  ? 
_pdbx_database_status.entry_id                        5CRM 
_pdbx_database_status.recvd_initial_deposition_date   2015-07-23 
_pdbx_database_status.SG_entry                        N 
_pdbx_database_status.deposit_site                    RCSB 
_pdbx_database_status.process_site                    PDBJ 
_pdbx_database_status.status_code_cs                  ? 
_pdbx_database_status.methods_development_category    ? 
_pdbx_database_status.pdb_format_compatible           Y 
_pdbx_database_status.status_code_nmr_data            ? 
# 
loop_
_pdbx_database_related.db_name 
_pdbx_database_related.details 
_pdbx_database_related.db_id 
_pdbx_database_related.content_type 
PDB . 5CP5 unspecified 
PDB . 5CPE unspecified 
PDB . 5COI unspecified 
PDB . 5CQT unspecified 
PDB . 5CRZ unspecified 
PDB . 5CS8 unspecified 
PDB . 5CTL unspecified 
# 
loop_
_audit_author.name 
_audit_author.pdbx_ordinal 
'Zhang, Y.' 1 
'Song, M.'  2 
'Liu, Z.'   3 
'Xue, X.'   4 
'Xu, Y.'    5 
# 
_citation.abstract                  ? 
_citation.abstract_id_CAS           ? 
_citation.book_id_ISBN              ? 
_citation.book_publisher            ? 
_citation.book_publisher_city       ? 
_citation.book_title                ? 
_citation.coordinate_linkage        ? 
_citation.country                   US 
_citation.database_id_Medline       ? 
_citation.details                   ? 
_citation.id                        primary 
_citation.journal_abbrev            J.Med.Chem. 
_citation.journal_id_ASTM           JMCMAR 
_citation.journal_id_CSD            0151 
_citation.journal_id_ISSN           0022-2623 
_citation.journal_full              ? 
_citation.journal_issue             ? 
_citation.journal_volume            59 
_citation.language                  ? 
_citation.page_first                1565 
_citation.page_last                 1579 
_citation.title                     
;Discovery of Benzo[cd]indol-2(1H)-ones as Potent and Specific BET Bromodomain Inhibitors: Structure-Based Virtual Screening, Optimization, and Biological Evaluation
;
_citation.year                      2016 
_citation.database_id_CSD           ? 
_citation.pdbx_database_id_DOI      10.1021/acs.jmedchem.5b01511 
_citation.pdbx_database_id_PubMed   26731490 
_citation.unpublished_flag          ? 
# 
loop_
_citation_author.citation_id 
_citation_author.name 
_citation_author.ordinal 
_citation_author.identifier_ORCID 
primary 'Xue, X.'   1  ? 
primary 'Zhang, Y.' 2  ? 
primary 'Liu, Z.'   3  ? 
primary 'Song, M.'  4  ? 
primary 'Xing, Y.'  5  ? 
primary 'Xiang, Q.' 6  ? 
primary 'Wang, Z.'  7  ? 
primary 'Tu, Z.'    8  ? 
primary 'Zhou, Y.'  9  ? 
primary 'Ding, K.'  10 ? 
primary 'Xu, Y.'    11 ? 
# 
loop_
_entity.id 
_entity.type 
_entity.src_method 
_entity.pdbx_description 
_entity.formula_weight 
_entity.pdbx_number_of_molecules 
_entity.pdbx_ec 
_entity.pdbx_mutation 
_entity.pdbx_fragment 
_entity.details 
1 polymer     man 'Bromodomain-containing protein 4'                           16767.326 1  ? ? 
'N-TERMINAL BROMODOMAIN, UNP RESIDUES 44-165' ? 
2 non-polymer syn 'NITRATE ION'                                                62.005    2  ? ? ? ? 
3 non-polymer syn 'N,1-diethyl-2-oxo-1,2-dihydrobenzo[cd]indole-6-sulfonamide' 304.364   1  ? ? ? ? 
4 non-polymer syn GLYCEROL                                                     92.094    1  ? ? ? ? 
5 non-polymer syn 1,2-ETHANEDIOL                                               62.068    1  ? ? ? ? 
6 non-polymer syn 'DIMETHYL SULFOXIDE'                                         78.133    2  ? ? ? ? 
7 water       nat water                                                        18.015    71 ? ? ? ? 
# 
_entity_name_com.entity_id   1 
_entity_name_com.name        'Protein HUNK1' 
# 
_entity_poly.entity_id                      1 
_entity_poly.type                           'polypeptide(L)' 
_entity_poly.nstd_linkage                   no 
_entity_poly.nstd_monomer                   no 
_entity_poly.pdbx_seq_one_letter_code       
;MKKGHHHHHHLVPRGSNPPPPETSNPNKPKRQTNQLQYLLRVVLKTLWKHQFAWPFQQPVDAVKLNLPDYYKIIKTPMDM
GTIKKRLENNYYWNAQECIQDFNTMFTNCYIYNKPGDDIVLMAEALEKLFLQKINELPTEE
;
_entity_poly.pdbx_seq_one_letter_code_can   
;MKKGHHHHHHLVPRGSNPPPPETSNPNKPKRQTNQLQYLLRVVLKTLWKHQFAWPFQQPVDAVKLNLPDYYKIIKTPMDM
GTIKKRLENNYYWNAQECIQDFNTMFTNCYIYNKPGDDIVLMAEALEKLFLQKINELPTEE
;
_entity_poly.pdbx_strand_id                 A 
_entity_poly.pdbx_target_identifier         ? 
# 
loop_
_pdbx_entity_nonpoly.entity_id 
_pdbx_entity_nonpoly.name 
_pdbx_entity_nonpoly.comp_id 
2 'NITRATE ION'                                                NO3 
3 'N,1-diethyl-2-oxo-1,2-dihydrobenzo[cd]indole-6-sulfonamide' EB5 
4 GLYCEROL                                                     GOL 
5 1,2-ETHANEDIOL                                               EDO 
6 'DIMETHYL SULFOXIDE'                                         DMS 
7 water                                                        HOH 
# 
loop_
_entity_poly_seq.entity_id 
_entity_poly_seq.num 
_entity_poly_seq.mon_id 
_entity_poly_seq.hetero 
1 1   MET n 
1 2   LYS n 
1 3   LYS n 
1 4   GLY n 
1 5   HIS n 
1 6   HIS n 
1 7   HIS n 
1 8   HIS n 
1 9   HIS n 
1 10  HIS n 
1 11  LEU n 
1 12  VAL n 
1 13  PRO n 
1 14  ARG n 
1 15  GLY n 
1 16  SER n 
1 17  ASN n 
1 18  PRO n 
1 19  PRO n 
1 20  PRO n 
1 21  PRO n 
1 22  GLU n 
1 23  THR n 
1 24  SER n 
1 25  ASN n 
1 26  PRO n 
1 27  ASN n 
1 28  LYS n 
1 29  PRO n 
1 30  LYS n 
1 31  ARG n 
1 32  GLN n 
1 33  THR n 
1 34  ASN n 
1 35  GLN n 
1 36  LEU n 
1 37  GLN n 
1 38  TYR n 
1 39  LEU n 
1 40  LEU n 
1 41  ARG n 
1 42  VAL n 
1 43  VAL n 
1 44  LEU n 
1 45  LYS n 
1 46  THR n 
1 47  LEU n 
1 48  TRP n 
1 49  LYS n 
1 50  HIS n 
1 51  GLN n 
1 52  PHE n 
1 53  ALA n 
1 54  TRP n 
1 55  PRO n 
1 56  PHE n 
1 57  GLN n 
1 58  GLN n 
1 59  PRO n 
1 60  VAL n 
1 61  ASP n 
1 62  ALA n 
1 63  VAL n 
1 64  LYS n 
1 65  LEU n 
1 66  ASN n 
1 67  LEU n 
1 68  PRO n 
1 69  ASP n 
1 70  TYR n 
1 71  TYR n 
1 72  LYS n 
1 73  ILE n 
1 74  ILE n 
1 75  LYS n 
1 76  THR n 
1 77  PRO n 
1 78  MET n 
1 79  ASP n 
1 80  MET n 
1 81  GLY n 
1 82  THR n 
1 83  ILE n 
1 84  LYS n 
1 85  LYS n 
1 86  ARG n 
1 87  LEU n 
1 88  GLU n 
1 89  ASN n 
1 90  ASN n 
1 91  TYR n 
1 92  TYR n 
1 93  TRP n 
1 94  ASN n 
1 95  ALA n 
1 96  GLN n 
1 97  GLU n 
1 98  CYS n 
1 99  ILE n 
1 100 GLN n 
1 101 ASP n 
1 102 PHE n 
1 103 ASN n 
1 104 THR n 
1 105 MET n 
1 106 PHE n 
1 107 THR n 
1 108 ASN n 
1 109 CYS n 
1 110 TYR n 
1 111 ILE n 
1 112 TYR n 
1 113 ASN n 
1 114 LYS n 
1 115 PRO n 
1 116 GLY n 
1 117 ASP n 
1 118 ASP n 
1 119 ILE n 
1 120 VAL n 
1 121 LEU n 
1 122 MET n 
1 123 ALA n 
1 124 GLU n 
1 125 ALA n 
1 126 LEU n 
1 127 GLU n 
1 128 LYS n 
1 129 LEU n 
1 130 PHE n 
1 131 LEU n 
1 132 GLN n 
1 133 LYS n 
1 134 ILE n 
1 135 ASN n 
1 136 GLU n 
1 137 LEU n 
1 138 PRO n 
1 139 THR n 
1 140 GLU n 
1 141 GLU n 
# 
_entity_src_gen.entity_id                          1 
_entity_src_gen.pdbx_src_id                        1 
_entity_src_gen.pdbx_alt_source_flag               sample 
_entity_src_gen.pdbx_seq_type                      'Biological sequence' 
_entity_src_gen.pdbx_beg_seq_num                   1 
_entity_src_gen.pdbx_end_seq_num                   141 
_entity_src_gen.gene_src_common_name               Human 
_entity_src_gen.gene_src_genus                     ? 
_entity_src_gen.pdbx_gene_src_gene                 'BRD4, HUNK1' 
_entity_src_gen.gene_src_species                   ? 
_entity_src_gen.gene_src_strain                    ? 
_entity_src_gen.gene_src_tissue                    ? 
_entity_src_gen.gene_src_tissue_fraction           ? 
_entity_src_gen.gene_src_details                   ? 
_entity_src_gen.pdbx_gene_src_fragment             ? 
_entity_src_gen.pdbx_gene_src_scientific_name      'Homo sapiens' 
_entity_src_gen.pdbx_gene_src_ncbi_taxonomy_id     9606 
_entity_src_gen.pdbx_gene_src_variant              ? 
_entity_src_gen.pdbx_gene_src_cell_line            ? 
_entity_src_gen.pdbx_gene_src_atcc                 ? 
_entity_src_gen.pdbx_gene_src_organ                ? 
_entity_src_gen.pdbx_gene_src_organelle            ? 
_entity_src_gen.pdbx_gene_src_cell                 ? 
_entity_src_gen.pdbx_gene_src_cellular_location    ? 
_entity_src_gen.host_org_common_name               ? 
_entity_src_gen.pdbx_host_org_scientific_name      'Escherichia coli BL21(DE3)' 
_entity_src_gen.pdbx_host_org_ncbi_taxonomy_id     469008 
_entity_src_gen.host_org_genus                     ? 
_entity_src_gen.pdbx_host_org_gene                 ? 
_entity_src_gen.pdbx_host_org_organ                ? 
_entity_src_gen.host_org_species                   ? 
_entity_src_gen.pdbx_host_org_tissue               ? 
_entity_src_gen.pdbx_host_org_tissue_fraction      ? 
_entity_src_gen.pdbx_host_org_strain               'BL21(DE3)' 
_entity_src_gen.pdbx_host_org_variant              ? 
_entity_src_gen.pdbx_host_org_cell_line            ? 
_entity_src_gen.pdbx_host_org_atcc                 ? 
_entity_src_gen.pdbx_host_org_culture_collection   ? 
_entity_src_gen.pdbx_host_org_cell                 ? 
_entity_src_gen.pdbx_host_org_organelle            ? 
_entity_src_gen.pdbx_host_org_cellular_location    ? 
_entity_src_gen.pdbx_host_org_vector_type          plasmid 
_entity_src_gen.pdbx_host_org_vector               ? 
_entity_src_gen.host_org_details                   ? 
_entity_src_gen.expression_system_id               ? 
_entity_src_gen.plasmid_name                       pET24a 
_entity_src_gen.plasmid_details                    ? 
_entity_src_gen.pdbx_description                   ? 
# 
loop_
_chem_comp.id 
_chem_comp.type 
_chem_comp.mon_nstd_flag 
_chem_comp.name 
_chem_comp.pdbx_synonyms 
_chem_comp.formula 
_chem_comp.formula_weight 
ALA 'L-peptide linking' y ALANINE                                                      ?                               
'C3 H7 N O2'      89.093  
ARG 'L-peptide linking' y ARGININE                                                     ?                               
'C6 H15 N4 O2 1'  175.209 
ASN 'L-peptide linking' y ASPARAGINE                                                   ?                               
'C4 H8 N2 O3'     132.118 
ASP 'L-peptide linking' y 'ASPARTIC ACID'                                              ?                               
'C4 H7 N O4'      133.103 
CYS 'L-peptide linking' y CYSTEINE                                                     ?                               
'C3 H7 N O2 S'    121.158 
DMS non-polymer         . 'DIMETHYL SULFOXIDE'                                         ?                               'C2 H6 O S' 
78.133  
EB5 non-polymer         . 'N,1-diethyl-2-oxo-1,2-dihydrobenzo[cd]indole-6-sulfonamide' ?                               
'C15 H16 N2 O3 S' 304.364 
EDO non-polymer         . 1,2-ETHANEDIOL                                               'ETHYLENE GLYCOL'               'C2 H6 O2' 
62.068  
GLN 'L-peptide linking' y GLUTAMINE                                                    ?                               
'C5 H10 N2 O3'    146.144 
GLU 'L-peptide linking' y 'GLUTAMIC ACID'                                              ?                               
'C5 H9 N O4'      147.129 
GLY 'peptide linking'   y GLYCINE                                                      ?                               
'C2 H5 N O2'      75.067  
GOL non-polymer         . GLYCEROL                                                     'GLYCERIN; PROPANE-1,2,3-TRIOL' 'C3 H8 O3' 
92.094  
HIS 'L-peptide linking' y HISTIDINE                                                    ?                               
'C6 H10 N3 O2 1'  156.162 
HOH non-polymer         . WATER                                                        ?                               'H2 O' 
18.015  
ILE 'L-peptide linking' y ISOLEUCINE                                                   ?                               
'C6 H13 N O2'     131.173 
LEU 'L-peptide linking' y LEUCINE                                                      ?                               
'C6 H13 N O2'     131.173 
LYS 'L-peptide linking' y LYSINE                                                       ?                               
'C6 H15 N2 O2 1'  147.195 
MET 'L-peptide linking' y METHIONINE                                                   ?                               
'C5 H11 N O2 S'   149.211 
NO3 non-polymer         . 'NITRATE ION'                                                ?                               'N O3 -1' 
62.005  
PHE 'L-peptide linking' y PHENYLALANINE                                                ?                               
'C9 H11 N O2'     165.189 
PRO 'L-peptide linking' y PROLINE                                                      ?                               
'C5 H9 N O2'      115.130 
SER 'L-peptide linking' y SERINE                                                       ?                               
'C3 H7 N O3'      105.093 
THR 'L-peptide linking' y THREONINE                                                    ?                               
'C4 H9 N O3'      119.119 
TRP 'L-peptide linking' y TRYPTOPHAN                                                   ?                               
'C11 H12 N2 O2'   204.225 
TYR 'L-peptide linking' y TYROSINE                                                     ?                               
'C9 H11 N O3'     181.189 
VAL 'L-peptide linking' y VALINE                                                       ?                               
'C5 H11 N O2'     117.146 
# 
loop_
_pdbx_poly_seq_scheme.asym_id 
_pdbx_poly_seq_scheme.entity_id 
_pdbx_poly_seq_scheme.seq_id 
_pdbx_poly_seq_scheme.mon_id 
_pdbx_poly_seq_scheme.ndb_seq_num 
_pdbx_poly_seq_scheme.pdb_seq_num 
_pdbx_poly_seq_scheme.auth_seq_num 
_pdbx_poly_seq_scheme.pdb_mon_id 
_pdbx_poly_seq_scheme.auth_mon_id 
_pdbx_poly_seq_scheme.pdb_strand_id 
_pdbx_poly_seq_scheme.pdb_ins_code 
_pdbx_poly_seq_scheme.hetero 
A 1 1   MET 1   28  ?   ?   ?   A . n 
A 1 2   LYS 2   29  ?   ?   ?   A . n 
A 1 3   LYS 3   30  ?   ?   ?   A . n 
A 1 4   GLY 4   31  ?   ?   ?   A . n 
A 1 5   HIS 5   32  ?   ?   ?   A . n 
A 1 6   HIS 6   33  33  HIS HIS A . n 
A 1 7   HIS 7   34  34  HIS HIS A . n 
A 1 8   HIS 8   35  35  HIS HIS A . n 
A 1 9   HIS 9   36  36  HIS HIS A . n 
A 1 10  HIS 10  37  37  HIS HIS A . n 
A 1 11  LEU 11  38  38  LEU LEU A . n 
A 1 12  VAL 12  39  39  VAL VAL A . n 
A 1 13  PRO 13  40  40  PRO PRO A . n 
A 1 14  ARG 14  41  41  ARG ARG A . n 
A 1 15  GLY 15  42  42  GLY GLY A . n 
A 1 16  SER 16  43  43  SER SER A . n 
A 1 17  ASN 17  44  44  ASN ASN A . n 
A 1 18  PRO 18  45  45  PRO PRO A . n 
A 1 19  PRO 19  46  46  PRO PRO A . n 
A 1 20  PRO 20  47  47  PRO PRO A . n 
A 1 21  PRO 21  48  48  PRO PRO A . n 
A 1 22  GLU 22  49  49  GLU GLU A . n 
A 1 23  THR 23  50  50  THR THR A . n 
A 1 24  SER 24  51  51  SER SER A . n 
A 1 25  ASN 25  52  52  ASN ASN A . n 
A 1 26  PRO 26  53  53  PRO PRO A . n 
A 1 27  ASN 27  54  54  ASN ASN A . n 
A 1 28  LYS 28  55  55  LYS LYS A . n 
A 1 29  PRO 29  56  56  PRO PRO A . n 
A 1 30  LYS 30  57  57  LYS LYS A . n 
A 1 31  ARG 31  58  58  ARG ARG A . n 
A 1 32  GLN 32  59  59  GLN GLN A . n 
A 1 33  THR 33  60  60  THR THR A . n 
A 1 34  ASN 34  61  61  ASN ASN A . n 
A 1 35  GLN 35  62  62  GLN GLN A . n 
A 1 36  LEU 36  63  63  LEU LEU A . n 
A 1 37  GLN 37  64  64  GLN GLN A . n 
A 1 38  TYR 38  65  65  TYR TYR A . n 
A 1 39  LEU 39  66  66  LEU LEU A . n 
A 1 40  LEU 40  67  67  LEU LEU A . n 
A 1 41  ARG 41  68  68  ARG ARG A . n 
A 1 42  VAL 42  69  69  VAL VAL A . n 
A 1 43  VAL 43  70  70  VAL VAL A . n 
A 1 44  LEU 44  71  71  LEU LEU A . n 
A 1 45  LYS 45  72  72  LYS LYS A . n 
A 1 46  THR 46  73  73  THR THR A . n 
A 1 47  LEU 47  74  74  LEU LEU A . n 
A 1 48  TRP 48  75  75  TRP TRP A . n 
A 1 49  LYS 49  76  76  LYS LYS A . n 
A 1 50  HIS 50  77  77  HIS HIS A . n 
A 1 51  GLN 51  78  78  GLN GLN A . n 
A 1 52  PHE 52  79  79  PHE PHE A . n 
A 1 53  ALA 53  80  80  ALA ALA A . n 
A 1 54  TRP 54  81  81  TRP TRP A . n 
A 1 55  PRO 55  82  82  PRO PRO A . n 
A 1 56  PHE 56  83  83  PHE PHE A . n 
A 1 57  GLN 57  84  84  GLN GLN A . n 
A 1 58  GLN 58  85  85  GLN GLN A . n 
A 1 59  PRO 59  86  86  PRO PRO A . n 
A 1 60  VAL 60  87  87  VAL VAL A . n 
A 1 61  ASP 61  88  88  ASP ASP A . n 
A 1 62  ALA 62  89  89  ALA ALA A . n 
A 1 63  VAL 63  90  90  VAL VAL A . n 
A 1 64  LYS 64  91  91  LYS LYS A . n 
A 1 65  LEU 65  92  92  LEU LEU A . n 
A 1 66  ASN 66  93  93  ASN ASN A . n 
A 1 67  LEU 67  94  94  LEU LEU A . n 
A 1 68  PRO 68  95  95  PRO PRO A . n 
A 1 69  ASP 69  96  96  ASP ASP A . n 
A 1 70  TYR 70  97  97  TYR TYR A . n 
A 1 71  TYR 71  98  98  TYR TYR A . n 
A 1 72  LYS 72  99  99  LYS LYS A . n 
A 1 73  ILE 73  100 100 ILE ILE A . n 
A 1 74  ILE 74  101 101 ILE ILE A . n 
A 1 75  LYS 75  102 102 LYS LYS A . n 
A 1 76  THR 76  103 103 THR THR A . n 
A 1 77  PRO 77  104 104 PRO PRO A . n 
A 1 78  MET 78  105 105 MET MET A . n 
A 1 79  ASP 79  106 106 ASP ASP A . n 
A 1 80  MET 80  107 107 MET MET A . n 
A 1 81  GLY 81  108 108 GLY GLY A . n 
A 1 82  THR 82  109 109 THR THR A . n 
A 1 83  ILE 83  110 110 ILE ILE A . n 
A 1 84  LYS 84  111 111 LYS LYS A . n 
A 1 85  LYS 85  112 112 LYS LYS A . n 
A 1 86  ARG 86  113 113 ARG ARG A . n 
A 1 87  LEU 87  114 114 LEU LEU A . n 
A 1 88  GLU 88  115 115 GLU GLU A . n 
A 1 89  ASN 89  116 116 ASN ASN A . n 
A 1 90  ASN 90  117 117 ASN ASN A . n 
A 1 91  TYR 91  118 118 TYR TYR A . n 
A 1 92  TYR 92  119 119 TYR TYR A . n 
A 1 93  TRP 93  120 120 TRP TRP A . n 
A 1 94  ASN 94  121 121 ASN ASN A . n 
A 1 95  ALA 95  122 122 ALA ALA A . n 
A 1 96  GLN 96  123 123 GLN GLN A . n 
A 1 97  GLU 97  124 124 GLU GLU A . n 
A 1 98  CYS 98  125 125 CYS CYS A . n 
A 1 99  ILE 99  126 126 ILE ILE A . n 
A 1 100 GLN 100 127 127 GLN GLN A . n 
A 1 101 ASP 101 128 128 ASP ASP A . n 
A 1 102 PHE 102 129 129 PHE PHE A . n 
A 1 103 ASN 103 130 130 ASN ASN A . n 
A 1 104 THR 104 131 131 THR THR A . n 
A 1 105 MET 105 132 132 MET MET A . n 
A 1 106 PHE 106 133 133 PHE PHE A . n 
A 1 107 THR 107 134 134 THR THR A . n 
A 1 108 ASN 108 135 135 ASN ASN A . n 
A 1 109 CYS 109 136 136 CYS CYS A . n 
A 1 110 TYR 110 137 137 TYR TYR A . n 
A 1 111 ILE 111 138 138 ILE ILE A . n 
A 1 112 TYR 112 139 139 TYR TYR A . n 
A 1 113 ASN 113 140 140 ASN ASN A . n 
A 1 114 LYS 114 141 141 LYS LYS A . n 
A 1 115 PRO 115 142 142 PRO PRO A . n 
A 1 116 GLY 116 143 143 GLY GLY A . n 
A 1 117 ASP 117 144 144 ASP ASP A . n 
A 1 118 ASP 118 145 145 ASP ASP A . n 
A 1 119 ILE 119 146 146 ILE ILE A . n 
A 1 120 VAL 120 147 147 VAL VAL A . n 
A 1 121 LEU 121 148 148 LEU LEU A . n 
A 1 122 MET 122 149 149 MET MET A . n 
A 1 123 ALA 123 150 150 ALA ALA A . n 
A 1 124 GLU 124 151 151 GLU GLU A . n 
A 1 125 ALA 125 152 152 ALA ALA A . n 
A 1 126 LEU 126 153 153 LEU LEU A . n 
A 1 127 GLU 127 154 154 GLU GLU A . n 
A 1 128 LYS 128 155 155 LYS LYS A . n 
A 1 129 LEU 129 156 156 LEU LEU A . n 
A 1 130 PHE 130 157 157 PHE PHE A . n 
A 1 131 LEU 131 158 158 LEU LEU A . n 
A 1 132 GLN 132 159 159 GLN GLN A . n 
A 1 133 LYS 133 160 160 LYS LYS A . n 
A 1 134 ILE 134 161 161 ILE ILE A . n 
A 1 135 ASN 135 162 162 ASN ASN A . n 
A 1 136 GLU 136 163 163 GLU GLU A . n 
A 1 137 LEU 137 164 164 LEU LEU A . n 
A 1 138 PRO 138 165 165 PRO PRO A . n 
A 1 139 THR 139 166 ?   ?   ?   A . n 
A 1 140 GLU 140 167 ?   ?   ?   A . n 
A 1 141 GLU 141 168 ?   ?   ?   A . n 
# 
loop_
_pdbx_nonpoly_scheme.asym_id 
_pdbx_nonpoly_scheme.entity_id 
_pdbx_nonpoly_scheme.mon_id 
_pdbx_nonpoly_scheme.ndb_seq_num 
_pdbx_nonpoly_scheme.pdb_seq_num 
_pdbx_nonpoly_scheme.auth_seq_num 
_pdbx_nonpoly_scheme.pdb_mon_id 
_pdbx_nonpoly_scheme.auth_mon_id 
_pdbx_nonpoly_scheme.pdb_strand_id 
_pdbx_nonpoly_scheme.pdb_ins_code 
B 2 NO3 1  201 1  NO3 NO3 A . 
C 2 NO3 1  202 2  NO3 NO3 A . 
D 3 EB5 1  203 1  EB5 EB5 A . 
E 4 GOL 1  204 1  GOL GOL A . 
F 5 EDO 1  205 1  EDO EDO A . 
G 6 DMS 1  206 1  DMS DMS A . 
H 6 DMS 1  207 2  DMS DMS A . 
I 7 HOH 1  301 53 HOH HOH A . 
I 7 HOH 2  302 18 HOH HOH A . 
I 7 HOH 3  303 46 HOH HOH A . 
I 7 HOH 4  304 6  HOH HOH A . 
I 7 HOH 5  305 50 HOH HOH A . 
I 7 HOH 6  306 2  HOH HOH A . 
I 7 HOH 7  307 4  HOH HOH A . 
I 7 HOH 8  308 15 HOH HOH A . 
I 7 HOH 9  309 21 HOH HOH A . 
I 7 HOH 10 310 61 HOH HOH A . 
I 7 HOH 11 311 39 HOH HOH A . 
I 7 HOH 12 312 5  HOH HOH A . 
I 7 HOH 13 313 10 HOH HOH A . 
I 7 HOH 14 314 25 HOH HOH A . 
I 7 HOH 15 315 70 HOH HOH A . 
I 7 HOH 16 316 7  HOH HOH A . 
I 7 HOH 17 317 26 HOH HOH A . 
I 7 HOH 18 318 30 HOH HOH A . 
I 7 HOH 19 319 57 HOH HOH A . 
I 7 HOH 20 320 22 HOH HOH A . 
I 7 HOH 21 321 43 HOH HOH A . 
I 7 HOH 22 322 35 HOH HOH A . 
I 7 HOH 23 323 44 HOH HOH A . 
I 7 HOH 24 324 32 HOH HOH A . 
I 7 HOH 25 325 33 HOH HOH A . 
I 7 HOH 26 326 23 HOH HOH A . 
I 7 HOH 27 327 38 HOH HOH A . 
I 7 HOH 28 328 34 HOH HOH A . 
I 7 HOH 29 329 27 HOH HOH A . 
I 7 HOH 30 330 19 HOH HOH A . 
I 7 HOH 31 331 37 HOH HOH A . 
I 7 HOH 32 332 58 HOH HOH A . 
I 7 HOH 33 333 12 HOH HOH A . 
I 7 HOH 34 334 62 HOH HOH A . 
I 7 HOH 35 335 47 HOH HOH A . 
I 7 HOH 36 336 16 HOH HOH A . 
I 7 HOH 37 337 24 HOH HOH A . 
I 7 HOH 38 338 42 HOH HOH A . 
I 7 HOH 39 339 9  HOH HOH A . 
I 7 HOH 40 340 3  HOH HOH A . 
I 7 HOH 41 341 36 HOH HOH A . 
I 7 HOH 42 342 51 HOH HOH A . 
I 7 HOH 43 343 14 HOH HOH A . 
I 7 HOH 44 344 13 HOH HOH A . 
I 7 HOH 45 345 67 HOH HOH A . 
I 7 HOH 46 346 55 HOH HOH A . 
I 7 HOH 47 347 49 HOH HOH A . 
I 7 HOH 48 348 69 HOH HOH A . 
I 7 HOH 49 349 40 HOH HOH A . 
I 7 HOH 50 350 60 HOH HOH A . 
I 7 HOH 51 351 28 HOH HOH A . 
I 7 HOH 52 352 20 HOH HOH A . 
I 7 HOH 53 353 31 HOH HOH A . 
I 7 HOH 54 354 65 HOH HOH A . 
I 7 HOH 55 355 8  HOH HOH A . 
I 7 HOH 56 356 41 HOH HOH A . 
I 7 HOH 57 357 45 HOH HOH A . 
I 7 HOH 58 358 48 HOH HOH A . 
I 7 HOH 59 359 68 HOH HOH A . 
I 7 HOH 60 360 64 HOH HOH A . 
I 7 HOH 61 361 66 HOH HOH A . 
I 7 HOH 62 362 1  HOH HOH A . 
I 7 HOH 63 363 54 HOH HOH A . 
I 7 HOH 64 364 29 HOH HOH A . 
I 7 HOH 65 365 52 HOH HOH A . 
I 7 HOH 66 366 17 HOH HOH A . 
I 7 HOH 67 367 63 HOH HOH A . 
I 7 HOH 68 368 56 HOH HOH A . 
I 7 HOH 69 369 59 HOH HOH A . 
I 7 HOH 70 370 11 HOH HOH A . 
I 7 HOH 71 371 71 HOH HOH A . 
# 
loop_
_software.citation_id 
_software.classification 
_software.compiler_name 
_software.compiler_version 
_software.contact_author 
_software.contact_author_email 
_software.date 
_software.description 
_software.dependencies 
_software.hardware 
_software.language 
_software.location 
_software.mods 
_software.name 
_software.os 
_software.os_version 
_software.type 
_software.version 
_software.pdbx_ordinal 
? refinement        ? ? ? ? ? ? ? ? ? ? ? REFMAC      ? ? ? 5.8.0131 1 
? 'data scaling'    ? ? ? ? ? ? ? ? ? ? ? Aimless     ? ? ? 0.5.12   2 
? 'data extraction' ? ? ? ? ? ? ? ? ? ? ? PDB_EXTRACT ? ? ? 3.15     3 
? 'data reduction'  ? ? ? ? ? ? ? ? ? ? ? MOSFLM      ? ? ? .        4 
? phasing           ? ? ? ? ? ? ? ? ? ? ? MOLREP      ? ? ? .        5 
# 
_cell.entry_id           5CRM 
_cell.length_a           34.490 
_cell.length_b           47.310 
_cell.length_c           77.980 
_cell.angle_alpha        90.00 
_cell.angle_beta         90.00 
_cell.angle_gamma        90.00 
_cell.Z_PDB              4 
_cell.pdbx_unique_axis   ? 
# 
_symmetry.entry_id                         5CRM 
_symmetry.space_group_name_H-M             'P 21 21 21' 
_symmetry.pdbx_full_space_group_name_H-M   ? 
_symmetry.cell_setting                     ? 
_symmetry.Int_Tables_number                19 
# 
_exptl.absorpt_coefficient_mu     ? 
_exptl.absorpt_correction_T_max   ? 
_exptl.absorpt_correction_T_min   ? 
_exptl.absorpt_correction_type    ? 
_exptl.absorpt_process_details    ? 
_exptl.entry_id                   5CRM 
_exptl.crystals_number            1 
_exptl.details                    ? 
_exptl.method                     'X-RAY DIFFRACTION' 
_exptl.method_details             ? 
# 
_exptl_crystal.colour                      ? 
_exptl_crystal.density_diffrn              ? 
_exptl_crystal.density_Matthews            1.91 
_exptl_crystal.density_method              ? 
_exptl_crystal.density_percent_sol         35.56 
_exptl_crystal.description                 ? 
_exptl_crystal.F_000                       ? 
_exptl_crystal.id                          1 
_exptl_crystal.preparation                 ? 
_exptl_crystal.size_max                    ? 
_exptl_crystal.size_mid                    ? 
_exptl_crystal.size_min                    ? 
_exptl_crystal.size_rad                    ? 
_exptl_crystal.colour_lustre               ? 
_exptl_crystal.colour_modifier             ? 
_exptl_crystal.colour_primary              ? 
_exptl_crystal.density_meas                ? 
_exptl_crystal.density_meas_esd            ? 
_exptl_crystal.density_meas_gt             ? 
_exptl_crystal.density_meas_lt             ? 
_exptl_crystal.density_meas_temp           ? 
_exptl_crystal.density_meas_temp_esd       ? 
_exptl_crystal.density_meas_temp_gt        ? 
_exptl_crystal.density_meas_temp_lt        ? 
_exptl_crystal.pdbx_crystal_image_url      ? 
_exptl_crystal.pdbx_crystal_image_format   ? 
_exptl_crystal.pdbx_mosaicity              ? 
_exptl_crystal.pdbx_mosaicity_esd          ? 
# 
_exptl_crystal_grow.apparatus       ? 
_exptl_crystal_grow.atmosphere      ? 
_exptl_crystal_grow.crystal_id      1 
_exptl_crystal_grow.details         ? 
_exptl_crystal_grow.method          'VAPOR DIFFUSION, SITTING DROP' 
_exptl_crystal_grow.method_ref      ? 
_exptl_crystal_grow.pH              6.5 
_exptl_crystal_grow.pressure        ? 
_exptl_crystal_grow.pressure_esd    ? 
_exptl_crystal_grow.seeding         ? 
_exptl_crystal_grow.seeding_ref     ? 
_exptl_crystal_grow.temp            277 
_exptl_crystal_grow.temp_details    ? 
_exptl_crystal_grow.temp_esd        ? 
_exptl_crystal_grow.time            ? 
_exptl_crystal_grow.pdbx_details    
;20% PEG3350, 0.2M NaNO3, 0.1M HEPES, 10% EtGhly, 
PH 6.5
;
_exptl_crystal_grow.pdbx_pH_range   ? 
# 
_diffrn.ambient_environment    ? 
_diffrn.ambient_temp           100 
_diffrn.ambient_temp_details   ? 
_diffrn.ambient_temp_esd       ? 
_diffrn.crystal_id             1 
_diffrn.crystal_support        ? 
_diffrn.crystal_treatment      ? 
_diffrn.details                ? 
_diffrn.id                     1 
_diffrn.ambient_pressure       ? 
_diffrn.ambient_pressure_esd   ? 
_diffrn.ambient_pressure_gt    ? 
_diffrn.ambient_pressure_lt    ? 
_diffrn.ambient_temp_gt        ? 
_diffrn.ambient_temp_lt        ? 
# 
_diffrn_detector.details                      ? 
_diffrn_detector.detector                     CCD 
_diffrn_detector.diffrn_id                    1 
_diffrn_detector.type                         'ADSC QUANTUM 315' 
_diffrn_detector.area_resol_mean              ? 
_diffrn_detector.dtime                        ? 
_diffrn_detector.pdbx_frames_total            ? 
_diffrn_detector.pdbx_collection_time_total   ? 
_diffrn_detector.pdbx_collection_date         2015-04-10 
# 
_diffrn_radiation.collimation                      ? 
_diffrn_radiation.diffrn_id                        1 
_diffrn_radiation.filter_edge                      ? 
_diffrn_radiation.inhomogeneity                    ? 
_diffrn_radiation.monochromator                    ? 
_diffrn_radiation.polarisn_norm                    ? 
_diffrn_radiation.polarisn_ratio                   ? 
_diffrn_radiation.probe                            ? 
_diffrn_radiation.type                             ? 
_diffrn_radiation.xray_symbol                      ? 
_diffrn_radiation.wavelength_id                    1 
_diffrn_radiation.pdbx_monochromatic_or_laue_m_l   M 
_diffrn_radiation.pdbx_wavelength_list             ? 
_diffrn_radiation.pdbx_wavelength                  ? 
_diffrn_radiation.pdbx_diffrn_protocol             'SINGLE WAVELENGTH' 
_diffrn_radiation.pdbx_analyzer                    ? 
_diffrn_radiation.pdbx_scattering_type             x-ray 
# 
_diffrn_radiation_wavelength.id           1 
_diffrn_radiation_wavelength.wavelength   0.97923 
_diffrn_radiation_wavelength.wt           1.0 
# 
_diffrn_source.current                     ? 
_diffrn_source.details                     ? 
_diffrn_source.diffrn_id                   1 
_diffrn_source.power                       ? 
_diffrn_source.size                        ? 
_diffrn_source.source                      SYNCHROTRON 
_diffrn_source.target                      ? 
_diffrn_source.type                        'SSRF BEAMLINE BL17U' 
_diffrn_source.voltage                     ? 
_diffrn_source.take-off_angle              ? 
_diffrn_source.pdbx_wavelength_list        0.97923 
_diffrn_source.pdbx_wavelength             ? 
_diffrn_source.pdbx_synchrotron_beamline   BL17U 
_diffrn_source.pdbx_synchrotron_site       SSRF 
# 
_reflns.B_iso_Wilson_estimate            ? 
_reflns.entry_id                         5CRM 
_reflns.data_reduction_details           ? 
_reflns.data_reduction_method            ? 
_reflns.d_resolution_high                1.990 
_reflns.d_resolution_low                 47.310 
_reflns.details                          ? 
_reflns.limit_h_max                      ? 
_reflns.limit_h_min                      ? 
_reflns.limit_k_max                      ? 
_reflns.limit_k_min                      ? 
_reflns.limit_l_max                      ? 
_reflns.limit_l_min                      ? 
_reflns.number_all                       ? 
_reflns.number_obs                       8601 
_reflns.observed_criterion               ? 
_reflns.observed_criterion_F_max         ? 
_reflns.observed_criterion_F_min         ? 
_reflns.observed_criterion_I_max         ? 
_reflns.observed_criterion_I_min         ? 
_reflns.observed_criterion_sigma_F       ? 
_reflns.observed_criterion_sigma_I       ? 
_reflns.percent_possible_obs             92.900 
_reflns.R_free_details                   ? 
_reflns.Rmerge_F_all                     ? 
_reflns.Rmerge_F_obs                     ? 
_reflns.Friedel_coverage                 ? 
_reflns.number_gt                        ? 
_reflns.threshold_expression             ? 
_reflns.pdbx_redundancy                  5.900 
_reflns.pdbx_Rmerge_I_obs                0.048 
_reflns.pdbx_Rmerge_I_all                ? 
_reflns.pdbx_Rsym_value                  ? 
_reflns.pdbx_netI_over_av_sigmaI         ? 
_reflns.pdbx_netI_over_sigmaI            24.500 
_reflns.pdbx_res_netI_over_av_sigmaI_2   ? 
_reflns.pdbx_res_netI_over_sigmaI_2      ? 
_reflns.pdbx_chi_squared                 ? 
_reflns.pdbx_scaling_rejects             132 
_reflns.pdbx_d_res_high_opt              ? 
_reflns.pdbx_d_res_low_opt               ? 
_reflns.pdbx_d_res_opt_method            ? 
_reflns.phase_calculation_details        ? 
_reflns.pdbx_Rrim_I_all                  ? 
_reflns.pdbx_Rpim_I_all                  0.022 
_reflns.pdbx_d_opt                       ? 
_reflns.pdbx_number_measured_all         50862 
_reflns.pdbx_diffrn_id                   1 
_reflns.pdbx_ordinal                     1 
_reflns.pdbx_CC_half                     0.999 
_reflns.pdbx_R_split                     ? 
# 
loop_
_reflns_shell.d_res_high 
_reflns_shell.d_res_low 
_reflns_shell.meanI_over_sigI_all 
_reflns_shell.meanI_over_sigI_obs 
_reflns_shell.number_measured_all 
_reflns_shell.number_measured_obs 
_reflns_shell.number_possible 
_reflns_shell.number_unique_all 
_reflns_shell.number_unique_obs 
_reflns_shell.percent_possible_all 
_reflns_shell.percent_possible_obs 
_reflns_shell.Rmerge_F_all 
_reflns_shell.Rmerge_F_obs 
_reflns_shell.Rmerge_I_all 
_reflns_shell.Rmerge_I_obs 
_reflns_shell.meanI_over_sigI_gt 
_reflns_shell.meanI_over_uI_all 
_reflns_shell.meanI_over_uI_gt 
_reflns_shell.number_measured_gt 
_reflns_shell.number_unique_gt 
_reflns_shell.percent_possible_gt 
_reflns_shell.Rmerge_F_gt 
_reflns_shell.Rmerge_I_gt 
_reflns_shell.pdbx_redundancy 
_reflns_shell.pdbx_Rsym_value 
_reflns_shell.pdbx_chi_squared 
_reflns_shell.pdbx_netI_over_sigmaI_all 
_reflns_shell.pdbx_netI_over_sigmaI_obs 
_reflns_shell.pdbx_Rrim_I_all 
_reflns_shell.pdbx_Rpim_I_all 
_reflns_shell.pdbx_rejects 
_reflns_shell.pdbx_ordinal 
_reflns_shell.pdbx_diffrn_id 
_reflns_shell.pdbx_CC_half 
_reflns_shell.pdbx_R_split 
1.990 2.040  ? 12.600 3772 ? ? 633 ? 99.300 ? ? ? ? 0.100 ? ? ? ? ? ? ? ? 6.000 ? ? ? ? ? 0.044 0 1 1 0.994 ? 
9.120 47.310 ? 31.300 590  ? ? 123 ? 94.800 ? ? ? ? 0.032 ? ? ? ? ? ? ? ? 4.800 ? ? ? ? ? 0.015 0 2 1 0.999 ? 
# 
_refine.pdbx_refine_id                           'X-RAY DIFFRACTION' 
_refine.entry_id                                 5CRM 
_refine.pdbx_diffrn_id                           1 
_refine.pdbx_TLS_residual_ADP_flag               ? 
_refine.ls_number_reflns_obs                     8128 
_refine.ls_number_reflns_all                     ? 
_refine.pdbx_ls_sigma_I                          ? 
_refine.pdbx_ls_sigma_F                          ? 
_refine.pdbx_data_cutoff_high_absF               ? 
_refine.pdbx_data_cutoff_low_absF                ? 
_refine.pdbx_data_cutoff_high_rms_absF           ? 
_refine.ls_d_res_low                             40.45 
_refine.ls_d_res_high                            1.99 
_refine.ls_percent_reflns_obs                    92.84 
_refine.ls_R_factor_obs                          0.16695 
_refine.ls_R_factor_all                          ? 
_refine.ls_R_factor_R_work                       0.16508 
_refine.ls_R_factor_R_free                       0.20084 
_refine.ls_R_factor_R_free_error                 ? 
_refine.ls_R_factor_R_free_error_details         ? 
_refine.ls_percent_reflns_R_free                 5.1 
_refine.ls_number_reflns_R_free                  437 
_refine.ls_number_parameters                     ? 
_refine.ls_number_restraints                     ? 
_refine.occupancy_min                            ? 
_refine.occupancy_max                            ? 
_refine.correlation_coeff_Fo_to_Fc               0.952 
_refine.correlation_coeff_Fo_to_Fc_free          0.938 
_refine.B_iso_mean                               20.137 
_refine.aniso_B[1][1]                            3.22 
_refine.aniso_B[2][2]                            -1.65 
_refine.aniso_B[3][3]                            -1.57 
_refine.aniso_B[1][2]                            0.00 
_refine.aniso_B[1][3]                            -0.00 
_refine.aniso_B[2][3]                            0.00 
_refine.solvent_model_details                    MASK 
_refine.solvent_model_param_ksol                 ? 
_refine.solvent_model_param_bsol                 ? 
_refine.pdbx_solvent_vdw_probe_radii             1.20 
_refine.pdbx_solvent_ion_probe_radii             0.80 
_refine.pdbx_solvent_shrinkage_radii             0.80 
_refine.pdbx_ls_cross_valid_method               THROUGHOUT 
_refine.details                                  'HYDROGENS HAVE BEEN ADDED IN THE RIDING POSITIONS' 
_refine.pdbx_starting_model                      ? 
_refine.pdbx_method_to_determine_struct          'MOLECULAR REPLACEMENT' 
_refine.pdbx_isotropic_thermal_model             ? 
_refine.pdbx_stereochemistry_target_values       'MAXIMUM LIKELIHOOD' 
_refine.pdbx_stereochem_target_val_spec_case     ? 
_refine.pdbx_R_Free_selection_details            RANDOM 
_refine.pdbx_overall_ESU_R                       0.213 
_refine.pdbx_overall_ESU_R_Free                  0.162 
_refine.overall_SU_ML                            0.094 
_refine.pdbx_overall_phase_error                 ? 
_refine.overall_SU_B                             3.305 
_refine.overall_SU_R_Cruickshank_DPI             ? 
_refine.pdbx_overall_SU_R_free_Cruickshank_DPI   ? 
_refine.pdbx_overall_SU_R_Blow_DPI               ? 
_refine.pdbx_overall_SU_R_free_Blow_DPI          ? 
# 
_refine_hist.pdbx_refine_id                   'X-RAY DIFFRACTION' 
_refine_hist.cycle_id                         LAST 
_refine_hist.pdbx_number_atoms_protein        1115 
_refine_hist.pdbx_number_atoms_nucleic_acid   0 
_refine_hist.pdbx_number_atoms_ligand         47 
_refine_hist.number_atoms_solvent             71 
_refine_hist.number_atoms_total               1233 
_refine_hist.d_res_high                       1.99 
_refine_hist.d_res_low                        40.45 
# 
loop_
_refine_ls_restr.type 
_refine_ls_restr.dev_ideal 
_refine_ls_restr.dev_ideal_target 
_refine_ls_restr.weight 
_refine_ls_restr.number 
_refine_ls_restr.pdbx_refine_id 
_refine_ls_restr.pdbx_restraint_function 
r_bond_refined_d             0.011  0.020  ? 1194 'X-RAY DIFFRACTION' ? 
r_bond_other_d               0.004  0.020  ? 1136 'X-RAY DIFFRACTION' ? 
r_angle_refined_deg          1.486  1.986  ? 1620 'X-RAY DIFFRACTION' ? 
r_angle_other_deg            1.012  3.004  ? 2616 'X-RAY DIFFRACTION' ? 
r_dihedral_angle_1_deg       5.946  5.000  ? 132  'X-RAY DIFFRACTION' ? 
r_dihedral_angle_2_deg       34.546 25.000 ? 58   'X-RAY DIFFRACTION' ? 
r_dihedral_angle_3_deg       13.224 15.000 ? 200  'X-RAY DIFFRACTION' ? 
r_dihedral_angle_4_deg       14.996 15.000 ? 4    'X-RAY DIFFRACTION' ? 
r_chiral_restr               0.082  0.200  ? 168  'X-RAY DIFFRACTION' ? 
r_gen_planes_refined         0.007  0.021  ? 1311 'X-RAY DIFFRACTION' ? 
r_gen_planes_other           0.002  0.020  ? 277  'X-RAY DIFFRACTION' ? 
r_nbd_refined                ?      ?      ? ?    'X-RAY DIFFRACTION' ? 
r_nbd_other                  ?      ?      ? ?    'X-RAY DIFFRACTION' ? 
r_nbtor_refined              ?      ?      ? ?    'X-RAY DIFFRACTION' ? 
r_nbtor_other                ?      ?      ? ?    'X-RAY DIFFRACTION' ? 
r_xyhbond_nbd_refined        ?      ?      ? ?    'X-RAY DIFFRACTION' ? 
r_xyhbond_nbd_other          ?      ?      ? ?    'X-RAY DIFFRACTION' ? 
r_metal_ion_refined          ?      ?      ? ?    'X-RAY DIFFRACTION' ? 
r_metal_ion_other            ?      ?      ? ?    'X-RAY DIFFRACTION' ? 
r_symmetry_vdw_refined       ?      ?      ? ?    'X-RAY DIFFRACTION' ? 
r_symmetry_vdw_other         ?      ?      ? ?    'X-RAY DIFFRACTION' ? 
r_symmetry_hbond_refined     ?      ?      ? ?    'X-RAY DIFFRACTION' ? 
r_symmetry_hbond_other       ?      ?      ? ?    'X-RAY DIFFRACTION' ? 
r_symmetry_metal_ion_refined ?      ?      ? ?    'X-RAY DIFFRACTION' ? 
r_symmetry_metal_ion_other   ?      ?      ? ?    'X-RAY DIFFRACTION' ? 
r_mcbond_it                  1.115  1.759  ? 531  'X-RAY DIFFRACTION' ? 
r_mcbond_other               1.116  1.758  ? 530  'X-RAY DIFFRACTION' ? 
r_mcangle_it                 1.789  2.627  ? 662  'X-RAY DIFFRACTION' ? 
r_mcangle_other              1.787  2.628  ? 663  'X-RAY DIFFRACTION' ? 
r_scbond_it                  1.744  2.081  ? 663  'X-RAY DIFFRACTION' ? 
r_scbond_other               1.743  2.088  ? 664  'X-RAY DIFFRACTION' ? 
r_scangle_it                 ?      ?      ? ?    'X-RAY DIFFRACTION' ? 
r_scangle_other              2.859  3.012  ? 959  'X-RAY DIFFRACTION' ? 
r_long_range_B_refined       4.642  14.765 ? 1421 'X-RAY DIFFRACTION' ? 
r_long_range_B_other         4.641  14.803 ? 1422 'X-RAY DIFFRACTION' ? 
r_rigid_bond_restr           ?      ?      ? ?    'X-RAY DIFFRACTION' ? 
r_sphericity_free            ?      ?      ? ?    'X-RAY DIFFRACTION' ? 
r_sphericity_bonded          ?      ?      ? ?    'X-RAY DIFFRACTION' ? 
# 
_refine_ls_shell.pdbx_refine_id                   'X-RAY DIFFRACTION' 
_refine_ls_shell.pdbx_total_number_of_bins_used   20 
_refine_ls_shell.d_res_high                       1.990 
_refine_ls_shell.d_res_low                        2.042 
_refine_ls_shell.number_reflns_R_work             624 
_refine_ls_shell.R_factor_R_work                  0.150 
_refine_ls_shell.percent_reflns_obs               98.80 
_refine_ls_shell.R_factor_R_free                  0.323 
_refine_ls_shell.R_factor_R_free_error            ? 
_refine_ls_shell.percent_reflns_R_free            ? 
_refine_ls_shell.number_reflns_R_free             33 
_refine_ls_shell.number_reflns_all                ? 
_refine_ls_shell.R_factor_all                     ? 
# 
_struct.entry_id                     5CRM 
_struct.title                        
'Crystal Structure of the first bromodomain of human BRD4 in complex with benzo[cd]indol-2(1H)-one ligand' 
_struct.pdbx_model_details           ? 
_struct.pdbx_formula_weight          ? 
_struct.pdbx_formula_weight_method   ? 
_struct.pdbx_model_type_details      ? 
_struct.pdbx_CASP_flag               ? 
# 
_struct_keywords.entry_id        5CRM 
_struct_keywords.text            'BRD4, Bromodomain, Four Alpha Helices, SIGNALING PROTEIN-INHIBITOR complex' 
_struct_keywords.pdbx_keywords   'SIGNALING PROTEIN/INHIBITOR' 
# 
loop_
_struct_asym.id 
_struct_asym.pdbx_blank_PDB_chainid_flag 
_struct_asym.pdbx_modified 
_struct_asym.entity_id 
_struct_asym.details 
A N N 1 ? 
B N N 2 ? 
C N N 2 ? 
D N N 3 ? 
E N N 4 ? 
F N N 5 ? 
G N N 6 ? 
H N N 6 ? 
I N N 7 ? 
# 
_struct_ref.db_code                    BRD4_HUMAN 
_struct_ref.db_name                    UNP 
_struct_ref.details                    ? 
_struct_ref.entity_id                  1 
_struct_ref.id                         1 
_struct_ref.seq_align                  ? 
_struct_ref.seq_dif                    ? 
_struct_ref.pdbx_db_accession          O60885 
_struct_ref.pdbx_db_isoform            ? 
_struct_ref.pdbx_seq_one_letter_code   
;NPPPPETSNPNKPKRQTNQLQYLLRVVLKTLWKHQFAWPFQQPVDAVKLNLPDYYKIIKTPMDMGTIKKRLENNYYWNAQ
ECIQDFNTMFTNCYIYNKPGDDIVLMAEALEKLFLQKINELPTEE
;
_struct_ref.pdbx_align_begin           44 
_struct_ref.pdbx_align_end             ? 
# 
_struct_ref_seq.align_id                      1 
_struct_ref_seq.ref_id                        1 
_struct_ref_seq.pdbx_PDB_id_code              5CRM 
_struct_ref_seq.pdbx_strand_id                A 
_struct_ref_seq.seq_align_beg                 17 
_struct_ref_seq.pdbx_seq_align_beg_ins_code   ? 
_struct_ref_seq.seq_align_end                 141 
_struct_ref_seq.pdbx_seq_align_end_ins_code   ? 
_struct_ref_seq.pdbx_db_accession             O60885 
_struct_ref_seq.db_align_beg                  44 
_struct_ref_seq.pdbx_db_align_beg_ins_code    ? 
_struct_ref_seq.db_align_end                  168 
_struct_ref_seq.pdbx_db_align_end_ins_code    ? 
_struct_ref_seq.pdbx_auth_seq_align_beg       44 
_struct_ref_seq.pdbx_auth_seq_align_end       168 
# 
loop_
_struct_ref_seq_dif.align_id 
_struct_ref_seq_dif.pdbx_pdb_id_code 
_struct_ref_seq_dif.mon_id 
_struct_ref_seq_dif.pdbx_pdb_strand_id 
_struct_ref_seq_dif.seq_num 
_struct_ref_seq_dif.pdbx_pdb_ins_code 
_struct_ref_seq_dif.pdbx_seq_db_name 
_struct_ref_seq_dif.pdbx_seq_db_accession_code 
_struct_ref_seq_dif.db_mon_id 
_struct_ref_seq_dif.pdbx_seq_db_seq_num 
_struct_ref_seq_dif.details 
_struct_ref_seq_dif.pdbx_auth_seq_num 
_struct_ref_seq_dif.pdbx_ordinal 
1 5CRM MET A 1  ? UNP O60885 ? ? 'initiating methionine' 28 1  
1 5CRM LYS A 2  ? UNP O60885 ? ? 'expression tag'        29 2  
1 5CRM LYS A 3  ? UNP O60885 ? ? 'expression tag'        30 3  
1 5CRM GLY A 4  ? UNP O60885 ? ? 'expression tag'        31 4  
1 5CRM HIS A 5  ? UNP O60885 ? ? 'expression tag'        32 5  
1 5CRM HIS A 6  ? UNP O60885 ? ? 'expression tag'        33 6  
1 5CRM HIS A 7  ? UNP O60885 ? ? 'expression tag'        34 7  
1 5CRM HIS A 8  ? UNP O60885 ? ? 'expression tag'        35 8  
1 5CRM HIS A 9  ? UNP O60885 ? ? 'expression tag'        36 9  
1 5CRM HIS A 10 ? UNP O60885 ? ? 'expression tag'        37 10 
1 5CRM LEU A 11 ? UNP O60885 ? ? 'expression tag'        38 11 
1 5CRM VAL A 12 ? UNP O60885 ? ? 'expression tag'        39 12 
1 5CRM PRO A 13 ? UNP O60885 ? ? 'expression tag'        40 13 
1 5CRM ARG A 14 ? UNP O60885 ? ? 'expression tag'        41 14 
1 5CRM GLY A 15 ? UNP O60885 ? ? 'expression tag'        42 15 
1 5CRM SER A 16 ? UNP O60885 ? ? 'expression tag'        43 16 
# 
_pdbx_struct_assembly.id                   1 
_pdbx_struct_assembly.details              author_defined_assembly 
_pdbx_struct_assembly.method_details       ? 
_pdbx_struct_assembly.oligomeric_details   monomeric 
_pdbx_struct_assembly.oligomeric_count     1 
# 
loop_
_pdbx_struct_assembly_prop.biol_id 
_pdbx_struct_assembly_prop.type 
_pdbx_struct_assembly_prop.value 
_pdbx_struct_assembly_prop.details 
1 'ABSA (A^2)' 1080 ? 
1 MORE         8    ? 
1 'SSA (A^2)'  8560 ? 
# 
_pdbx_struct_assembly_gen.assembly_id       1 
_pdbx_struct_assembly_gen.oper_expression   1 
_pdbx_struct_assembly_gen.asym_id_list      A,B,C,D,E,F,G,H,I 
# 
_pdbx_struct_oper_list.id                   1 
_pdbx_struct_oper_list.type                 'identity operation' 
_pdbx_struct_oper_list.name                 1_555 
_pdbx_struct_oper_list.symmetry_operation   x,y,z 
_pdbx_struct_oper_list.matrix[1][1]         1.0000000000 
_pdbx_struct_oper_list.matrix[1][2]         0.0000000000 
_pdbx_struct_oper_list.matrix[1][3]         0.0000000000 
_pdbx_struct_oper_list.vector[1]            0.0000000000 
_pdbx_struct_oper_list.matrix[2][1]         0.0000000000 
_pdbx_struct_oper_list.matrix[2][2]         1.0000000000 
_pdbx_struct_oper_list.matrix[2][3]         0.0000000000 
_pdbx_struct_oper_list.vector[2]            0.0000000000 
_pdbx_struct_oper_list.matrix[3][1]         0.0000000000 
_pdbx_struct_oper_list.matrix[3][2]         0.0000000000 
_pdbx_struct_oper_list.matrix[3][3]         1.0000000000 
_pdbx_struct_oper_list.vector[3]            0.0000000000 
# 
loop_
_struct_conf.conf_type_id 
_struct_conf.id 
_struct_conf.pdbx_PDB_helix_id 
_struct_conf.beg_label_comp_id 
_struct_conf.beg_label_asym_id 
_struct_conf.beg_label_seq_id 
_struct_conf.pdbx_beg_PDB_ins_code 
_struct_conf.end_label_comp_id 
_struct_conf.end_label_asym_id 
_struct_conf.end_label_seq_id 
_struct_conf.pdbx_end_PDB_ins_code 
_struct_conf.beg_auth_comp_id 
_struct_conf.beg_auth_asym_id 
_struct_conf.beg_auth_seq_id 
_struct_conf.end_auth_comp_id 
_struct_conf.end_auth_asym_id 
_struct_conf.end_auth_seq_id 
_struct_conf.pdbx_PDB_helix_class 
_struct_conf.details 
_struct_conf.pdbx_PDB_helix_length 
HELX_P HELX_P1 AA1 THR A 33  ? VAL A 42  ? THR A 60  VAL A 69  1 ? 10 
HELX_P HELX_P2 AA2 VAL A 42  ? HIS A 50  ? VAL A 69  HIS A 77  1 ? 9  
HELX_P HELX_P3 AA3 ALA A 53  ? GLN A 57  ? ALA A 80  GLN A 84  5 ? 5  
HELX_P HELX_P4 AA4 ASP A 69  ? ILE A 74  ? ASP A 96  ILE A 101 1 ? 6  
HELX_P HELX_P5 AA5 ASP A 79  ? ASN A 89  ? ASP A 106 ASN A 116 1 ? 11 
HELX_P HELX_P6 AA6 ASN A 94  ? ASN A 113 ? ASN A 121 ASN A 140 1 ? 20 
HELX_P HELX_P7 AA7 ASP A 117 ? ASN A 135 ? ASP A 144 ASN A 162 1 ? 19 
# 
_struct_conf_type.id          HELX_P 
_struct_conf_type.criteria    ? 
_struct_conf_type.reference   ? 
# 
_struct_mon_prot_cis.pdbx_id                1 
_struct_mon_prot_cis.label_comp_id          VAL 
_struct_mon_prot_cis.label_seq_id           12 
_struct_mon_prot_cis.label_asym_id          A 
_struct_mon_prot_cis.label_alt_id           . 
_struct_mon_prot_cis.pdbx_PDB_ins_code      ? 
_struct_mon_prot_cis.auth_comp_id           VAL 
_struct_mon_prot_cis.auth_seq_id            39 
_struct_mon_prot_cis.auth_asym_id           A 
_struct_mon_prot_cis.pdbx_label_comp_id_2   PRO 
_struct_mon_prot_cis.pdbx_label_seq_id_2    13 
_struct_mon_prot_cis.pdbx_label_asym_id_2   A 
_struct_mon_prot_cis.pdbx_PDB_ins_code_2    ? 
_struct_mon_prot_cis.pdbx_auth_comp_id_2    PRO 
_struct_mon_prot_cis.pdbx_auth_seq_id_2     40 
_struct_mon_prot_cis.pdbx_auth_asym_id_2    A 
_struct_mon_prot_cis.pdbx_PDB_model_num     1 
_struct_mon_prot_cis.pdbx_omega_angle       -6.54 
# 
loop_
_struct_site.id 
_struct_site.pdbx_evidence_code 
_struct_site.pdbx_auth_asym_id 
_struct_site.pdbx_auth_comp_id 
_struct_site.pdbx_auth_seq_id 
_struct_site.pdbx_auth_ins_code 
_struct_site.pdbx_num_residues 
_struct_site.details 
AC1 Software A NO3 201 ? 8  'binding site for residue NO3 A 201' 
AC2 Software A NO3 202 ? 9  'binding site for residue NO3 A 202' 
AC3 Software A EB5 203 ? 12 'binding site for residue EB5 A 203' 
AC4 Software A GOL 204 ? 7  'binding site for residue GOL A 204' 
AC5 Software A EDO 205 ? 5  'binding site for residue EDO A 205' 
AC6 Software A DMS 206 ? 3  'binding site for residue DMS A 206' 
AC7 Software A DMS 207 ? 2  'binding site for residue DMS A 207' 
# 
loop_
_struct_site_gen.id 
_struct_site_gen.site_id 
_struct_site_gen.pdbx_num_res 
_struct_site_gen.label_comp_id 
_struct_site_gen.label_asym_id 
_struct_site_gen.label_seq_id 
_struct_site_gen.pdbx_auth_ins_code 
_struct_site_gen.auth_comp_id 
_struct_site_gen.auth_asym_id 
_struct_site_gen.auth_seq_id 
_struct_site_gen.label_atom_id 
_struct_site_gen.label_alt_id 
_struct_site_gen.symmetry 
_struct_site_gen.details 
1  AC1 8  HIS A 8   ? HIS A 35  . ? 1_555 ? 
2  AC1 8  HIS A 9   ? HIS A 36  . ? 1_555 ? 
3  AC1 8  HIS A 10  ? HIS A 37  . ? 1_555 ? 
4  AC1 8  LEU A 11  ? LEU A 38  . ? 1_555 ? 
5  AC1 8  VAL A 12  ? VAL A 39  . ? 1_555 ? 
6  AC1 8  GLN A 96  ? GLN A 123 . ? 1_565 ? 
7  AC1 8  ILE A 99  ? ILE A 126 . ? 1_565 ? 
8  AC1 8  ASN A 103 ? ASN A 130 . ? 1_565 ? 
9  AC2 9  LYS A 28  ? LYS A 55  . ? 1_555 ? 
10 AC2 9  PRO A 29  ? PRO A 56  . ? 1_555 ? 
11 AC2 9  LYS A 30  ? LYS A 57  . ? 1_555 ? 
12 AC2 9  TYR A 71  ? TYR A 98  . ? 3_445 ? 
13 AC2 9  LYS A 72  ? LYS A 99  . ? 3_445 ? 
14 AC2 9  LYS A 75  ? LYS A 102 . ? 3_445 ? 
15 AC2 9  ASP A 118 ? ASP A 145 . ? 2_455 ? 
16 AC2 9  DMS H .   ? DMS A 207 . ? 1_555 ? 
17 AC2 9  HOH I .   ? HOH A 315 . ? 1_555 ? 
18 AC3 12 TRP A 54  ? TRP A 81  . ? 1_555 ? 
19 AC3 12 PRO A 55  ? PRO A 82  . ? 1_555 ? 
20 AC3 12 PHE A 56  ? PHE A 83  . ? 1_555 ? 
21 AC3 12 VAL A 60  ? VAL A 87  . ? 1_555 ? 
22 AC3 12 LEU A 65  ? LEU A 92  . ? 1_555 ? 
23 AC3 12 ASP A 69  ? ASP A 96  . ? 4_555 ? 
24 AC3 12 TYR A 70  ? TYR A 97  . ? 1_555 ? 
25 AC3 12 LYS A 72  ? LYS A 99  . ? 4_555 ? 
26 AC3 12 ASN A 113 ? ASN A 140 . ? 1_555 ? 
27 AC3 12 HOH I .   ? HOH A 314 . ? 1_555 ? 
28 AC3 12 HOH I .   ? HOH A 319 . ? 1_555 ? 
29 AC3 12 HOH I .   ? HOH A 348 . ? 1_555 ? 
30 AC4 7  PRO A 19  ? PRO A 46  . ? 1_555 ? 
31 AC4 7  PRO A 20  ? PRO A 47  . ? 1_555 ? 
32 AC4 7  ARG A 31  ? ARG A 58  . ? 3_455 ? 
33 AC4 7  PRO A 77  ? PRO A 104 . ? 1_555 ? 
34 AC4 7  TRP A 93  ? TRP A 120 . ? 3_455 ? 
35 AC4 7  ASN A 94  ? ASN A 121 . ? 3_455 ? 
36 AC4 7  HOH I .   ? HOH A 302 . ? 1_555 ? 
37 AC5 5  ILE A 73  ? ILE A 100 . ? 1_555 ? 
38 AC5 5  ILE A 74  ? ILE A 101 . ? 1_555 ? 
39 AC5 5  LYS A 75  ? LYS A 102 . ? 1_555 ? 
40 AC5 5  THR A 76  ? THR A 103 . ? 1_555 ? 
41 AC5 5  ASN A 108 ? ASN A 135 . ? 1_555 ? 
42 AC6 3  GLY A 81  ? GLY A 108 . ? 1_555 ? 
43 AC6 3  LYS A 85  ? LYS A 112 . ? 1_555 ? 
44 AC6 3  HOH I .   ? HOH A 329 . ? 1_555 ? 
45 AC7 2  GLN A 32  ? GLN A 59  . ? 1_555 ? 
46 AC7 2  NO3 C .   ? NO3 A 202 . ? 1_555 ? 
# 
_pdbx_validate_torsion.id              1 
_pdbx_validate_torsion.PDB_model_num   1 
_pdbx_validate_torsion.auth_comp_id    ASN 
_pdbx_validate_torsion.auth_asym_id    A 
_pdbx_validate_torsion.auth_seq_id     52 
_pdbx_validate_torsion.PDB_ins_code    ? 
_pdbx_validate_torsion.label_alt_id    ? 
_pdbx_validate_torsion.phi             -162.56 
_pdbx_validate_torsion.psi             96.70 
# 
loop_
_pdbx_unobs_or_zero_occ_residues.id 
_pdbx_unobs_or_zero_occ_residues.PDB_model_num 
_pdbx_unobs_or_zero_occ_residues.polymer_flag 
_pdbx_unobs_or_zero_occ_residues.occupancy_flag 
_pdbx_unobs_or_zero_occ_residues.auth_asym_id 
_pdbx_unobs_or_zero_occ_residues.auth_comp_id 
_pdbx_unobs_or_zero_occ_residues.auth_seq_id 
_pdbx_unobs_or_zero_occ_residues.PDB_ins_code 
_pdbx_unobs_or_zero_occ_residues.label_asym_id 
_pdbx_unobs_or_zero_occ_residues.label_comp_id 
_pdbx_unobs_or_zero_occ_residues.label_seq_id 
1 1 Y 1 A MET 28  ? A MET 1   
2 1 Y 1 A LYS 29  ? A LYS 2   
3 1 Y 1 A LYS 30  ? A LYS 3   
4 1 Y 1 A GLY 31  ? A GLY 4   
5 1 Y 1 A HIS 32  ? A HIS 5   
6 1 Y 1 A THR 166 ? A THR 139 
7 1 Y 1 A GLU 167 ? A GLU 140 
8 1 Y 1 A GLU 168 ? A GLU 141 
# 
loop_
_chem_comp_atom.comp_id 
_chem_comp_atom.atom_id 
_chem_comp_atom.type_symbol 
_chem_comp_atom.pdbx_aromatic_flag 
_chem_comp_atom.pdbx_stereo_config 
_chem_comp_atom.pdbx_ordinal 
ALA N    N N N 1   
ALA CA   C N S 2   
ALA C    C N N 3   
ALA O    O N N 4   
ALA CB   C N N 5   
ALA OXT  O N N 6   
ALA H    H N N 7   
ALA H2   H N N 8   
ALA HA   H N N 9   
ALA HB1  H N N 10  
ALA HB2  H N N 11  
ALA HB3  H N N 12  
ALA HXT  H N N 13  
ARG N    N N N 14  
ARG CA   C N S 15  
ARG C    C N N 16  
ARG O    O N N 17  
ARG CB   C N N 18  
ARG CG   C N N 19  
ARG CD   C N N 20  
ARG NE   N N N 21  
ARG CZ   C N N 22  
ARG NH1  N N N 23  
ARG NH2  N N N 24  
ARG OXT  O N N 25  
ARG H    H N N 26  
ARG H2   H N N 27  
ARG HA   H N N 28  
ARG HB2  H N N 29  
ARG HB3  H N N 30  
ARG HG2  H N N 31  
ARG HG3  H N N 32  
ARG HD2  H N N 33  
ARG HD3  H N N 34  
ARG HE   H N N 35  
ARG HH11 H N N 36  
ARG HH12 H N N 37  
ARG HH21 H N N 38  
ARG HH22 H N N 39  
ARG HXT  H N N 40  
ASN N    N N N 41  
ASN CA   C N S 42  
ASN C    C N N 43  
ASN O    O N N 44  
ASN CB   C N N 45  
ASN CG   C N N 46  
ASN OD1  O N N 47  
ASN ND2  N N N 48  
ASN OXT  O N N 49  
ASN H    H N N 50  
ASN H2   H N N 51  
ASN HA   H N N 52  
ASN HB2  H N N 53  
ASN HB3  H N N 54  
ASN HD21 H N N 55  
ASN HD22 H N N 56  
ASN HXT  H N N 57  
ASP N    N N N 58  
ASP CA   C N S 59  
ASP C    C N N 60  
ASP O    O N N 61  
ASP CB   C N N 62  
ASP CG   C N N 63  
ASP OD1  O N N 64  
ASP OD2  O N N 65  
ASP OXT  O N N 66  
ASP H    H N N 67  
ASP H2   H N N 68  
ASP HA   H N N 69  
ASP HB2  H N N 70  
ASP HB3  H N N 71  
ASP HD2  H N N 72  
ASP HXT  H N N 73  
CYS N    N N N 74  
CYS CA   C N R 75  
CYS C    C N N 76  
CYS O    O N N 77  
CYS CB   C N N 78  
CYS SG   S N N 79  
CYS OXT  O N N 80  
CYS H    H N N 81  
CYS H2   H N N 82  
CYS HA   H N N 83  
CYS HB2  H N N 84  
CYS HB3  H N N 85  
CYS HG   H N N 86  
CYS HXT  H N N 87  
DMS S    S N N 88  
DMS O    O N N 89  
DMS C1   C N N 90  
DMS C2   C N N 91  
DMS H11  H N N 92  
DMS H12  H N N 93  
DMS H13  H N N 94  
DMS H21  H N N 95  
DMS H22  H N N 96  
DMS H23  H N N 97  
EB5 CAU  C N N 98  
EB5 CAT  C N N 99  
EB5 NAS  N N N 100 
EB5 SAP  S N N 101 
EB5 OAQ  O N N 102 
EB5 OAR  O N N 103 
EB5 CAC  C Y N 104 
EB5 CAB  C Y N 105 
EB5 CAA  C Y N 106 
EB5 CAF  C Y N 107 
EB5 CAE  C Y N 108 
EB5 CAD  C Y N 109 
EB5 CAG  C Y N 110 
EB5 CAH  C Y N 111 
EB5 CAI  C Y N 112 
EB5 CAJ  C Y N 113 
EB5 CAL  C N N 114 
EB5 OAO  O N N 115 
EB5 NAK  N N N 116 
EB5 CAM  C N N 117 
EB5 CAN  C N N 118 
EB5 H1   H N N 119 
EB5 H2   H N N 120 
EB5 H3   H N N 121 
EB5 H4   H N N 122 
EB5 H5   H N N 123 
EB5 H6   H N N 124 
EB5 H7   H N N 125 
EB5 H8   H N N 126 
EB5 H9   H N N 127 
EB5 H10  H N N 128 
EB5 H11  H N N 129 
EB5 H12  H N N 130 
EB5 H13  H N N 131 
EB5 H14  H N N 132 
EB5 H15  H N N 133 
EB5 H16  H N N 134 
EDO C1   C N N 135 
EDO O1   O N N 136 
EDO C2   C N N 137 
EDO O2   O N N 138 
EDO H11  H N N 139 
EDO H12  H N N 140 
EDO HO1  H N N 141 
EDO H21  H N N 142 
EDO H22  H N N 143 
EDO HO2  H N N 144 
GLN N    N N N 145 
GLN CA   C N S 146 
GLN C    C N N 147 
GLN O    O N N 148 
GLN CB   C N N 149 
GLN CG   C N N 150 
GLN CD   C N N 151 
GLN OE1  O N N 152 
GLN NE2  N N N 153 
GLN OXT  O N N 154 
GLN H    H N N 155 
GLN H2   H N N 156 
GLN HA   H N N 157 
GLN HB2  H N N 158 
GLN HB3  H N N 159 
GLN HG2  H N N 160 
GLN HG3  H N N 161 
GLN HE21 H N N 162 
GLN HE22 H N N 163 
GLN HXT  H N N 164 
GLU N    N N N 165 
GLU CA   C N S 166 
GLU C    C N N 167 
GLU O    O N N 168 
GLU CB   C N N 169 
GLU CG   C N N 170 
GLU CD   C N N 171 
GLU OE1  O N N 172 
GLU OE2  O N N 173 
GLU OXT  O N N 174 
GLU H    H N N 175 
GLU H2   H N N 176 
GLU HA   H N N 177 
GLU HB2  H N N 178 
GLU HB3  H N N 179 
GLU HG2  H N N 180 
GLU HG3  H N N 181 
GLU HE2  H N N 182 
GLU HXT  H N N 183 
GLY N    N N N 184 
GLY CA   C N N 185 
GLY C    C N N 186 
GLY O    O N N 187 
GLY OXT  O N N 188 
GLY H    H N N 189 
GLY H2   H N N 190 
GLY HA2  H N N 191 
GLY HA3  H N N 192 
GLY HXT  H N N 193 
GOL C1   C N N 194 
GOL O1   O N N 195 
GOL C2   C N N 196 
GOL O2   O N N 197 
GOL C3   C N N 198 
GOL O3   O N N 199 
GOL H11  H N N 200 
GOL H12  H N N 201 
GOL HO1  H N N 202 
GOL H2   H N N 203 
GOL HO2  H N N 204 
GOL H31  H N N 205 
GOL H32  H N N 206 
GOL HO3  H N N 207 
HIS N    N N N 208 
HIS CA   C N S 209 
HIS C    C N N 210 
HIS O    O N N 211 
HIS CB   C N N 212 
HIS CG   C Y N 213 
HIS ND1  N Y N 214 
HIS CD2  C Y N 215 
HIS CE1  C Y N 216 
HIS NE2  N Y N 217 
HIS OXT  O N N 218 
HIS H    H N N 219 
HIS H2   H N N 220 
HIS HA   H N N 221 
HIS HB2  H N N 222 
HIS HB3  H N N 223 
HIS HD1  H N N 224 
HIS HD2  H N N 225 
HIS HE1  H N N 226 
HIS HE2  H N N 227 
HIS HXT  H N N 228 
HOH O    O N N 229 
HOH H1   H N N 230 
HOH H2   H N N 231 
ILE N    N N N 232 
ILE CA   C N S 233 
ILE C    C N N 234 
ILE O    O N N 235 
ILE CB   C N S 236 
ILE CG1  C N N 237 
ILE CG2  C N N 238 
ILE CD1  C N N 239 
ILE OXT  O N N 240 
ILE H    H N N 241 
ILE H2   H N N 242 
ILE HA   H N N 243 
ILE HB   H N N 244 
ILE HG12 H N N 245 
ILE HG13 H N N 246 
ILE HG21 H N N 247 
ILE HG22 H N N 248 
ILE HG23 H N N 249 
ILE HD11 H N N 250 
ILE HD12 H N N 251 
ILE HD13 H N N 252 
ILE HXT  H N N 253 
LEU N    N N N 254 
LEU CA   C N S 255 
LEU C    C N N 256 
LEU O    O N N 257 
LEU CB   C N N 258 
LEU CG   C N N 259 
LEU CD1  C N N 260 
LEU CD2  C N N 261 
LEU OXT  O N N 262 
LEU H    H N N 263 
LEU H2   H N N 264 
LEU HA   H N N 265 
LEU HB2  H N N 266 
LEU HB3  H N N 267 
LEU HG   H N N 268 
LEU HD11 H N N 269 
LEU HD12 H N N 270 
LEU HD13 H N N 271 
LEU HD21 H N N 272 
LEU HD22 H N N 273 
LEU HD23 H N N 274 
LEU HXT  H N N 275 
LYS N    N N N 276 
LYS CA   C N S 277 
LYS C    C N N 278 
LYS O    O N N 279 
LYS CB   C N N 280 
LYS CG   C N N 281 
LYS CD   C N N 282 
LYS CE   C N N 283 
LYS NZ   N N N 284 
LYS OXT  O N N 285 
LYS H    H N N 286 
LYS H2   H N N 287 
LYS HA   H N N 288 
LYS HB2  H N N 289 
LYS HB3  H N N 290 
LYS HG2  H N N 291 
LYS HG3  H N N 292 
LYS HD2  H N N 293 
LYS HD3  H N N 294 
LYS HE2  H N N 295 
LYS HE3  H N N 296 
LYS HZ1  H N N 297 
LYS HZ2  H N N 298 
LYS HZ3  H N N 299 
LYS HXT  H N N 300 
MET N    N N N 301 
MET CA   C N S 302 
MET C    C N N 303 
MET O    O N N 304 
MET CB   C N N 305 
MET CG   C N N 306 
MET SD   S N N 307 
MET CE   C N N 308 
MET OXT  O N N 309 
MET H    H N N 310 
MET H2   H N N 311 
MET HA   H N N 312 
MET HB2  H N N 313 
MET HB3  H N N 314 
MET HG2  H N N 315 
MET HG3  H N N 316 
MET HE1  H N N 317 
MET HE2  H N N 318 
MET HE3  H N N 319 
MET HXT  H N N 320 
NO3 N    N N N 321 
NO3 O1   O N N 322 
NO3 O2   O N N 323 
NO3 O3   O N N 324 
PHE N    N N N 325 
PHE CA   C N S 326 
PHE C    C N N 327 
PHE O    O N N 328 
PHE CB   C N N 329 
PHE CG   C Y N 330 
PHE CD1  C Y N 331 
PHE CD2  C Y N 332 
PHE CE1  C Y N 333 
PHE CE2  C Y N 334 
PHE CZ   C Y N 335 
PHE OXT  O N N 336 
PHE H    H N N 337 
PHE H2   H N N 338 
PHE HA   H N N 339 
PHE HB2  H N N 340 
PHE HB3  H N N 341 
PHE HD1  H N N 342 
PHE HD2  H N N 343 
PHE HE1  H N N 344 
PHE HE2  H N N 345 
PHE HZ   H N N 346 
PHE HXT  H N N 347 
PRO N    N N N 348 
PRO CA   C N S 349 
PRO C    C N N 350 
PRO O    O N N 351 
PRO CB   C N N 352 
PRO CG   C N N 353 
PRO CD   C N N 354 
PRO OXT  O N N 355 
PRO H    H N N 356 
PRO HA   H N N 357 
PRO HB2  H N N 358 
PRO HB3  H N N 359 
PRO HG2  H N N 360 
PRO HG3  H N N 361 
PRO HD2  H N N 362 
PRO HD3  H N N 363 
PRO HXT  H N N 364 
SER N    N N N 365 
SER CA   C N S 366 
SER C    C N N 367 
SER O    O N N 368 
SER CB   C N N 369 
SER OG   O N N 370 
SER OXT  O N N 371 
SER H    H N N 372 
SER H2   H N N 373 
SER HA   H N N 374 
SER HB2  H N N 375 
SER HB3  H N N 376 
SER HG   H N N 377 
SER HXT  H N N 378 
THR N    N N N 379 
THR CA   C N S 380 
THR C    C N N 381 
THR O    O N N 382 
THR CB   C N R 383 
THR OG1  O N N 384 
THR CG2  C N N 385 
THR OXT  O N N 386 
THR H    H N N 387 
THR H2   H N N 388 
THR HA   H N N 389 
THR HB   H N N 390 
THR HG1  H N N 391 
THR HG21 H N N 392 
THR HG22 H N N 393 
THR HG23 H N N 394 
THR HXT  H N N 395 
TRP N    N N N 396 
TRP CA   C N S 397 
TRP C    C N N 398 
TRP O    O N N 399 
TRP CB   C N N 400 
TRP CG   C Y N 401 
TRP CD1  C Y N 402 
TRP CD2  C Y N 403 
TRP NE1  N Y N 404 
TRP CE2  C Y N 405 
TRP CE3  C Y N 406 
TRP CZ2  C Y N 407 
TRP CZ3  C Y N 408 
TRP CH2  C Y N 409 
TRP OXT  O N N 410 
TRP H    H N N 411 
TRP H2   H N N 412 
TRP HA   H N N 413 
TRP HB2  H N N 414 
TRP HB3  H N N 415 
TRP HD1  H N N 416 
TRP HE1  H N N 417 
TRP HE3  H N N 418 
TRP HZ2  H N N 419 
TRP HZ3  H N N 420 
TRP HH2  H N N 421 
TRP HXT  H N N 422 
TYR N    N N N 423 
TYR CA   C N S 424 
TYR C    C N N 425 
TYR O    O N N 426 
TYR CB   C N N 427 
TYR CG   C Y N 428 
TYR CD1  C Y N 429 
TYR CD2  C Y N 430 
TYR CE1  C Y N 431 
TYR CE2  C Y N 432 
TYR CZ   C Y N 433 
TYR OH   O N N 434 
TYR OXT  O N N 435 
TYR H    H N N 436 
TYR H2   H N N 437 
TYR HA   H N N 438 
TYR HB2  H N N 439 
TYR HB3  H N N 440 
TYR HD1  H N N 441 
TYR HD2  H N N 442 
TYR HE1  H N N 443 
TYR HE2  H N N 444 
TYR HH   H N N 445 
TYR HXT  H N N 446 
VAL N    N N N 447 
VAL CA   C N S 448 
VAL C    C N N 449 
VAL O    O N N 450 
VAL CB   C N N 451 
VAL CG1  C N N 452 
VAL CG2  C N N 453 
VAL OXT  O N N 454 
VAL H    H N N 455 
VAL H2   H N N 456 
VAL HA   H N N 457 
VAL HB   H N N 458 
VAL HG11 H N N 459 
VAL HG12 H N N 460 
VAL HG13 H N N 461 
VAL HG21 H N N 462 
VAL HG22 H N N 463 
VAL HG23 H N N 464 
VAL HXT  H N N 465 
# 
loop_
_chem_comp_bond.comp_id 
_chem_comp_bond.atom_id_1 
_chem_comp_bond.atom_id_2 
_chem_comp_bond.value_order 
_chem_comp_bond.pdbx_aromatic_flag 
_chem_comp_bond.pdbx_stereo_config 
_chem_comp_bond.pdbx_ordinal 
ALA N   CA   sing N N 1   
ALA N   H    sing N N 2   
ALA N   H2   sing N N 3   
ALA CA  C    sing N N 4   
ALA CA  CB   sing N N 5   
ALA CA  HA   sing N N 6   
ALA C   O    doub N N 7   
ALA C   OXT  sing N N 8   
ALA CB  HB1  sing N N 9   
ALA CB  HB2  sing N N 10  
ALA CB  HB3  sing N N 11  
ALA OXT HXT  sing N N 12  
ARG N   CA   sing N N 13  
ARG N   H    sing N N 14  
ARG N   H2   sing N N 15  
ARG CA  C    sing N N 16  
ARG CA  CB   sing N N 17  
ARG CA  HA   sing N N 18  
ARG C   O    doub N N 19  
ARG C   OXT  sing N N 20  
ARG CB  CG   sing N N 21  
ARG CB  HB2  sing N N 22  
ARG CB  HB3  sing N N 23  
ARG CG  CD   sing N N 24  
ARG CG  HG2  sing N N 25  
ARG CG  HG3  sing N N 26  
ARG CD  NE   sing N N 27  
ARG CD  HD2  sing N N 28  
ARG CD  HD3  sing N N 29  
ARG NE  CZ   sing N N 30  
ARG NE  HE   sing N N 31  
ARG CZ  NH1  sing N N 32  
ARG CZ  NH2  doub N N 33  
ARG NH1 HH11 sing N N 34  
ARG NH1 HH12 sing N N 35  
ARG NH2 HH21 sing N N 36  
ARG NH2 HH22 sing N N 37  
ARG OXT HXT  sing N N 38  
ASN N   CA   sing N N 39  
ASN N   H    sing N N 40  
ASN N   H2   sing N N 41  
ASN CA  C    sing N N 42  
ASN CA  CB   sing N N 43  
ASN CA  HA   sing N N 44  
ASN C   O    doub N N 45  
ASN C   OXT  sing N N 46  
ASN CB  CG   sing N N 47  
ASN CB  HB2  sing N N 48  
ASN CB  HB3  sing N N 49  
ASN CG  OD1  doub N N 50  
ASN CG  ND2  sing N N 51  
ASN ND2 HD21 sing N N 52  
ASN ND2 HD22 sing N N 53  
ASN OXT HXT  sing N N 54  
ASP N   CA   sing N N 55  
ASP N   H    sing N N 56  
ASP N   H2   sing N N 57  
ASP CA  C    sing N N 58  
ASP CA  CB   sing N N 59  
ASP CA  HA   sing N N 60  
ASP C   O    doub N N 61  
ASP C   OXT  sing N N 62  
ASP CB  CG   sing N N 63  
ASP CB  HB2  sing N N 64  
ASP CB  HB3  sing N N 65  
ASP CG  OD1  doub N N 66  
ASP CG  OD2  sing N N 67  
ASP OD2 HD2  sing N N 68  
ASP OXT HXT  sing N N 69  
CYS N   CA   sing N N 70  
CYS N   H    sing N N 71  
CYS N   H2   sing N N 72  
CYS CA  C    sing N N 73  
CYS CA  CB   sing N N 74  
CYS CA  HA   sing N N 75  
CYS C   O    doub N N 76  
CYS C   OXT  sing N N 77  
CYS CB  SG   sing N N 78  
CYS CB  HB2  sing N N 79  
CYS CB  HB3  sing N N 80  
CYS SG  HG   sing N N 81  
CYS OXT HXT  sing N N 82  
DMS S   O    doub N N 83  
DMS S   C1   sing N N 84  
DMS S   C2   sing N N 85  
DMS C1  H11  sing N N 86  
DMS C1  H12  sing N N 87  
DMS C1  H13  sing N N 88  
DMS C2  H21  sing N N 89  
DMS C2  H22  sing N N 90  
DMS C2  H23  sing N N 91  
EB5 CAU CAT  sing N N 92  
EB5 NAS CAT  sing N N 93  
EB5 NAS SAP  sing N N 94  
EB5 OAR SAP  doub N N 95  
EB5 CAH CAG  doub Y N 96  
EB5 CAH CAI  sing Y N 97  
EB5 CAG CAD  sing Y N 98  
EB5 SAP OAQ  doub N N 99  
EB5 SAP CAC  sing N N 100 
EB5 CAI CAJ  doub Y N 101 
EB5 CAD CAC  doub Y N 102 
EB5 CAD CAE  sing Y N 103 
EB5 CAC CAB  sing Y N 104 
EB5 CAJ CAE  sing Y N 105 
EB5 CAJ CAL  sing N N 106 
EB5 CAE CAF  doub Y N 107 
EB5 CAB CAA  doub Y N 108 
EB5 CAL OAO  doub N N 109 
EB5 CAL NAK  sing N N 110 
EB5 CAF CAA  sing Y N 111 
EB5 CAF NAK  sing N N 112 
EB5 NAK CAM  sing N N 113 
EB5 CAN CAM  sing N N 114 
EB5 CAU H1   sing N N 115 
EB5 CAU H2   sing N N 116 
EB5 CAU H3   sing N N 117 
EB5 CAT H4   sing N N 118 
EB5 CAT H5   sing N N 119 
EB5 NAS H6   sing N N 120 
EB5 CAB H7   sing N N 121 
EB5 CAA H8   sing N N 122 
EB5 CAG H9   sing N N 123 
EB5 CAH H10  sing N N 124 
EB5 CAI H11  sing N N 125 
EB5 CAM H12  sing N N 126 
EB5 CAM H13  sing N N 127 
EB5 CAN H14  sing N N 128 
EB5 CAN H15  sing N N 129 
EB5 CAN H16  sing N N 130 
EDO C1  O1   sing N N 131 
EDO C1  C2   sing N N 132 
EDO C1  H11  sing N N 133 
EDO C1  H12  sing N N 134 
EDO O1  HO1  sing N N 135 
EDO C2  O2   sing N N 136 
EDO C2  H21  sing N N 137 
EDO C2  H22  sing N N 138 
EDO O2  HO2  sing N N 139 
GLN N   CA   sing N N 140 
GLN N   H    sing N N 141 
GLN N   H2   sing N N 142 
GLN CA  C    sing N N 143 
GLN CA  CB   sing N N 144 
GLN CA  HA   sing N N 145 
GLN C   O    doub N N 146 
GLN C   OXT  sing N N 147 
GLN CB  CG   sing N N 148 
GLN CB  HB2  sing N N 149 
GLN CB  HB3  sing N N 150 
GLN CG  CD   sing N N 151 
GLN CG  HG2  sing N N 152 
GLN CG  HG3  sing N N 153 
GLN CD  OE1  doub N N 154 
GLN CD  NE2  sing N N 155 
GLN NE2 HE21 sing N N 156 
GLN NE2 HE22 sing N N 157 
GLN OXT HXT  sing N N 158 
GLU N   CA   sing N N 159 
GLU N   H    sing N N 160 
GLU N   H2   sing N N 161 
GLU CA  C    sing N N 162 
GLU CA  CB   sing N N 163 
GLU CA  HA   sing N N 164 
GLU C   O    doub N N 165 
GLU C   OXT  sing N N 166 
GLU CB  CG   sing N N 167 
GLU CB  HB2  sing N N 168 
GLU CB  HB3  sing N N 169 
GLU CG  CD   sing N N 170 
GLU CG  HG2  sing N N 171 
GLU CG  HG3  sing N N 172 
GLU CD  OE1  doub N N 173 
GLU CD  OE2  sing N N 174 
GLU OE2 HE2  sing N N 175 
GLU OXT HXT  sing N N 176 
GLY N   CA   sing N N 177 
GLY N   H    sing N N 178 
GLY N   H2   sing N N 179 
GLY CA  C    sing N N 180 
GLY CA  HA2  sing N N 181 
GLY CA  HA3  sing N N 182 
GLY C   O    doub N N 183 
GLY C   OXT  sing N N 184 
GLY OXT HXT  sing N N 185 
GOL C1  O1   sing N N 186 
GOL C1  C2   sing N N 187 
GOL C1  H11  sing N N 188 
GOL C1  H12  sing N N 189 
GOL O1  HO1  sing N N 190 
GOL C2  O2   sing N N 191 
GOL C2  C3   sing N N 192 
GOL C2  H2   sing N N 193 
GOL O2  HO2  sing N N 194 
GOL C3  O3   sing N N 195 
GOL C3  H31  sing N N 196 
GOL C3  H32  sing N N 197 
GOL O3  HO3  sing N N 198 
HIS N   CA   sing N N 199 
HIS N   H    sing N N 200 
HIS N   H2   sing N N 201 
HIS CA  C    sing N N 202 
HIS CA  CB   sing N N 203 
HIS CA  HA   sing N N 204 
HIS C   O    doub N N 205 
HIS C   OXT  sing N N 206 
HIS CB  CG   sing N N 207 
HIS CB  HB2  sing N N 208 
HIS CB  HB3  sing N N 209 
HIS CG  ND1  sing Y N 210 
HIS CG  CD2  doub Y N 211 
HIS ND1 CE1  doub Y N 212 
HIS ND1 HD1  sing N N 213 
HIS CD2 NE2  sing Y N 214 
HIS CD2 HD2  sing N N 215 
HIS CE1 NE2  sing Y N 216 
HIS CE1 HE1  sing N N 217 
HIS NE2 HE2  sing N N 218 
HIS OXT HXT  sing N N 219 
HOH O   H1   sing N N 220 
HOH O   H2   sing N N 221 
ILE N   CA   sing N N 222 
ILE N   H    sing N N 223 
ILE N   H2   sing N N 224 
ILE CA  C    sing N N 225 
ILE CA  CB   sing N N 226 
ILE CA  HA   sing N N 227 
ILE C   O    doub N N 228 
ILE C   OXT  sing N N 229 
ILE CB  CG1  sing N N 230 
ILE CB  CG2  sing N N 231 
ILE CB  HB   sing N N 232 
ILE CG1 CD1  sing N N 233 
ILE CG1 HG12 sing N N 234 
ILE CG1 HG13 sing N N 235 
ILE CG2 HG21 sing N N 236 
ILE CG2 HG22 sing N N 237 
ILE CG2 HG23 sing N N 238 
ILE CD1 HD11 sing N N 239 
ILE CD1 HD12 sing N N 240 
ILE CD1 HD13 sing N N 241 
ILE OXT HXT  sing N N 242 
LEU N   CA   sing N N 243 
LEU N   H    sing N N 244 
LEU N   H2   sing N N 245 
LEU CA  C    sing N N 246 
LEU CA  CB   sing N N 247 
LEU CA  HA   sing N N 248 
LEU C   O    doub N N 249 
LEU C   OXT  sing N N 250 
LEU CB  CG   sing N N 251 
LEU CB  HB2  sing N N 252 
LEU CB  HB3  sing N N 253 
LEU CG  CD1  sing N N 254 
LEU CG  CD2  sing N N 255 
LEU CG  HG   sing N N 256 
LEU CD1 HD11 sing N N 257 
LEU CD1 HD12 sing N N 258 
LEU CD1 HD13 sing N N 259 
LEU CD2 HD21 sing N N 260 
LEU CD2 HD22 sing N N 261 
LEU CD2 HD23 sing N N 262 
LEU OXT HXT  sing N N 263 
LYS N   CA   sing N N 264 
LYS N   H    sing N N 265 
LYS N   H2   sing N N 266 
LYS CA  C    sing N N 267 
LYS CA  CB   sing N N 268 
LYS CA  HA   sing N N 269 
LYS C   O    doub N N 270 
LYS C   OXT  sing N N 271 
LYS CB  CG   sing N N 272 
LYS CB  HB2  sing N N 273 
LYS CB  HB3  sing N N 274 
LYS CG  CD   sing N N 275 
LYS CG  HG2  sing N N 276 
LYS CG  HG3  sing N N 277 
LYS CD  CE   sing N N 278 
LYS CD  HD2  sing N N 279 
LYS CD  HD3  sing N N 280 
LYS CE  NZ   sing N N 281 
LYS CE  HE2  sing N N 282 
LYS CE  HE3  sing N N 283 
LYS NZ  HZ1  sing N N 284 
LYS NZ  HZ2  sing N N 285 
LYS NZ  HZ3  sing N N 286 
LYS OXT HXT  sing N N 287 
MET N   CA   sing N N 288 
MET N   H    sing N N 289 
MET N   H2   sing N N 290 
MET CA  C    sing N N 291 
MET CA  CB   sing N N 292 
MET CA  HA   sing N N 293 
MET C   O    doub N N 294 
MET C   OXT  sing N N 295 
MET CB  CG   sing N N 296 
MET CB  HB2  sing N N 297 
MET CB  HB3  sing N N 298 
MET CG  SD   sing N N 299 
MET CG  HG2  sing N N 300 
MET CG  HG3  sing N N 301 
MET SD  CE   sing N N 302 
MET CE  HE1  sing N N 303 
MET CE  HE2  sing N N 304 
MET CE  HE3  sing N N 305 
MET OXT HXT  sing N N 306 
NO3 N   O1   doub N N 307 
NO3 N   O2   sing N N 308 
NO3 N   O3   sing N N 309 
PHE N   CA   sing N N 310 
PHE N   H    sing N N 311 
PHE N   H2   sing N N 312 
PHE CA  C    sing N N 313 
PHE CA  CB   sing N N 314 
PHE CA  HA   sing N N 315 
PHE C   O    doub N N 316 
PHE C   OXT  sing N N 317 
PHE CB  CG   sing N N 318 
PHE CB  HB2  sing N N 319 
PHE CB  HB3  sing N N 320 
PHE CG  CD1  doub Y N 321 
PHE CG  CD2  sing Y N 322 
PHE CD1 CE1  sing Y N 323 
PHE CD1 HD1  sing N N 324 
PHE CD2 CE2  doub Y N 325 
PHE CD2 HD2  sing N N 326 
PHE CE1 CZ   doub Y N 327 
PHE CE1 HE1  sing N N 328 
PHE CE2 CZ   sing Y N 329 
PHE CE2 HE2  sing N N 330 
PHE CZ  HZ   sing N N 331 
PHE OXT HXT  sing N N 332 
PRO N   CA   sing N N 333 
PRO N   CD   sing N N 334 
PRO N   H    sing N N 335 
PRO CA  C    sing N N 336 
PRO CA  CB   sing N N 337 
PRO CA  HA   sing N N 338 
PRO C   O    doub N N 339 
PRO C   OXT  sing N N 340 
PRO CB  CG   sing N N 341 
PRO CB  HB2  sing N N 342 
PRO CB  HB3  sing N N 343 
PRO CG  CD   sing N N 344 
PRO CG  HG2  sing N N 345 
PRO CG  HG3  sing N N 346 
PRO CD  HD2  sing N N 347 
PRO CD  HD3  sing N N 348 
PRO OXT HXT  sing N N 349 
SER N   CA   sing N N 350 
SER N   H    sing N N 351 
SER N   H2   sing N N 352 
SER CA  C    sing N N 353 
SER CA  CB   sing N N 354 
SER CA  HA   sing N N 355 
SER C   O    doub N N 356 
SER C   OXT  sing N N 357 
SER CB  OG   sing N N 358 
SER CB  HB2  sing N N 359 
SER CB  HB3  sing N N 360 
SER OG  HG   sing N N 361 
SER OXT HXT  sing N N 362 
THR N   CA   sing N N 363 
THR N   H    sing N N 364 
THR N   H2   sing N N 365 
THR CA  C    sing N N 366 
THR CA  CB   sing N N 367 
THR CA  HA   sing N N 368 
THR C   O    doub N N 369 
THR C   OXT  sing N N 370 
THR CB  OG1  sing N N 371 
THR CB  CG2  sing N N 372 
THR CB  HB   sing N N 373 
THR OG1 HG1  sing N N 374 
THR CG2 HG21 sing N N 375 
THR CG2 HG22 sing N N 376 
THR CG2 HG23 sing N N 377 
THR OXT HXT  sing N N 378 
TRP N   CA   sing N N 379 
TRP N   H    sing N N 380 
TRP N   H2   sing N N 381 
TRP CA  C    sing N N 382 
TRP CA  CB   sing N N 383 
TRP CA  HA   sing N N 384 
TRP C   O    doub N N 385 
TRP C   OXT  sing N N 386 
TRP CB  CG   sing N N 387 
TRP CB  HB2  sing N N 388 
TRP CB  HB3  sing N N 389 
TRP CG  CD1  doub Y N 390 
TRP CG  CD2  sing Y N 391 
TRP CD1 NE1  sing Y N 392 
TRP CD1 HD1  sing N N 393 
TRP CD2 CE2  doub Y N 394 
TRP CD2 CE3  sing Y N 395 
TRP NE1 CE2  sing Y N 396 
TRP NE1 HE1  sing N N 397 
TRP CE2 CZ2  sing Y N 398 
TRP CE3 CZ3  doub Y N 399 
TRP CE3 HE3  sing N N 400 
TRP CZ2 CH2  doub Y N 401 
TRP CZ2 HZ2  sing N N 402 
TRP CZ3 CH2  sing Y N 403 
TRP CZ3 HZ3  sing N N 404 
TRP CH2 HH2  sing N N 405 
TRP OXT HXT  sing N N 406 
TYR N   CA   sing N N 407 
TYR N   H    sing N N 408 
TYR N   H2   sing N N 409 
TYR CA  C    sing N N 410 
TYR CA  CB   sing N N 411 
TYR CA  HA   sing N N 412 
TYR C   O    doub N N 413 
TYR C   OXT  sing N N 414 
TYR CB  CG   sing N N 415 
TYR CB  HB2  sing N N 416 
TYR CB  HB3  sing N N 417 
TYR CG  CD1  doub Y N 418 
TYR CG  CD2  sing Y N 419 
TYR CD1 CE1  sing Y N 420 
TYR CD1 HD1  sing N N 421 
TYR CD2 CE2  doub Y N 422 
TYR CD2 HD2  sing N N 423 
TYR CE1 CZ   doub Y N 424 
TYR CE1 HE1  sing N N 425 
TYR CE2 CZ   sing Y N 426 
TYR CE2 HE2  sing N N 427 
TYR CZ  OH   sing N N 428 
TYR OH  HH   sing N N 429 
TYR OXT HXT  sing N N 430 
VAL N   CA   sing N N 431 
VAL N   H    sing N N 432 
VAL N   H2   sing N N 433 
VAL CA  C    sing N N 434 
VAL CA  CB   sing N N 435 
VAL CA  HA   sing N N 436 
VAL C   O    doub N N 437 
VAL C   OXT  sing N N 438 
VAL CB  CG1  sing N N 439 
VAL CB  CG2  sing N N 440 
VAL CB  HB   sing N N 441 
VAL CG1 HG11 sing N N 442 
VAL CG1 HG12 sing N N 443 
VAL CG1 HG13 sing N N 444 
VAL CG2 HG21 sing N N 445 
VAL CG2 HG22 sing N N 446 
VAL CG2 HG23 sing N N 447 
VAL OXT HXT  sing N N 448 
# 
_atom_sites.entry_id                    5CRM 
_atom_sites.fract_transf_matrix[1][1]   -0.00060930 
_atom_sites.fract_transf_matrix[1][2]   0.02873159 
_atom_sites.fract_transf_matrix[1][3]   0.00384401 
_atom_sites.fract_transf_matrix[2][1]   -0.01580786 
_atom_sites.fract_transf_matrix[2][2]   -0.00218953 
_atom_sites.fract_transf_matrix[2][3]   0.01385967 
_atom_sites.fract_transf_matrix[3][1]   0.00850880 
_atom_sites.fract_transf_matrix[3][2]   -0.00109483 
_atom_sites.fract_transf_matrix[3][3]   0.00953188 
_atom_sites.fract_transf_vector[1]      -0.339889 
_atom_sites.fract_transf_vector[2]      -0.005850 
_atom_sites.fract_transf_vector[3]      0.105437 
# 
loop_
_atom_type.symbol 
C 
N 
O 
S 
# 
loop_
_atom_site.group_PDB 
_atom_site.id 
_atom_site.type_symbol 
_atom_site.label_atom_id 
_atom_site.label_alt_id 
_atom_site.label_comp_id 
_atom_site.label_asym_id 
_atom_site.label_entity_id 
_atom_site.label_seq_id 
_atom_site.pdbx_PDB_ins_code 
_atom_site.Cartn_x 
_atom_site.Cartn_y 
_atom_site.Cartn_z 
_atom_site.occupancy 
_atom_site.B_iso_or_equiv 
_atom_site.pdbx_formal_charge 
_atom_site.auth_seq_id 
_atom_site.auth_comp_id 
_atom_site.auth_asym_id 
_atom_site.auth_atom_id 
_atom_site.pdbx_PDB_model_num 
ATOM   1    N N   . HIS A 1 6   ? -31.903 -18.821 25.066  1.00 43.24 ? 33  HIS A N   1 
ATOM   2    C CA  . HIS A 1 6   ? -30.619 -18.281 25.599  1.00 42.90 ? 33  HIS A CA  1 
ATOM   3    C C   . HIS A 1 6   ? -30.283 -16.902 25.007  1.00 37.36 ? 33  HIS A C   1 
ATOM   4    O O   . HIS A 1 6   ? -30.419 -16.677 23.800  1.00 35.00 ? 33  HIS A O   1 
ATOM   5    C CB  . HIS A 1 6   ? -29.477 -19.252 25.353  1.00 45.82 ? 33  HIS A CB  1 
ATOM   6    C CG  . HIS A 1 6   ? -28.247 -18.928 26.135  1.00 49.89 ? 33  HIS A CG  1 
ATOM   7    N ND1 . HIS A 1 6   ? -27.151 -18.313 25.574  1.00 51.94 ? 33  HIS A ND1 1 
ATOM   8    C CD2 . HIS A 1 6   ? -27.949 -19.108 27.443  1.00 53.86 ? 33  HIS A CD2 1 
ATOM   9    C CE1 . HIS A 1 6   ? -26.222 -18.142 26.497  1.00 55.69 ? 33  HIS A CE1 1 
ATOM   10   N NE2 . HIS A 1 6   ? -26.682 -18.614 27.642  1.00 55.16 ? 33  HIS A NE2 1 
ATOM   11   N N   . HIS A 1 7   ? -29.815 -16.007 25.876  1.00 34.04 ? 34  HIS A N   1 
ATOM   12   C CA  . HIS A 1 7   ? -29.838 -14.560 25.623  1.00 32.49 ? 34  HIS A CA  1 
ATOM   13   C C   . HIS A 1 7   ? -28.493 -14.002 25.161  1.00 30.11 ? 34  HIS A C   1 
ATOM   14   O O   . HIS A 1 7   ? -28.343 -12.784 25.021  1.00 28.84 ? 34  HIS A O   1 
ATOM   15   C CB  . HIS A 1 7   ? -30.311 -13.819 26.882  1.00 33.04 ? 34  HIS A CB  1 
ATOM   16   C CG  . HIS A 1 7   ? -31.607 -14.334 27.436  1.00 35.56 ? 34  HIS A CG  1 
ATOM   17   N ND1 . HIS A 1 7   ? -32.739 -14.483 26.664  1.00 36.03 ? 34  HIS A ND1 1 
ATOM   18   C CD2 . HIS A 1 7   ? -31.945 -14.744 28.682  1.00 35.10 ? 34  HIS A CD2 1 
ATOM   19   C CE1 . HIS A 1 7   ? -33.720 -14.958 27.411  1.00 36.56 ? 34  HIS A CE1 1 
ATOM   20   N NE2 . HIS A 1 7   ? -33.263 -15.125 28.640  1.00 37.89 ? 34  HIS A NE2 1 
ATOM   21   N N   . HIS A 1 8   ? -27.517 -14.880 24.929  1.00 29.25 ? 35  HIS A N   1 
ATOM   22   C CA  . HIS A 1 8   ? -26.247 -14.481 24.303  1.00 30.25 ? 35  HIS A CA  1 
ATOM   23   C C   . HIS A 1 8   ? -26.476 -14.547 22.777  1.00 29.23 ? 35  HIS A C   1 
ATOM   24   O O   . HIS A 1 8   ? -26.656 -15.638 22.212  1.00 28.21 ? 35  HIS A O   1 
ATOM   25   C CB  . HIS A 1 8   ? -25.097 -15.395 24.761  1.00 31.77 ? 35  HIS A CB  1 
ATOM   26   C CG  . HIS A 1 8   ? -23.724 -14.908 24.387  1.00 33.59 ? 35  HIS A CG  1 
ATOM   27   N ND1 . HIS A 1 8   ? -23.501 -13.816 23.572  1.00 33.79 ? 35  HIS A ND1 1 
ATOM   28   C CD2 . HIS A 1 8   ? -22.497 -15.392 24.700  1.00 37.34 ? 35  HIS A CD2 1 
ATOM   29   C CE1 . HIS A 1 8   ? -22.202 -13.644 23.405  1.00 35.46 ? 35  HIS A CE1 1 
ATOM   30   N NE2 . HIS A 1 8   ? -21.570 -14.587 24.080  1.00 36.03 ? 35  HIS A NE2 1 
ATOM   31   N N   . HIS A 1 9   ? -26.528 -13.381 22.133  1.00 26.39 ? 36  HIS A N   1 
ATOM   32   C CA  . HIS A 1 9   ? -26.816 -13.288 20.695  1.00 27.08 ? 36  HIS A CA  1 
ATOM   33   C C   . HIS A 1 9   ? -25.570 -12.951 19.834  1.00 26.42 ? 36  HIS A C   1 
ATOM   34   O O   . HIS A 1 9   ? -25.710 -12.654 18.658  1.00 24.63 ? 36  HIS A O   1 
ATOM   35   C CB  . HIS A 1 9   ? -27.949 -12.254 20.464  1.00 27.77 ? 36  HIS A CB  1 
ATOM   36   C CG  . HIS A 1 9   ? -29.291 -12.686 20.998  1.00 28.44 ? 36  HIS A CG  1 
ATOM   37   N ND1 . HIS A 1 9   ? -30.441 -11.942 20.812  1.00 29.74 ? 36  HIS A ND1 1 
ATOM   38   C CD2 . HIS A 1 9   ? -29.674 -13.796 21.677  1.00 28.89 ? 36  HIS A CD2 1 
ATOM   39   C CE1 . HIS A 1 9   ? -31.465 -12.561 21.374  1.00 29.86 ? 36  HIS A CE1 1 
ATOM   40   N NE2 . HIS A 1 9   ? -31.030 -13.695 21.894  1.00 30.05 ? 36  HIS A NE2 1 
ATOM   41   N N   . HIS A 1 10  ? -24.368 -13.009 20.424  1.00 25.46 ? 37  HIS A N   1 
ATOM   42   C CA  . HIS A 1 10  ? -23.081 -12.779 19.718  1.00 26.01 ? 37  HIS A CA  1 
ATOM   43   C C   . HIS A 1 10  ? -22.958 -11.445 18.939  1.00 24.49 ? 37  HIS A C   1 
ATOM   44   O O   . HIS A 1 10  ? -22.306 -11.377 17.892  1.00 23.46 ? 37  HIS A O   1 
ATOM   45   C CB  . HIS A 1 10  ? -22.788 -13.972 18.815  1.00 28.94 ? 37  HIS A CB  1 
ATOM   46   C CG  . HIS A 1 10  ? -23.099 -15.280 19.462  1.00 30.72 ? 37  HIS A CG  1 
ATOM   47   N ND1 . HIS A 1 10  ? -22.183 -15.961 20.232  1.00 34.34 ? 37  HIS A ND1 1 
ATOM   48   C CD2 . HIS A 1 10  ? -24.245 -16.002 19.510  1.00 33.37 ? 37  HIS A CD2 1 
ATOM   49   C CE1 . HIS A 1 10  ? -22.743 -17.064 20.705  1.00 35.59 ? 37  HIS A CE1 1 
ATOM   50   N NE2 . HIS A 1 10  ? -23.996 -17.109 20.281  1.00 34.97 ? 37  HIS A NE2 1 
ATOM   51   N N   . LEU A 1 11  ? -23.558 -10.391 19.505  1.00 22.92 ? 38  LEU A N   1 
ATOM   52   C CA  . LEU A 1 11  ? -23.403 -9.015  19.030  1.00 21.59 ? 38  LEU A CA  1 
ATOM   53   C C   . LEU A 1 11  ? -22.056 -8.415  19.480  1.00 22.15 ? 38  LEU A C   1 
ATOM   54   O O   . LEU A 1 11  ? -21.676 -7.336  19.024  1.00 20.74 ? 38  LEU A O   1 
ATOM   55   C CB  . LEU A 1 11  ? -24.584 -8.162  19.527  1.00 21.38 ? 38  LEU A CB  1 
ATOM   56   C CG  . LEU A 1 11  ? -25.969 -8.627  19.028  1.00 21.54 ? 38  LEU A CG  1 
ATOM   57   C CD1 . LEU A 1 11  ? -27.120 -7.998  19.793  1.00 21.79 ? 38  LEU A CD1 1 
ATOM   58   C CD2 . LEU A 1 11  ? -26.110 -8.336  17.542  1.00 21.86 ? 38  LEU A CD2 1 
ATOM   59   N N   . VAL A 1 12  ? -21.366 -9.108  20.396  1.00 21.52 ? 39  VAL A N   1 
ATOM   60   C CA  . VAL A 1 12  ? -19.950 -8.860  20.738  1.00 22.59 ? 39  VAL A CA  1 
ATOM   61   C C   . VAL A 1 12  ? -19.251 -10.234 20.870  1.00 22.54 ? 39  VAL A C   1 
ATOM   62   O O   . VAL A 1 12  ? -19.947 -11.242 21.045  1.00 22.24 ? 39  VAL A O   1 
ATOM   63   C CB  . VAL A 1 12  ? -19.786 -8.060  22.063  1.00 22.55 ? 39  VAL A CB  1 
ATOM   64   C CG1 . VAL A 1 12  ? -20.043 -6.582  21.845  1.00 22.31 ? 39  VAL A CG1 1 
ATOM   65   C CG2 . VAL A 1 12  ? -20.705 -8.604  23.160  1.00 23.10 ? 39  VAL A CG2 1 
ATOM   66   N N   . PRO A 1 13  ? -17.915 -10.319 20.771  1.00 23.94 ? 40  PRO A N   1 
ATOM   67   C CA  . PRO A 1 13  ? -17.000 -9.227  20.408  1.00 23.60 ? 40  PRO A CA  1 
ATOM   68   C C   . PRO A 1 13  ? -17.138 -8.769  18.952  1.00 23.65 ? 40  PRO A C   1 
ATOM   69   O O   . PRO A 1 13  ? -17.769 -9.462  18.134  1.00 22.52 ? 40  PRO A O   1 
ATOM   70   C CB  . PRO A 1 13  ? -15.629 -9.862  20.611  1.00 23.36 ? 40  PRO A CB  1 
ATOM   71   C CG  . PRO A 1 13  ? -15.853 -11.302 20.276  1.00 24.85 ? 40  PRO A CG  1 
ATOM   72   C CD  . PRO A 1 13  ? -17.208 -11.615 20.851  1.00 25.41 ? 40  PRO A CD  1 
ATOM   73   N N   . ARG A 1 14  ? -16.550 -7.613  18.639  1.00 23.18 ? 41  ARG A N   1 
ATOM   74   C CA  . ARG A 1 14  ? -16.712 -6.979  17.326  1.00 23.23 ? 41  ARG A CA  1 
ATOM   75   C C   . ARG A 1 14  ? -15.505 -7.212  16.418  1.00 23.66 ? 41  ARG A C   1 
ATOM   76   O O   . ARG A 1 14  ? -14.436 -7.622  16.870  1.00 23.78 ? 41  ARG A O   1 
ATOM   77   C CB  . ARG A 1 14  ? -16.923 -5.459  17.471  1.00 23.57 ? 41  ARG A CB  1 
ATOM   78   C CG  . ARG A 1 14  ? -17.985 -5.039  18.483  1.00 23.74 ? 41  ARG A CG  1 
ATOM   79   C CD  . ARG A 1 14  ? -19.377 -5.453  18.038  1.00 23.16 ? 41  ARG A CD  1 
ATOM   80   N NE  . ARG A 1 14  ? -19.787 -4.819  16.783  1.00 22.39 ? 41  ARG A NE  1 
ATOM   81   C CZ  . ARG A 1 14  ? -20.917 -5.115  16.133  1.00 23.36 ? 41  ARG A CZ  1 
ATOM   82   N NH1 . ARG A 1 14  ? -21.207 -4.501  14.991  1.00 22.78 ? 41  ARG A NH1 1 
ATOM   83   N NH2 . ARG A 1 14  ? -21.775 -6.032  16.610  1.00 22.40 ? 41  ARG A NH2 1 
ATOM   84   N N   . GLY A 1 15  ? -15.700 -6.912  15.134  1.00 23.08 ? 42  GLY A N   1 
ATOM   85   C CA  . GLY A 1 15  ? -14.622 -6.875  14.165  1.00 23.27 ? 42  GLY A CA  1 
ATOM   86   C C   . GLY A 1 15  ? -13.684 -5.704  14.401  1.00 23.55 ? 42  GLY A C   1 
ATOM   87   O O   . GLY A 1 15  ? -13.860 -4.916  15.339  1.00 22.09 ? 42  GLY A O   1 
ATOM   88   N N   . SER A 1 16  ? -12.676 -5.617  13.544  1.00 21.88 ? 43  SER A N   1 
ATOM   89   C CA  . SER A 1 16  ? -11.672 -4.587  13.655  1.00 23.52 ? 43  SER A CA  1 
ATOM   90   C C   . SER A 1 16  ? -10.763 -4.635  12.430  1.00 21.09 ? 43  SER A C   1 
ATOM   91   O O   . SER A 1 16  ? -10.760 -5.587  11.662  1.00 19.44 ? 43  SER A O   1 
ATOM   92   C CB  . SER A 1 16  ? -10.828 -4.787  14.919  1.00 23.98 ? 43  SER A CB  1 
ATOM   93   O OG  . SER A 1 16  ? -10.299 -6.116  14.940  1.00 25.66 ? 43  SER A OG  1 
ATOM   94   N N   . ASN A 1 17  ? -10.001 -3.570  12.271  1.00 20.20 ? 44  ASN A N   1 
ATOM   95   C CA  . ASN A 1 17  ? -8.896  -3.549  11.307  1.00 18.11 ? 44  ASN A CA  1 
ATOM   96   C C   . ASN A 1 17  ? -7.666  -4.154  11.956  1.00 16.49 ? 44  ASN A C   1 
ATOM   97   O O   . ASN A 1 17  ? -7.497  -4.006  13.163  1.00 16.50 ? 44  ASN A O   1 
ATOM   98   C CB  . ASN A 1 17  ? -8.613  -2.118  10.912  1.00 17.49 ? 44  ASN A CB  1 
ATOM   99   C CG  . ASN A 1 17  ? -9.672  -1.552  10.001  1.00 17.11 ? 44  ASN A CG  1 
ATOM   100  O OD1 . ASN A 1 17  ? -10.033 -2.164  9.001   1.00 16.78 ? 44  ASN A OD1 1 
ATOM   101  N ND2 . ASN A 1 17  ? -10.148 -0.364  10.323  1.00 16.99 ? 44  ASN A ND2 1 
ATOM   102  N N   . PRO A 1 18  ? -6.794  -4.811  11.168  1.00 15.24 ? 45  PRO A N   1 
ATOM   103  C CA  . PRO A 1 18  ? -5.594  -5.341  11.779  1.00 15.06 ? 45  PRO A CA  1 
ATOM   104  C C   . PRO A 1 18  ? -4.656  -4.205  12.083  1.00 15.47 ? 45  PRO A C   1 
ATOM   105  O O   . PRO A 1 18  ? -4.847  -3.089  11.576  1.00 14.01 ? 45  PRO A O   1 
ATOM   106  C CB  . PRO A 1 18  ? -5.000  -6.221  10.691  1.00 14.53 ? 45  PRO A CB  1 
ATOM   107  C CG  . PRO A 1 18  ? -5.439  -5.554  9.427   1.00 14.47 ? 45  PRO A CG  1 
ATOM   108  C CD  . PRO A 1 18  ? -6.828  -5.097  9.725   1.00 14.65 ? 45  PRO A CD  1 
ATOM   109  N N   . PRO A 1 19  ? -3.641  -4.482  12.898  1.00 16.24 ? 46  PRO A N   1 
ATOM   110  C CA  . PRO A 1 19  ? -2.589  -3.493  13.051  1.00 16.94 ? 46  PRO A CA  1 
ATOM   111  C C   . PRO A 1 19  ? -1.936  -3.216  11.682  1.00 16.68 ? 46  PRO A C   1 
ATOM   112  O O   . PRO A 1 19  ? -1.774  -4.149  10.888  1.00 15.93 ? 46  PRO A O   1 
ATOM   113  C CB  . PRO A 1 19  ? -1.605  -4.154  14.030  1.00 17.55 ? 46  PRO A CB  1 
ATOM   114  C CG  . PRO A 1 19  ? -1.989  -5.579  14.111  1.00 17.48 ? 46  PRO A CG  1 
ATOM   115  C CD  . PRO A 1 19  ? -3.415  -5.698  13.696  1.00 16.92 ? 46  PRO A CD  1 
ATOM   116  N N   . PRO A 1 20  ? -1.599  -1.950  11.399  1.00 15.73 ? 47  PRO A N   1 
ATOM   117  C CA  . PRO A 1 20  ? -1.079  -1.660  10.090  1.00 15.86 ? 47  PRO A CA  1 
ATOM   118  C C   . PRO A 1 20  ? 0.358   -2.152  9.948   1.00 15.61 ? 47  PRO A C   1 
ATOM   119  O O   . PRO A 1 20  ? 1.004   -2.469  10.959  1.00 15.94 ? 47  PRO A O   1 
ATOM   120  C CB  . PRO A 1 20  ? -1.176  -0.129  10.004  1.00 15.56 ? 47  PRO A CB  1 
ATOM   121  C CG  . PRO A 1 20  ? -1.040  0.308   11.398  1.00 16.45 ? 47  PRO A CG  1 
ATOM   122  C CD  . PRO A 1 20  ? -1.813  -0.722  12.176  1.00 16.21 ? 47  PRO A CD  1 
ATOM   123  N N   . PRO A 1 21  ? 0.866   -2.222  8.704   1.00 15.39 ? 48  PRO A N   1 
ATOM   124  C CA  . PRO A 1 21  ? 2.264   -2.648  8.551   1.00 15.35 ? 48  PRO A CA  1 
ATOM   125  C C   . PRO A 1 21  ? 3.239   -1.717  9.281   1.00 15.90 ? 48  PRO A C   1 
ATOM   126  O O   . PRO A 1 21  ? 2.988   -0.519  9.389   1.00 14.21 ? 48  PRO A O   1 
ATOM   127  C CB  . PRO A 1 21  ? 2.487   -2.598  7.046   1.00 15.22 ? 48  PRO A CB  1 
ATOM   128  C CG  . PRO A 1 21  ? 1.123   -2.593  6.431   1.00 15.02 ? 48  PRO A CG  1 
ATOM   129  C CD  . PRO A 1 21  ? 0.206   -1.965  7.410   1.00 14.93 ? 48  PRO A CD  1 
ATOM   130  N N   . GLU A 1 22  ? 4.350   -2.266  9.761   1.00 17.26 ? 49  GLU A N   1 
ATOM   131  C CA  . GLU A 1 22  ? 5.344   -1.460  10.481  1.00 19.20 ? 49  GLU A CA  1 
ATOM   132  C C   . GLU A 1 22  ? 5.980   -0.440  9.531   1.00 17.31 ? 49  GLU A C   1 
ATOM   133  O O   . GLU A 1 22  ? 6.135   -0.719  8.327   1.00 15.80 ? 49  GLU A O   1 
ATOM   134  C CB  . GLU A 1 22  ? 6.417   -2.365  11.132  1.00 23.29 ? 49  GLU A CB  1 
ATOM   135  C CG  . GLU A 1 22  ? 7.520   -2.850  10.197  1.00 27.91 ? 49  GLU A CG  1 
ATOM   136  C CD  . GLU A 1 22  ? 8.219   -4.141  10.633  1.00 35.11 ? 49  GLU A CD  1 
ATOM   137  O OE1 . GLU A 1 22  ? 9.424   -4.338  10.292  1.00 36.92 ? 49  GLU A OE1 1 
ATOM   138  O OE2 . GLU A 1 22  ? 7.555   -4.994  11.267  1.00 41.00 ? 49  GLU A OE2 1 
ATOM   139  N N   . THR A 1 23  ? 6.288   0.739   10.064  1.00 15.84 ? 50  THR A N   1 
ATOM   140  C CA  . THR A 1 23  ? 7.051   1.749   9.352   1.00 16.24 ? 50  THR A CA  1 
ATOM   141  C C   . THR A 1 23  ? 8.410   2.090   9.975   1.00 16.53 ? 50  THR A C   1 
ATOM   142  O O   . THR A 1 23  ? 9.150   2.920   9.427   1.00 16.18 ? 50  THR A O   1 
ATOM   143  C CB  . THR A 1 23  ? 6.226   3.033   9.201   1.00 17.14 ? 50  THR A CB  1 
ATOM   144  O OG1 . THR A 1 23  ? 5.927   3.550   10.492  1.00 17.21 ? 50  THR A OG1 1 
ATOM   145  C CG2 . THR A 1 23  ? 4.929   2.745   8.504   1.00 17.59 ? 50  THR A CG2 1 
ATOM   146  N N   . SER A 1 24  ? 8.725   1.427   11.093  1.00 16.93 ? 51  SER A N   1 
ATOM   147  C CA  . SER A 1 24  ? 9.987   1.508   11.802  1.00 17.50 ? 51  SER A CA  1 
ATOM   148  C C   . SER A 1 24  ? 10.381  0.096   12.226  1.00 17.05 ? 51  SER A C   1 
ATOM   149  O O   . SER A 1 24  ? 9.537   -0.767  12.489  1.00 16.68 ? 51  SER A O   1 
ATOM   150  C CB  . SER A 1 24  ? 9.831   2.381   13.052  1.00 19.91 ? 51  SER A CB  1 
ATOM   151  O OG  . SER A 1 24  ? 9.922   3.734   12.677  1.00 23.38 ? 51  SER A OG  1 
ATOM   152  N N   . ASN A 1 25  ? 11.676  -0.149  12.242  1.00 15.62 ? 52  ASN A N   1 
ATOM   153  C CA  . ASN A 1 25  ? 12.210  -1.402  12.751  1.00 15.90 ? 52  ASN A CA  1 
ATOM   154  C C   . ASN A 1 25  ? 13.694  -1.155  13.021  1.00 15.41 ? 52  ASN A C   1 
ATOM   155  O O   . ASN A 1 25  ? 14.494  -1.228  12.097  1.00 14.90 ? 52  ASN A O   1 
ATOM   156  C CB  . ASN A 1 25  ? 12.015  -2.565  11.784  1.00 15.70 ? 52  ASN A CB  1 
ATOM   157  C CG  . ASN A 1 25  ? 12.547  -3.874  12.351  1.00 16.65 ? 52  ASN A CG  1 
ATOM   158  O OD1 . ASN A 1 25  ? 13.309  -3.874  13.315  1.00 16.32 ? 52  ASN A OD1 1 
ATOM   159  N ND2 . ASN A 1 25  ? 12.155  -4.983  11.752  1.00 16.74 ? 52  ASN A ND2 1 
ATOM   160  N N   . PRO A 1 26  ? 14.049  -0.846  14.287  1.00 15.49 ? 53  PRO A N   1 
ATOM   161  C CA  . PRO A 1 26  ? 15.446  -0.471  14.567  1.00 15.52 ? 53  PRO A CA  1 
ATOM   162  C C   . PRO A 1 26  ? 16.494  -1.501  14.182  1.00 15.17 ? 53  PRO A C   1 
ATOM   163  O O   . PRO A 1 26  ? 17.547  -1.100  13.680  1.00 15.41 ? 53  PRO A O   1 
ATOM   164  C CB  . PRO A 1 26  ? 15.441  -0.187  16.067  1.00 15.11 ? 53  PRO A CB  1 
ATOM   165  C CG  . PRO A 1 26  ? 14.042  0.238   16.363  1.00 15.79 ? 53  PRO A CG  1 
ATOM   166  C CD  . PRO A 1 26  ? 13.180  -0.598  15.456  1.00 15.32 ? 53  PRO A CD  1 
ATOM   167  N N   . ASN A 1 27  ? 16.201  -2.795  14.344  1.00 15.03 ? 54  ASN A N   1 
ATOM   168  C CA  . ASN A 1 27  ? 17.154  -3.842  13.955  1.00 15.71 ? 54  ASN A CA  1 
ATOM   169  C C   . ASN A 1 27  ? 17.145  -4.261  12.487  1.00 15.93 ? 54  ASN A C   1 
ATOM   170  O O   . ASN A 1 27  ? 17.955  -5.097  12.086  1.00 16.52 ? 54  ASN A O   1 
ATOM   171  C CB  . ASN A 1 27  ? 16.962  -5.083  14.813  1.00 15.95 ? 54  ASN A CB  1 
ATOM   172  C CG  . ASN A 1 27  ? 17.478  -4.899  16.224  1.00 15.94 ? 54  ASN A CG  1 
ATOM   173  O OD1 . ASN A 1 27  ? 18.564  -4.360  16.433  1.00 16.95 ? 54  ASN A OD1 1 
ATOM   174  N ND2 . ASN A 1 27  ? 16.736  -5.378  17.181  1.00 16.28 ? 54  ASN A ND2 1 
ATOM   175  N N   . LYS A 1 28  ? 16.242  -3.699  11.690  1.00 15.19 ? 55  LYS A N   1 
ATOM   176  C CA  . LYS A 1 28  ? 16.234  -3.978  10.271  1.00 15.29 ? 55  LYS A CA  1 
ATOM   177  C C   . LYS A 1 28  ? 17.415  -3.252  9.610   1.00 14.97 ? 55  LYS A C   1 
ATOM   178  O O   . LYS A 1 28  ? 17.671  -2.093  9.915   1.00 16.00 ? 55  LYS A O   1 
ATOM   179  C CB  . LYS A 1 28  ? 14.895  -3.560  9.626   1.00 15.31 ? 55  LYS A CB  1 
ATOM   180  C CG  . LYS A 1 28  ? 14.927  -3.635  8.111   1.00 15.97 ? 55  LYS A CG  1 
ATOM   181  C CD  . LYS A 1 28  ? 13.584  -3.369  7.464   1.00 15.58 ? 55  LYS A CD  1 
ATOM   182  C CE  . LYS A 1 28  ? 13.636  -3.676  5.979   1.00 15.64 ? 55  LYS A CE  1 
ATOM   183  N NZ  . LYS A 1 28  ? 14.768  -2.967  5.316   1.00 15.64 ? 55  LYS A NZ  1 
ATOM   184  N N   . PRO A 1 29  ? 18.122  -3.923  8.685   1.00 15.48 ? 56  PRO A N   1 
ATOM   185  C CA  . PRO A 1 29  ? 19.152  -3.195  7.929   1.00 15.90 ? 56  PRO A CA  1 
ATOM   186  C C   . PRO A 1 29  ? 18.555  -2.122  7.013   1.00 16.18 ? 56  PRO A C   1 
ATOM   187  O O   . PRO A 1 29  ? 17.550  -2.385  6.337   1.00 15.55 ? 56  PRO A O   1 
ATOM   188  C CB  . PRO A 1 29  ? 19.821  -4.284  7.094   1.00 15.47 ? 56  PRO A CB  1 
ATOM   189  C CG  . PRO A 1 29  ? 19.447  -5.565  7.732   1.00 16.26 ? 56  PRO A CG  1 
ATOM   190  C CD  . PRO A 1 29  ? 18.122  -5.370  8.377   1.00 15.30 ? 56  PRO A CD  1 
ATOM   191  N N   . LYS A 1 30  ? 19.190  -0.950  6.986   1.00 16.53 ? 57  LYS A N   1 
ATOM   192  C CA  . LYS A 1 30  ? 18.721  0.198   6.222   1.00 18.16 ? 57  LYS A CA  1 
ATOM   193  C C   . LYS A 1 30  ? 19.858  0.921   5.506   1.00 18.58 ? 57  LYS A C   1 
ATOM   194  O O   . LYS A 1 30  ? 20.996  0.931   5.987   1.00 17.73 ? 57  LYS A O   1 
ATOM   195  C CB  . LYS A 1 30  ? 18.110  1.227   7.166   1.00 19.06 ? 57  LYS A CB  1 
ATOM   196  C CG  . LYS A 1 30  ? 16.921  0.745   7.960   1.00 20.45 ? 57  LYS A CG  1 
ATOM   197  C CD  . LYS A 1 30  ? 16.628  1.731   9.072   1.00 20.57 ? 57  LYS A CD  1 
ATOM   198  C CE  . LYS A 1 30  ? 15.759  1.103   10.114  1.00 20.46 ? 57  LYS A CE  1 
ATOM   199  N NZ  . LYS A 1 30  ? 16.515  0.167   10.984  1.00 20.29 ? 57  LYS A NZ  1 
ATOM   200  N N   . ARG A 1 31  ? 19.523  1.559   4.385   1.00 19.53 ? 58  ARG A N   1 
ATOM   201  C CA  . ARG A 1 31  ? 20.424  2.514   3.710   1.00 21.96 ? 58  ARG A CA  1 
ATOM   202  C C   . ARG A 1 31  ? 19.646  3.621   3.023   1.00 24.49 ? 58  ARG A C   1 
ATOM   203  O O   . ARG A 1 31  ? 18.418  3.539   2.840   1.00 26.77 ? 58  ARG A O   1 
ATOM   204  C CB  . ARG A 1 31  ? 21.296  1.881   2.626   1.00 21.96 ? 58  ARG A CB  1 
ATOM   205  C CG  . ARG A 1 31  ? 21.807  0.499   2.886   1.00 22.48 ? 58  ARG A CG  1 
ATOM   206  C CD  . ARG A 1 31  ? 22.793  0.079   1.815   1.00 22.84 ? 58  ARG A CD  1 
ATOM   207  N NE  . ARG A 1 31  ? 22.114  -0.414  0.637   1.00 23.40 ? 58  ARG A NE  1 
ATOM   208  C CZ  . ARG A 1 31  ? 22.681  -1.101  -0.351  1.00 25.63 ? 58  ARG A CZ  1 
ATOM   209  N NH1 . ARG A 1 31  ? 23.989  -1.402  -0.347  1.00 25.65 ? 58  ARG A NH1 1 
ATOM   210  N NH2 . ARG A 1 31  ? 21.924  -1.497  -1.370  1.00 25.83 ? 58  ARG A NH2 1 
ATOM   211  N N   . GLN A 1 32  ? 20.389  4.668   2.682   1.00 26.25 ? 59  GLN A N   1 
ATOM   212  C CA  . GLN A 1 32  ? 19.940  5.691   1.761   1.00 28.31 ? 59  GLN A CA  1 
ATOM   213  C C   . GLN A 1 32  ? 20.700  5.416   0.466   1.00 28.15 ? 59  GLN A C   1 
ATOM   214  O O   . GLN A 1 32  ? 21.932  5.242   0.469   1.00 31.23 ? 59  GLN A O   1 
ATOM   215  C CB  . GLN A 1 32  ? 20.235  7.079   2.320   1.00 31.56 ? 59  GLN A CB  1 
ATOM   216  C CG  . GLN A 1 32  ? 19.458  7.352   3.586   1.00 34.47 ? 59  GLN A CG  1 
ATOM   217  C CD  . GLN A 1 32  ? 19.734  8.720   4.186   1.00 39.67 ? 59  GLN A CD  1 
ATOM   218  O OE1 . GLN A 1 32  ? 19.403  9.742   3.596   1.00 41.59 ? 59  GLN A OE1 1 
ATOM   219  N NE2 . GLN A 1 32  ? 20.330  8.742   5.382   1.00 41.44 ? 59  GLN A NE2 1 
ATOM   220  N N   . THR A 1 33  ? 19.958  5.268   -0.620  1.00 25.24 ? 60  THR A N   1 
ATOM   221  C CA  . THR A 1 33  ? 20.538  5.093   -1.940  1.00 23.72 ? 60  THR A CA  1 
ATOM   222  C C   . THR A 1 33  ? 19.903  6.138   -2.828  1.00 25.64 ? 60  THR A C   1 
ATOM   223  O O   . THR A 1 33  ? 18.865  6.717   -2.480  1.00 24.86 ? 60  THR A O   1 
ATOM   224  C CB  . THR A 1 33  ? 20.336  3.675   -2.511  1.00 22.85 ? 60  THR A CB  1 
ATOM   225  O OG1 . THR A 1 33  ? 18.978  3.469   -2.927  1.00 19.81 ? 60  THR A OG1 1 
ATOM   226  C CG2 . THR A 1 33  ? 20.725  2.604   -1.499  1.00 22.28 ? 60  THR A CG2 1 
ATOM   227  N N   . ASN A 1 34  ? 20.554  6.400   -3.955  1.00 27.64 ? 61  ASN A N   1 
ATOM   228  C CA  . ASN A 1 34  ? 20.032  7.340   -4.945  1.00 27.09 ? 61  ASN A CA  1 
ATOM   229  C C   . ASN A 1 34  ? 18.714  6.849   -5.541  1.00 23.60 ? 61  ASN A C   1 
ATOM   230  O O   . ASN A 1 34  ? 17.802  7.636   -5.754  1.00 21.46 ? 61  ASN A O   1 
ATOM   231  C CB  . ASN A 1 34  ? 21.085  7.610   -6.019  1.00 31.28 ? 61  ASN A CB  1 
ATOM   232  C CG  . ASN A 1 34  ? 22.271  8.396   -5.470  1.00 37.46 ? 61  ASN A CG  1 
ATOM   233  O OD1 . ASN A 1 34  ? 22.110  9.299   -4.636  1.00 41.46 ? 61  ASN A OD1 1 
ATOM   234  N ND2 . ASN A 1 34  ? 23.471  8.043   -5.915  1.00 43.08 ? 61  ASN A ND2 1 
ATOM   235  N N   . GLN A 1 35  ? 18.600  5.548   -5.767  1.00 21.10 ? 62  GLN A N   1 
ATOM   236  C CA  . GLN A 1 35  ? 17.342  4.964   -6.222  1.00 19.90 ? 62  GLN A CA  1 
ATOM   237  C C   . GLN A 1 35  ? 16.204  5.155   -5.208  1.00 18.18 ? 62  GLN A C   1 
ATOM   238  O O   . GLN A 1 35  ? 15.092  5.485   -5.596  1.00 16.36 ? 62  GLN A O   1 
ATOM   239  C CB  . GLN A 1 35  ? 17.540  3.490   -6.573  1.00 20.98 ? 62  GLN A CB  1 
ATOM   240  C CG  . GLN A 1 35  ? 18.361  3.278   -7.845  1.00 21.36 ? 62  GLN A CG  1 
ATOM   241  C CD  . GLN A 1 35  ? 18.593  1.810   -8.137  1.00 21.68 ? 62  GLN A CD  1 
ATOM   242  O OE1 . GLN A 1 35  ? 18.457  0.973   -7.254  1.00 22.45 ? 62  GLN A OE1 1 
ATOM   243  N NE2 . GLN A 1 35  ? 18.950  1.493   -9.366  1.00 21.24 ? 62  GLN A NE2 1 
ATOM   244  N N   . LEU A 1 36  ? 16.482  4.961   -3.916  1.00 17.39 ? 63  LEU A N   1 
ATOM   245  C CA  . LEU A 1 36  ? 15.467  5.171   -2.874  1.00 17.02 ? 63  LEU A CA  1 
ATOM   246  C C   . LEU A 1 36  ? 15.069  6.651   -2.712  1.00 18.76 ? 63  LEU A C   1 
ATOM   247  O O   . LEU A 1 36  ? 13.887  6.961   -2.482  1.00 15.95 ? 63  LEU A O   1 
ATOM   248  C CB  . LEU A 1 36  ? 15.922  4.597   -1.528  1.00 16.45 ? 63  LEU A CB  1 
ATOM   249  C CG  . LEU A 1 36  ? 15.837  3.078   -1.390  1.00 16.22 ? 63  LEU A CG  1 
ATOM   250  C CD1 . LEU A 1 36  ? 16.681  2.564   -0.216  1.00 16.20 ? 63  LEU A CD1 1 
ATOM   251  C CD2 . LEU A 1 36  ? 14.382  2.648   -1.243  1.00 15.77 ? 63  LEU A CD2 1 
ATOM   252  N N   . GLN A 1 37  ? 16.041  7.559   -2.829  1.00 19.81 ? 64  GLN A N   1 
ATOM   253  C CA  . GLN A 1 37  ? 15.723  9.002   -2.848  1.00 22.44 ? 64  GLN A CA  1 
ATOM   254  C C   . GLN A 1 37  ? 14.811  9.371   -4.036  1.00 20.70 ? 64  GLN A C   1 
ATOM   255  O O   . GLN A 1 37  ? 13.837  10.078  -3.862  1.00 20.60 ? 64  GLN A O   1 
ATOM   256  C CB  . GLN A 1 37  ? 17.000  9.850   -2.867  1.00 26.99 ? 64  GLN A CB  1 
ATOM   257  C CG  . GLN A 1 37  ? 17.827  9.751   -1.581  1.00 31.53 ? 64  GLN A CG  1 
ATOM   258  C CD  . GLN A 1 37  ? 19.229  10.321  -1.727  1.00 37.50 ? 64  GLN A CD  1 
ATOM   259  O OE1 . GLN A 1 37  ? 19.544  11.012  -2.706  1.00 43.14 ? 64  GLN A OE1 1 
ATOM   260  N NE2 . GLN A 1 37  ? 20.087  10.030  -0.748  1.00 40.07 ? 64  GLN A NE2 1 
ATOM   261  N N   . TYR A 1 38  ? 15.111  8.847   -5.216  1.00 19.81 ? 65  TYR A N   1 
ATOM   262  C CA  . TYR A 1 38  ? 14.267  9.026   -6.400  1.00 20.37 ? 65  TYR A CA  1 
ATOM   263  C C   . TYR A 1 38  ? 12.872  8.425   -6.202  1.00 18.80 ? 65  TYR A C   1 
ATOM   264  O O   . TYR A 1 38  ? 11.867  9.075   -6.510  1.00 18.24 ? 65  TYR A O   1 
ATOM   265  C CB  . TYR A 1 38  ? 14.959  8.456   -7.641  1.00 20.77 ? 65  TYR A CB  1 
ATOM   266  C CG  . TYR A 1 38  ? 14.139  8.480   -8.929  1.00 22.67 ? 65  TYR A CG  1 
ATOM   267  C CD1 . TYR A 1 38  ? 13.308  7.412   -9.249  1.00 22.60 ? 65  TYR A CD1 1 
ATOM   268  C CD2 . TYR A 1 38  ? 14.215  9.553   -9.839  1.00 24.17 ? 65  TYR A CD2 1 
ATOM   269  C CE1 . TYR A 1 38  ? 12.559  7.399   -10.407 1.00 25.20 ? 65  TYR A CE1 1 
ATOM   270  C CE2 . TYR A 1 38  ? 13.464  9.542   -11.029 1.00 24.72 ? 65  TYR A CE2 1 
ATOM   271  C CZ  . TYR A 1 38  ? 12.637  8.463   -11.304 1.00 25.57 ? 65  TYR A CZ  1 
ATOM   272  O OH  . TYR A 1 38  ? 11.872  8.365   -12.464 1.00 26.13 ? 65  TYR A OH  1 
ATOM   273  N N   . LEU A 1 39  ? 12.811  7.216   -5.649  1.00 16.36 ? 66  LEU A N   1 
ATOM   274  C CA  . LEU A 1 39  ? 11.525  6.602   -5.293  1.00 15.82 ? 66  LEU A CA  1 
ATOM   275  C C   . LEU A 1 39  ? 10.653  7.469   -4.385  1.00 15.74 ? 66  LEU A C   1 
ATOM   276  O O   . LEU A 1 39  ? 9.425   7.478   -4.542  1.00 16.32 ? 66  LEU A O   1 
ATOM   277  C CB  . LEU A 1 39  ? 11.721  5.199   -4.679  1.00 15.57 ? 66  LEU A CB  1 
ATOM   278  C CG  . LEU A 1 39  ? 11.977  4.077   -5.692  1.00 15.39 ? 66  LEU A CG  1 
ATOM   279  C CD1 . LEU A 1 39  ? 12.541  2.829   -5.035  1.00 15.16 ? 66  LEU A CD1 1 
ATOM   280  C CD2 . LEU A 1 39  ? 10.688  3.708   -6.390  1.00 16.10 ? 66  LEU A CD2 1 
ATOM   281  N N   . LEU A 1 40  ? 11.259  8.214   -3.468  1.00 15.08 ? 67  LEU A N   1 
ATOM   282  C CA  . LEU A 1 40  ? 10.496  9.132   -2.636  1.00 16.39 ? 67  LEU A CA  1 
ATOM   283  C C   . LEU A 1 40  ? 10.170  10.415  -3.403  1.00 18.16 ? 67  LEU A C   1 
ATOM   284  O O   . LEU A 1 40  ? 9.010   10.793  -3.509  1.00 16.69 ? 67  LEU A O   1 
ATOM   285  C CB  . LEU A 1 40  ? 11.248  9.479   -1.346  1.00 16.26 ? 67  LEU A CB  1 
ATOM   286  C CG  . LEU A 1 40  ? 10.635  10.537  -0.407  1.00 16.64 ? 67  LEU A CG  1 
ATOM   287  C CD1 . LEU A 1 40  ? 9.201   10.241  0.027   1.00 16.82 ? 67  LEU A CD1 1 
ATOM   288  C CD2 . LEU A 1 40  ? 11.527  10.734  0.820   1.00 17.23 ? 67  LEU A CD2 1 
ATOM   289  N N   . ARG A 1 41  ? 11.209  11.082  -3.904  1.00 20.49 ? 68  ARG A N   1 
ATOM   290  C CA  . ARG A 1 41  ? 11.073  12.430  -4.489  1.00 24.29 ? 68  ARG A CA  1 
ATOM   291  C C   . ARG A 1 41  ? 10.282  12.459  -5.779  1.00 23.12 ? 68  ARG A C   1 
ATOM   292  O O   . ARG A 1 41  ? 9.529   13.414  -6.032  1.00 22.42 ? 68  ARG A O   1 
ATOM   293  C CB  . ARG A 1 41  ? 12.446  13.086  -4.714  1.00 28.83 ? 68  ARG A CB  1 
ATOM   294  C CG  . ARG A 1 41  ? 13.152  13.399  -3.411  1.00 34.99 ? 68  ARG A CG  1 
ATOM   295  C CD  . ARG A 1 41  ? 14.395  14.276  -3.558  1.00 41.28 ? 68  ARG A CD  1 
ATOM   296  N NE  . ARG A 1 41  ? 15.622  13.492  -3.781  1.00 45.63 ? 68  ARG A NE  1 
ATOM   297  C CZ  . ARG A 1 41  ? 16.866  13.929  -3.541  1.00 54.14 ? 68  ARG A CZ  1 
ATOM   298  N NH1 . ARG A 1 41  ? 17.913  13.129  -3.777  1.00 56.76 ? 68  ARG A NH1 1 
ATOM   299  N NH2 . ARG A 1 41  ? 17.091  15.158  -3.059  1.00 57.78 ? 68  ARG A NH2 1 
ATOM   300  N N   . VAL A 1 42  ? 10.448  11.422  -6.592  1.00 23.43 ? 69  VAL A N   1 
ATOM   301  C CA  . VAL A 1 42  ? 9.841   11.380  -7.892  1.00 23.78 ? 69  VAL A CA  1 
ATOM   302  C C   . VAL A 1 42  ? 8.675   10.402  -7.939  1.00 23.26 ? 69  VAL A C   1 
ATOM   303  O O   . VAL A 1 42  ? 7.578   10.818  -8.257  1.00 23.76 ? 69  VAL A O   1 
ATOM   304  C CB  . VAL A 1 42  ? 10.877  11.100  -8.998  1.00 25.20 ? 69  VAL A CB  1 
ATOM   305  C CG1 . VAL A 1 42  ? 10.204  11.019  -10.364 1.00 26.11 ? 69  VAL A CG1 1 
ATOM   306  C CG2 . VAL A 1 42  ? 11.934  12.199  -9.009  1.00 25.05 ? 69  VAL A CG2 1 
ATOM   307  N N   . VAL A 1 43  ? 8.890   9.122   -7.648  1.00 20.47 ? 70  VAL A N   1 
ATOM   308  C CA  . VAL A 1 43  ? 7.866   8.103   -7.921  1.00 20.21 ? 70  VAL A CA  1 
ATOM   309  C C   . VAL A 1 43  ? 6.663   8.241   -6.964  1.00 20.29 ? 70  VAL A C   1 
ATOM   310  O O   . VAL A 1 43  ? 5.520   8.461   -7.404  1.00 19.74 ? 70  VAL A O   1 
ATOM   311  C CB  . VAL A 1 43  ? 8.511   6.693   -7.933  1.00 20.75 ? 70  VAL A CB  1 
ATOM   312  C CG1 . VAL A 1 43  ? 7.497   5.575   -8.152  1.00 21.28 ? 70  VAL A CG1 1 
ATOM   313  C CG2 . VAL A 1 43  ? 9.614   6.648   -9.002  1.00 21.02 ? 70  VAL A CG2 1 
ATOM   314  N N   . LEU A 1 44  ? 6.923   8.172   -5.669  1.00 19.79 ? 71  LEU A N   1 
ATOM   315  C CA  . LEU A 1 44  ? 5.876   8.273   -4.670  1.00 20.14 ? 71  LEU A CA  1 
ATOM   316  C C   . LEU A 1 44  ? 5.176   9.631   -4.762  1.00 21.83 ? 71  LEU A C   1 
ATOM   317  O O   . LEU A 1 44  ? 3.956   9.689   -4.796  1.00 19.10 ? 71  LEU A O   1 
ATOM   318  C CB  . LEU A 1 44  ? 6.457   8.074   -3.261  1.00 20.43 ? 71  LEU A CB  1 
ATOM   319  C CG  . LEU A 1 44  ? 5.558   8.012   -2.017  1.00 21.23 ? 71  LEU A CG  1 
ATOM   320  C CD1 . LEU A 1 44  ? 5.021   9.357   -1.571  1.00 21.47 ? 71  LEU A CD1 1 
ATOM   321  C CD2 . LEU A 1 44  ? 4.419   7.017   -2.189  1.00 21.62 ? 71  LEU A CD2 1 
ATOM   322  N N   . LYS A 1 45  ? 5.937   10.720  -4.793  1.00 23.76 ? 72  LYS A N   1 
ATOM   323  C CA  . LYS A 1 45  ? 5.293   12.024  -4.735  1.00 26.55 ? 72  LYS A CA  1 
ATOM   324  C C   . LYS A 1 45  ? 4.502   12.407  -5.976  1.00 27.26 ? 72  LYS A C   1 
ATOM   325  O O   . LYS A 1 45  ? 3.549   13.161  -5.857  1.00 30.05 ? 72  LYS A O   1 
ATOM   326  C CB  . LYS A 1 45  ? 6.266   13.103  -4.302  1.00 29.76 ? 72  LYS A CB  1 
ATOM   327  C CG  . LYS A 1 45  ? 6.542   12.985  -2.818  1.00 33.34 ? 72  LYS A CG  1 
ATOM   328  C CD  . LYS A 1 45  ? 7.418   14.099  -2.280  1.00 37.41 ? 72  LYS A CD  1 
ATOM   329  C CE  . LYS A 1 45  ? 7.990   13.681  -0.934  1.00 39.64 ? 72  LYS A CE  1 
ATOM   330  N NZ  . LYS A 1 45  ? 8.319   14.841  -0.060  1.00 43.05 ? 72  LYS A NZ  1 
ATOM   331  N N   . THR A 1 46  ? 4.838   11.867  -7.141  1.00 27.37 ? 73  THR A N   1 
ATOM   332  C CA  . THR A 1 46  ? 4.010   12.085  -8.322  1.00 28.65 ? 73  THR A CA  1 
ATOM   333  C C   . THR A 1 46  ? 2.734   11.203  -8.272  1.00 27.08 ? 73  THR A C   1 
ATOM   334  O O   . THR A 1 46  ? 1.633   11.705  -8.509  1.00 23.68 ? 73  THR A O   1 
ATOM   335  C CB  . THR A 1 46  ? 4.762   11.891  -9.655  1.00 30.00 ? 73  THR A CB  1 
ATOM   336  O OG1 . THR A 1 46  ? 5.065   10.512  -9.870  1.00 35.10 ? 73  THR A OG1 1 
ATOM   337  C CG2 . THR A 1 46  ? 6.024   12.748  -9.724  1.00 30.80 ? 73  THR A CG2 1 
ATOM   338  N N   . LEU A 1 47  ? 2.863   9.923   -7.919  1.00 23.49 ? 74  LEU A N   1 
ATOM   339  C CA  . LEU A 1 47  ? 1.668   9.090   -7.695  1.00 22.21 ? 74  LEU A CA  1 
ATOM   340  C C   . LEU A 1 47  ? 0.744   9.661   -6.608  1.00 20.69 ? 74  LEU A C   1 
ATOM   341  O O   . LEU A 1 47  ? -0.480  9.573   -6.736  1.00 20.07 ? 74  LEU A O   1 
ATOM   342  C CB  . LEU A 1 47  ? 2.019   7.653   -7.311  1.00 22.96 ? 74  LEU A CB  1 
ATOM   343  C CG  . LEU A 1 47  ? 2.772   6.749   -8.286  1.00 24.77 ? 74  LEU A CG  1 
ATOM   344  C CD1 . LEU A 1 47  ? 2.669   5.303   -7.819  1.00 25.82 ? 74  LEU A CD1 1 
ATOM   345  C CD2 . LEU A 1 47  ? 2.239   6.864   -9.697  1.00 25.66 ? 74  LEU A CD2 1 
ATOM   346  N N   . TRP A 1 48  ? 1.322   10.234  -5.557  1.00 19.04 ? 75  TRP A N   1 
ATOM   347  C CA  . TRP A 1 48  ? 0.557   10.692  -4.392  1.00 19.12 ? 75  TRP A CA  1 
ATOM   348  C C   . TRP A 1 48  ? -0.396  11.820  -4.763  1.00 19.97 ? 75  TRP A C   1 
ATOM   349  O O   . TRP A 1 48  ? -1.483  11.897  -4.211  1.00 21.01 ? 75  TRP A O   1 
ATOM   350  C CB  . TRP A 1 48  ? 1.491   11.174  -3.276  1.00 18.99 ? 75  TRP A CB  1 
ATOM   351  C CG  . TRP A 1 48  ? 0.824   11.434  -1.964  1.00 18.44 ? 75  TRP A CG  1 
ATOM   352  C CD1 . TRP A 1 48  ? 0.308   12.620  -1.514  1.00 18.22 ? 75  TRP A CD1 1 
ATOM   353  C CD2 . TRP A 1 48  ? 0.614   10.484  -0.915  1.00 17.80 ? 75  TRP A CD2 1 
ATOM   354  N NE1 . TRP A 1 48  ? -0.230  12.459  -0.259  1.00 18.02 ? 75  TRP A NE1 1 
ATOM   355  C CE2 . TRP A 1 48  ? -0.048  11.159  0.137   1.00 18.13 ? 75  TRP A CE2 1 
ATOM   356  C CE3 . TRP A 1 48  ? 0.937   9.133   -0.752  1.00 18.03 ? 75  TRP A CE3 1 
ATOM   357  C CZ2 . TRP A 1 48  ? -0.377  10.529  1.334   1.00 18.07 ? 75  TRP A CZ2 1 
ATOM   358  C CZ3 . TRP A 1 48  ? 0.584   8.506   0.431   1.00 17.75 ? 75  TRP A CZ3 1 
ATOM   359  C CH2 . TRP A 1 48  ? -0.061  9.200   1.457   1.00 17.59 ? 75  TRP A CH2 1 
ATOM   360  N N   . LYS A 1 49  ? 0.038   12.683  -5.676  1.00 20.59 ? 76  LYS A N   1 
ATOM   361  C CA  . LYS A 1 49  ? -0.770  13.810  -6.167  1.00 22.77 ? 76  LYS A CA  1 
ATOM   362  C C   . LYS A 1 49  ? -1.865  13.438  -7.178  1.00 20.64 ? 76  LYS A C   1 
ATOM   363  O O   . LYS A 1 49  ? -2.720  14.270  -7.480  1.00 22.67 ? 76  LYS A O   1 
ATOM   364  C CB  . LYS A 1 49  ? 0.132   14.871  -6.801  1.00 24.26 ? 76  LYS A CB  1 
ATOM   365  C CG  . LYS A 1 49  ? 0.951   15.672  -5.800  1.00 27.27 ? 76  LYS A CG  1 
ATOM   366  C CD  . LYS A 1 49  ? 1.983   16.537  -6.519  1.00 30.23 ? 76  LYS A CD  1 
ATOM   367  C CE  . LYS A 1 49  ? 2.402   17.760  -5.702  1.00 32.89 ? 76  LYS A CE  1 
ATOM   368  N NZ  . LYS A 1 49  ? 3.234   17.442  -4.503  1.00 32.23 ? 76  LYS A NZ  1 
ATOM   369  N N   . HIS A 1 50  ? -1.838  12.223  -7.715  1.00 19.00 ? 77  HIS A N   1 
ATOM   370  C CA  . HIS A 1 50  ? -2.820  11.806  -8.727  1.00 17.74 ? 77  HIS A CA  1 
ATOM   371  C C   . HIS A 1 50  ? -4.221  11.703  -8.087  1.00 17.20 ? 77  HIS A C   1 
ATOM   372  O O   . HIS A 1 50  ? -4.356  11.288  -6.933  1.00 17.22 ? 77  HIS A O   1 
ATOM   373  C CB  . HIS A 1 50  ? -2.380  10.473  -9.344  1.00 17.26 ? 77  HIS A CB  1 
ATOM   374  C CG  . HIS A 1 50  ? -3.045  10.151  -10.645 1.00 17.44 ? 77  HIS A CG  1 
ATOM   375  N ND1 . HIS A 1 50  ? -4.355  9.741   -10.735 1.00 17.50 ? 77  HIS A ND1 1 
ATOM   376  C CD2 . HIS A 1 50  ? -2.573  10.144  -11.907 1.00 17.49 ? 77  HIS A CD2 1 
ATOM   377  C CE1 . HIS A 1 50  ? -4.666  9.496   -11.990 1.00 17.56 ? 77  HIS A CE1 1 
ATOM   378  N NE2 . HIS A 1 50  ? -3.600  9.738   -12.724 1.00 17.80 ? 77  HIS A NE2 1 
ATOM   379  N N   . GLN A 1 51  ? -5.252  12.104  -8.827  1.00 17.32 ? 78  GLN A N   1 
ATOM   380  C CA  . GLN A 1 51  ? -6.661  11.995  -8.371  1.00 17.25 ? 78  GLN A CA  1 
ATOM   381  C C   . GLN A 1 51  ? -7.165  10.548  -8.080  1.00 16.64 ? 78  GLN A C   1 
ATOM   382  O O   . GLN A 1 51  ? -8.191  10.383  -7.446  1.00 17.38 ? 78  GLN A O   1 
ATOM   383  C CB  . GLN A 1 51  ? -7.604  12.640  -9.380  1.00 17.69 ? 78  GLN A CB  1 
ATOM   384  C CG  . GLN A 1 51  ? -7.509  12.058  -10.798 1.00 18.18 ? 78  GLN A CG  1 
ATOM   385  C CD  . GLN A 1 51  ? -8.775  12.209  -11.612 1.00 19.17 ? 78  GLN A CD  1 
ATOM   386  O OE1 . GLN A 1 51  ? -9.830  12.596  -11.093 1.00 21.38 ? 78  GLN A OE1 1 
ATOM   387  N NE2 . GLN A 1 51  ? -8.691  11.886  -12.894 1.00 18.19 ? 78  GLN A NE2 1 
ATOM   388  N N   . PHE A 1 52  ? -6.429  9.525   -8.514  1.00 15.72 ? 79  PHE A N   1 
ATOM   389  C CA  . PHE A 1 52  ? -6.751  8.121   -8.257  1.00 15.51 ? 79  PHE A CA  1 
ATOM   390  C C   . PHE A 1 52  ? -5.947  7.560   -7.082  1.00 15.30 ? 79  PHE A C   1 
ATOM   391  O O   . PHE A 1 52  ? -6.106  6.379   -6.723  1.00 14.87 ? 79  PHE A O   1 
ATOM   392  C CB  . PHE A 1 52  ? -6.520  7.263   -9.501  1.00 15.64 ? 79  PHE A CB  1 
ATOM   393  C CG  . PHE A 1 52  ? -7.456  7.539   -10.645 1.00 15.88 ? 79  PHE A CG  1 
ATOM   394  C CD1 . PHE A 1 52  ? -8.612  8.313   -10.512 1.00 16.50 ? 79  PHE A CD1 1 
ATOM   395  C CD2 . PHE A 1 52  ? -7.197  6.958   -11.878 1.00 16.23 ? 79  PHE A CD2 1 
ATOM   396  C CE1 . PHE A 1 52  ? -9.446  8.533   -11.601 1.00 16.67 ? 79  PHE A CE1 1 
ATOM   397  C CE2 . PHE A 1 52  ? -8.042  7.162   -12.962 1.00 16.69 ? 79  PHE A CE2 1 
ATOM   398  C CZ  . PHE A 1 52  ? -9.156  7.957   -12.833 1.00 16.32 ? 79  PHE A CZ  1 
ATOM   399  N N   . ALA A 1 53  ? -5.117  8.399   -6.457  1.00 14.71 ? 80  ALA A N   1 
ATOM   400  C CA  . ALA A 1 53  ? -4.263  7.973   -5.353  1.00 14.80 ? 80  ALA A CA  1 
ATOM   401  C C   . ALA A 1 53  ? -4.996  7.732   -4.060  1.00 15.03 ? 80  ALA A C   1 
ATOM   402  O O   . ALA A 1 53  ? -4.572  6.882   -3.281  1.00 15.29 ? 80  ALA A O   1 
ATOM   403  C CB  . ALA A 1 53  ? -3.161  8.990   -5.115  1.00 14.45 ? 80  ALA A CB  1 
ATOM   404  N N   . TRP A 1 54  ? -6.072  8.481   -3.793  1.00 14.75 ? 81  TRP A N   1 
ATOM   405  C CA  . TRP A 1 54  ? -6.664  8.484   -2.435  1.00 15.02 ? 81  TRP A CA  1 
ATOM   406  C C   . TRP A 1 54  ? -7.079  7.146   -1.804  1.00 14.84 ? 81  TRP A C   1 
ATOM   407  O O   . TRP A 1 54  ? -6.900  6.978   -0.592  1.00 16.37 ? 81  TRP A O   1 
ATOM   408  C CB  . TRP A 1 54  ? -7.810  9.510   -2.303  1.00 14.79 ? 81  TRP A CB  1 
ATOM   409  C CG  . TRP A 1 54  ? -8.959  9.224   -3.189  1.00 15.25 ? 81  TRP A CG  1 
ATOM   410  C CD1 . TRP A 1 54  ? -9.176  9.723   -4.435  1.00 15.67 ? 81  TRP A CD1 1 
ATOM   411  C CD2 . TRP A 1 54  ? -10.038 8.338   -2.914  1.00 15.33 ? 81  TRP A CD2 1 
ATOM   412  N NE1 . TRP A 1 54  ? -10.336 9.201   -4.957  1.00 15.89 ? 81  TRP A NE1 1 
ATOM   413  C CE2 . TRP A 1 54  ? -10.888 8.354   -4.034  1.00 15.72 ? 81  TRP A CE2 1 
ATOM   414  C CE3 . TRP A 1 54  ? -10.372 7.532   -1.822  1.00 16.28 ? 81  TRP A CE3 1 
ATOM   415  C CZ2 . TRP A 1 54  ? -12.056 7.600   -4.089  1.00 16.20 ? 81  TRP A CZ2 1 
ATOM   416  C CZ3 . TRP A 1 54  ? -11.522 6.785   -1.878  1.00 16.23 ? 81  TRP A CZ3 1 
ATOM   417  C CH2 . TRP A 1 54  ? -12.359 6.826   -2.999  1.00 15.78 ? 81  TRP A CH2 1 
ATOM   418  N N   . PRO A 1 55  ? -7.619  6.186   -2.585  1.00 14.74 ? 82  PRO A N   1 
ATOM   419  C CA  . PRO A 1 55  ? -7.907  4.884   -1.956  1.00 14.31 ? 82  PRO A CA  1 
ATOM   420  C C   . PRO A 1 55  ? -6.670  4.130   -1.431  1.00 14.05 ? 82  PRO A C   1 
ATOM   421  O O   . PRO A 1 55  ? -6.819  3.196   -0.610  1.00 12.95 ? 82  PRO A O   1 
ATOM   422  C CB  . PRO A 1 55  ? -8.554  4.081   -3.091  1.00 14.67 ? 82  PRO A CB  1 
ATOM   423  C CG  . PRO A 1 55  ? -8.931  5.069   -4.123  1.00 14.74 ? 82  PRO A CG  1 
ATOM   424  C CD  . PRO A 1 55  ? -7.878  6.126   -4.029  1.00 14.89 ? 82  PRO A CD  1 
ATOM   425  N N   . PHE A 1 56  ? -5.486  4.527   -1.912  1.00 13.59 ? 83  PHE A N   1 
ATOM   426  C CA  . PHE A 1 56  ? -4.225  3.853   -1.641  1.00 13.51 ? 83  PHE A CA  1 
ATOM   427  C C   . PHE A 1 56  ? -3.341  4.599   -0.658  1.00 13.57 ? 83  PHE A C   1 
ATOM   428  O O   . PHE A 1 56  ? -2.272  4.104   -0.296  1.00 13.26 ? 83  PHE A O   1 
ATOM   429  C CB  . PHE A 1 56  ? -3.467  3.682   -2.960  1.00 14.14 ? 83  PHE A CB  1 
ATOM   430  C CG  . PHE A 1 56  ? -4.266  2.997   -4.014  1.00 14.39 ? 83  PHE A CG  1 
ATOM   431  C CD1 . PHE A 1 56  ? -4.376  1.614   -4.026  1.00 15.54 ? 83  PHE A CD1 1 
ATOM   432  C CD2 . PHE A 1 56  ? -4.949  3.729   -4.971  1.00 14.47 ? 83  PHE A CD2 1 
ATOM   433  C CE1 . PHE A 1 56  ? -5.143  0.970   -4.991  1.00 15.42 ? 83  PHE A CE1 1 
ATOM   434  C CE2 . PHE A 1 56  ? -5.706  3.095   -5.937  1.00 14.41 ? 83  PHE A CE2 1 
ATOM   435  C CZ  . PHE A 1 56  ? -5.798  1.715   -5.950  1.00 14.62 ? 83  PHE A CZ  1 
ATOM   436  N N   . GLN A 1 57  ? -3.798  5.758   -0.177  1.00 13.86 ? 84  GLN A N   1 
ATOM   437  C CA  . GLN A 1 57  ? -2.968  6.626   0.667   1.00 15.09 ? 84  GLN A CA  1 
ATOM   438  C C   . GLN A 1 57  ? -2.898  6.239   2.150   1.00 15.50 ? 84  GLN A C   1 
ATOM   439  O O   . GLN A 1 57  ? -2.182  6.883   2.908   1.00 16.10 ? 84  GLN A O   1 
ATOM   440  C CB  . GLN A 1 57  ? -3.444  8.077   0.552   1.00 15.04 ? 84  GLN A CB  1 
ATOM   441  C CG  . GLN A 1 57  ? -2.989  8.764   -0.720  1.00 16.01 ? 84  GLN A CG  1 
ATOM   442  C CD  . GLN A 1 57  ? -3.615  10.144  -0.896  1.00 16.80 ? 84  GLN A CD  1 
ATOM   443  O OE1 . GLN A 1 57  ? -4.631  10.454  -0.304  1.00 18.01 ? 84  GLN A OE1 1 
ATOM   444  N NE2 . GLN A 1 57  ? -3.014  10.959  -1.725  1.00 18.75 ? 84  GLN A NE2 1 
ATOM   445  N N   . GLN A 1 58  ? -3.634  5.203   2.557   1.00 15.89 ? 85  GLN A N   1 
ATOM   446  C CA  . GLN A 1 58  ? -3.601  4.689   3.914   1.00 16.01 ? 85  GLN A CA  1 
ATOM   447  C C   . GLN A 1 58  ? -4.024  3.220   3.915   1.00 15.45 ? 85  GLN A C   1 
ATOM   448  O O   . GLN A 1 58  ? -4.600  2.730   2.936   1.00 14.52 ? 85  GLN A O   1 
ATOM   449  C CB  . GLN A 1 58  ? -4.530  5.508   4.837   1.00 16.74 ? 85  GLN A CB  1 
ATOM   450  C CG  . GLN A 1 58  ? -6.013  5.528   4.442   1.00 18.00 ? 85  GLN A CG  1 
ATOM   451  C CD  . GLN A 1 58  ? -6.253  6.327   3.175   1.00 19.16 ? 85  GLN A CD  1 
ATOM   452  O OE1 . GLN A 1 58  ? -5.823  7.474   3.069   1.00 20.46 ? 85  GLN A OE1 1 
ATOM   453  N NE2 . GLN A 1 58  ? -6.906  5.707   2.189   1.00 20.31 ? 85  GLN A NE2 1 
ATOM   454  N N   . PRO A 1 59  ? -3.783  2.520   5.031   1.00 14.98 ? 86  PRO A N   1 
ATOM   455  C CA  . PRO A 1 59  ? -4.225  1.124   5.036   1.00 15.24 ? 86  PRO A CA  1 
ATOM   456  C C   . PRO A 1 59  ? -5.734  1.003   4.835   1.00 15.93 ? 86  PRO A C   1 
ATOM   457  O O   . PRO A 1 59  ? -6.480  1.924   5.185   1.00 15.51 ? 86  PRO A O   1 
ATOM   458  C CB  . PRO A 1 59  ? -3.789  0.620   6.411   1.00 14.91 ? 86  PRO A CB  1 
ATOM   459  C CG  . PRO A 1 59  ? -2.693  1.541   6.871   1.00 15.03 ? 86  PRO A CG  1 
ATOM   460  C CD  . PRO A 1 59  ? -2.961  2.863   6.209   1.00 15.18 ? 86  PRO A CD  1 
ATOM   461  N N   . VAL A 1 60  ? -6.175  -0.105  4.247   1.00 15.49 ? 87  VAL A N   1 
ATOM   462  C CA  . VAL A 1 60  ? -7.579  -0.289  3.995   1.00 16.70 ? 87  VAL A CA  1 
ATOM   463  C C   . VAL A 1 60  ? -8.331  -0.340  5.324   1.00 17.29 ? 87  VAL A C   1 
ATOM   464  O O   . VAL A 1 60  ? -8.041  -1.163  6.190   1.00 16.85 ? 87  VAL A O   1 
ATOM   465  C CB  . VAL A 1 60  ? -7.858  -1.550  3.148   1.00 17.31 ? 87  VAL A CB  1 
ATOM   466  C CG1 . VAL A 1 60  ? -9.346  -1.828  3.083   1.00 17.46 ? 87  VAL A CG1 1 
ATOM   467  C CG2 . VAL A 1 60  ? -7.292  -1.354  1.754   1.00 17.02 ? 87  VAL A CG2 1 
ATOM   468  N N   . ASP A 1 61  ? -9.294  0.571   5.468   1.00 18.39 ? 88  ASP A N   1 
ATOM   469  C CA  . ASP A 1 61  ? -10.204 0.596   6.624   1.00 17.91 ? 88  ASP A CA  1 
ATOM   470  C C   . ASP A 1 61  ? -11.431 -0.218  6.253   1.00 18.14 ? 88  ASP A C   1 
ATOM   471  O O   . ASP A 1 61  ? -12.424 0.309   5.734   1.00 17.48 ? 88  ASP A O   1 
ATOM   472  C CB  . ASP A 1 61  ? -10.557 2.034   6.982   1.00 18.42 ? 88  ASP A CB  1 
ATOM   473  C CG  . ASP A 1 61  ? -11.314 2.142   8.303   1.00 19.41 ? 88  ASP A CG  1 
ATOM   474  O OD1 . ASP A 1 61  ? -11.901 1.136   8.759   1.00 17.43 ? 88  ASP A OD1 1 
ATOM   475  O OD2 . ASP A 1 61  ? -11.312 3.250   8.881   1.00 21.21 ? 88  ASP A OD2 1 
ATOM   476  N N   . ALA A 1 62  ? -11.325 -1.520  6.496   1.00 17.23 ? 89  ALA A N   1 
ATOM   477  C CA  . ALA A 1 62  ? -12.361 -2.469  6.163   1.00 18.42 ? 89  ALA A CA  1 
ATOM   478  C C   . ALA A 1 62  ? -13.681 -2.194  6.925   1.00 18.99 ? 89  ALA A C   1 
ATOM   479  O O   . ALA A 1 62  ? -14.762 -2.494  6.428   1.00 18.74 ? 89  ALA A O   1 
ATOM   480  C CB  . ALA A 1 62  ? -11.861 -3.895  6.430   1.00 18.10 ? 89  ALA A CB  1 
ATOM   481  N N   . VAL A 1 63  ? -13.574 -1.628  8.126   1.00 19.92 ? 90  VAL A N   1 
ATOM   482  C CA  . VAL A 1 63  ? -14.739 -1.220  8.916   1.00 20.51 ? 90  VAL A CA  1 
ATOM   483  C C   . VAL A 1 63  ? -15.482 -0.069  8.221   1.00 20.59 ? 90  VAL A C   1 
ATOM   484  O O   . VAL A 1 63  ? -16.651 -0.210  7.856   1.00 19.51 ? 90  VAL A O   1 
ATOM   485  C CB  . VAL A 1 63  ? -14.334 -0.803  10.349  1.00 21.09 ? 90  VAL A CB  1 
ATOM   486  C CG1 . VAL A 1 63  ? -15.555 -0.327  11.141  1.00 22.25 ? 90  VAL A CG1 1 
ATOM   487  C CG2 . VAL A 1 63  ? -13.622 -1.966  11.056  1.00 21.17 ? 90  VAL A CG2 1 
ATOM   488  N N   . LYS A 1 64  ? -14.784 1.037   7.990   1.00 20.78 ? 91  LYS A N   1 
ATOM   489  C CA  . LYS A 1 64  ? -15.407 2.239   7.369   1.00 21.53 ? 91  LYS A CA  1 
ATOM   490  C C   . LYS A 1 64  ? -15.962 1.946   5.975   1.00 21.61 ? 91  LYS A C   1 
ATOM   491  O O   . LYS A 1 64  ? -17.076 2.360   5.626   1.00 23.64 ? 91  LYS A O   1 
ATOM   492  C CB  . LYS A 1 64  ? -14.394 3.372   7.289   1.00 21.87 ? 91  LYS A CB  1 
ATOM   493  C CG  . LYS A 1 64  ? -14.919 4.674   6.687   1.00 23.43 ? 91  LYS A CG  1 
ATOM   494  C CD  . LYS A 1 64  ? -13.779 5.653   6.516   1.00 25.20 ? 91  LYS A CD  1 
ATOM   495  C CE  . LYS A 1 64  ? -14.294 7.036   6.191   1.00 27.65 ? 91  LYS A CE  1 
ATOM   496  N NZ  . LYS A 1 64  ? -13.211 8.054   6.292   1.00 28.82 ? 91  LYS A NZ  1 
ATOM   497  N N   . LEU A 1 65  ? -15.185 1.207   5.190   1.00 20.55 ? 92  LEU A N   1 
ATOM   498  C CA  . LEU A 1 65  ? -15.541 0.899   3.825   1.00 21.46 ? 92  LEU A CA  1 
ATOM   499  C C   . LEU A 1 65  ? -16.541 -0.251  3.688   1.00 21.23 ? 92  LEU A C   1 
ATOM   500  O O   . LEU A 1 65  ? -16.957 -0.559  2.577   1.00 21.98 ? 92  LEU A O   1 
ATOM   501  C CB  . LEU A 1 65  ? -14.270 0.583   3.041   1.00 22.16 ? 92  LEU A CB  1 
ATOM   502  C CG  . LEU A 1 65  ? -13.214 1.674   2.918   1.00 23.25 ? 92  LEU A CG  1 
ATOM   503  C CD1 . LEU A 1 65  ? -11.939 1.072   2.358   1.00 24.75 ? 92  LEU A CD1 1 
ATOM   504  C CD2 . LEU A 1 65  ? -13.693 2.792   2.008   1.00 24.87 ? 92  LEU A CD2 1 
ATOM   505  N N   . ASN A 1 66  ? -16.902 -0.901  4.789   1.00 21.27 ? 93  ASN A N   1 
ATOM   506  C CA  . ASN A 1 66  ? -17.803 -2.047  4.768   1.00 22.39 ? 93  ASN A CA  1 
ATOM   507  C C   . ASN A 1 66  ? -17.313 -3.140  3.793   1.00 21.38 ? 93  ASN A C   1 
ATOM   508  O O   . ASN A 1 66  ? -18.033 -3.573  2.880   1.00 20.94 ? 93  ASN A O   1 
ATOM   509  C CB  . ASN A 1 66  ? -19.247 -1.584  4.470   1.00 26.12 ? 93  ASN A CB  1 
ATOM   510  C CG  . ASN A 1 66  ? -19.711 -0.465  5.408   1.00 29.49 ? 93  ASN A CG  1 
ATOM   511  O OD1 . ASN A 1 66  ? -19.548 -0.553  6.634   1.00 33.70 ? 93  ASN A OD1 1 
ATOM   512  N ND2 . ASN A 1 66  ? -20.294 0.599   4.840   1.00 32.87 ? 93  ASN A ND2 1 
ATOM   513  N N   . LEU A 1 67  ? -16.062 -3.555  4.001   1.00 19.48 ? 94  LEU A N   1 
ATOM   514  C CA  . LEU A 1 67  ? -15.415 -4.627  3.238   1.00 19.52 ? 94  LEU A CA  1 
ATOM   515  C C   . LEU A 1 67  ? -14.985 -5.679  4.258   1.00 17.60 ? 94  LEU A C   1 
ATOM   516  O O   . LEU A 1 67  ? -13.787 -5.918  4.446   1.00 16.28 ? 94  LEU A O   1 
ATOM   517  C CB  . LEU A 1 67  ? -14.191 -4.102  2.476   1.00 19.38 ? 94  LEU A CB  1 
ATOM   518  C CG  . LEU A 1 67  ? -14.417 -2.911  1.504   1.00 21.66 ? 94  LEU A CG  1 
ATOM   519  C CD1 . LEU A 1 67  ? -13.081 -2.417  0.973   1.00 20.51 ? 94  LEU A CD1 1 
ATOM   520  C CD2 . LEU A 1 67  ? -15.358 -3.271  0.358   1.00 21.18 ? 94  LEU A CD2 1 
ATOM   521  N N   . PRO A 1 68  ? -15.963 -6.289  4.952   1.00 16.95 ? 95  PRO A N   1 
ATOM   522  C CA  . PRO A 1 68  ? -15.595 -7.124  6.104   1.00 16.84 ? 95  PRO A CA  1 
ATOM   523  C C   . PRO A 1 68  ? -14.794 -8.366  5.760   1.00 15.84 ? 95  PRO A C   1 
ATOM   524  O O   . PRO A 1 68  ? -14.162 -8.934  6.634   1.00 14.59 ? 95  PRO A O   1 
ATOM   525  C CB  . PRO A 1 68  ? -16.956 -7.494  6.725   1.00 16.88 ? 95  PRO A CB  1 
ATOM   526  C CG  . PRO A 1 68  ? -17.937 -7.342  5.622   1.00 17.36 ? 95  PRO A CG  1 
ATOM   527  C CD  . PRO A 1 68  ? -17.430 -6.199  4.788   1.00 17.61 ? 95  PRO A CD  1 
ATOM   528  N N   . ASP A 1 69  ? -14.855 -8.779  4.497   1.00 15.20 ? 96  ASP A N   1 
ATOM   529  C CA  . ASP A 1 69  ? -14.033 -9.873  3.992   1.00 15.61 ? 96  ASP A CA  1 
ATOM   530  C C   . ASP A 1 69  ? -12.619 -9.463  3.537   1.00 14.97 ? 96  ASP A C   1 
ATOM   531  O O   . ASP A 1 69  ? -11.869 -10.334 3.091   1.00 14.45 ? 96  ASP A O   1 
ATOM   532  C CB  . ASP A 1 69  ? -14.746 -10.590 2.831   1.00 15.78 ? 96  ASP A CB  1 
ATOM   533  C CG  . ASP A 1 69  ? -15.154 -9.658  1.704   1.00 15.14 ? 96  ASP A CG  1 
ATOM   534  O OD1 . ASP A 1 69  ? -14.975 -8.437  1.784   1.00 15.96 ? 96  ASP A OD1 1 
ATOM   535  O OD2 . ASP A 1 69  ? -15.701 -10.163 0.733   1.00 17.12 ? 96  ASP A OD2 1 
ATOM   536  N N   . TYR A 1 70  ? -12.244 -8.181  3.671   1.00 14.39 ? 97  TYR A N   1 
ATOM   537  C CA  . TYR A 1 70  ? -11.003 -7.691  3.045   1.00 13.47 ? 97  TYR A CA  1 
ATOM   538  C C   . TYR A 1 70  ? -9.804  -8.414  3.596   1.00 13.00 ? 97  TYR A C   1 
ATOM   539  O O   . TYR A 1 70  ? -9.035  -8.981  2.840   1.00 13.24 ? 97  TYR A O   1 
ATOM   540  C CB  . TYR A 1 70  ? -10.800 -6.185  3.223   1.00 13.19 ? 97  TYR A CB  1 
ATOM   541  C CG  . TYR A 1 70  ? -9.591  -5.718  2.410   1.00 12.94 ? 97  TYR A CG  1 
ATOM   542  C CD1 . TYR A 1 70  ? -9.709  -5.476  1.036   1.00 13.05 ? 97  TYR A CD1 1 
ATOM   543  C CD2 . TYR A 1 70  ? -8.327  -5.587  2.996   1.00 12.67 ? 97  TYR A CD2 1 
ATOM   544  C CE1 . TYR A 1 70  ? -8.607  -5.079  0.270   1.00 12.76 ? 97  TYR A CE1 1 
ATOM   545  C CE2 . TYR A 1 70  ? -7.211  -5.191  2.245   1.00 12.56 ? 97  TYR A CE2 1 
ATOM   546  C CZ  . TYR A 1 70  ? -7.353  -4.935  0.888   1.00 12.21 ? 97  TYR A CZ  1 
ATOM   547  O OH  . TYR A 1 70  ? -6.254  -4.563  0.147   1.00 12.26 ? 97  TYR A OH  1 
ATOM   548  N N   . TYR A 1 71  ? -9.679  -8.419  4.920   1.00 13.18 ? 98  TYR A N   1 
ATOM   549  C CA  . TYR A 1 71  ? -8.571  -9.085  5.584   1.00 13.62 ? 98  TYR A CA  1 
ATOM   550  C C   . TYR A 1 71  ? -8.763  -10.590 5.795   1.00 13.25 ? 98  TYR A C   1 
ATOM   551  O O   . TYR A 1 71  ? -7.851  -11.243 6.287   1.00 12.66 ? 98  TYR A O   1 
ATOM   552  C CB  . TYR A 1 71  ? -8.221  -8.372  6.886   1.00 13.78 ? 98  TYR A CB  1 
ATOM   553  C CG  . TYR A 1 71  ? -7.754  -6.942  6.632   1.00 13.51 ? 98  TYR A CG  1 
ATOM   554  C CD1 . TYR A 1 71  ? -6.531  -6.705  6.030   1.00 13.91 ? 98  TYR A CD1 1 
ATOM   555  C CD2 . TYR A 1 71  ? -8.533  -5.846  6.981   1.00 13.63 ? 98  TYR A CD2 1 
ATOM   556  C CE1 . TYR A 1 71  ? -6.087  -5.430  5.780   1.00 13.20 ? 98  TYR A CE1 1 
ATOM   557  C CE2 . TYR A 1 71  ? -8.084  -4.540  6.738   1.00 13.97 ? 98  TYR A CE2 1 
ATOM   558  C CZ  . TYR A 1 71  ? -6.859  -4.352  6.129   1.00 13.89 ? 98  TYR A CZ  1 
ATOM   559  O OH  . TYR A 1 71  ? -6.342  -3.098  5.887   1.00 13.89 ? 98  TYR A OH  1 
ATOM   560  N N   . LYS A 1 72  ? -9.917  -11.131 5.408   1.00 14.65 ? 99  LYS A N   1 
ATOM   561  C CA  . LYS A 1 72  ? -10.063 -12.590 5.234   1.00 16.03 ? 99  LYS A CA  1 
ATOM   562  C C   . LYS A 1 72  ? -9.330  -13.030 3.957   1.00 16.12 ? 99  LYS A C   1 
ATOM   563  O O   . LYS A 1 72  ? -8.792  -14.140 3.889   1.00 16.25 ? 99  LYS A O   1 
ATOM   564  C CB  . LYS A 1 72  ? -11.535 -13.019 5.151   1.00 17.68 ? 99  LYS A CB  1 
ATOM   565  C CG  . LYS A 1 72  ? -12.447 -12.505 6.268   1.00 19.42 ? 99  LYS A CG  1 
ATOM   566  C CD  . LYS A 1 72  ? -11.898 -12.820 7.624   1.00 21.11 ? 99  LYS A CD  1 
ATOM   567  C CE  . LYS A 1 72  ? -12.926 -12.701 8.748   1.00 22.95 ? 99  LYS A CE  1 
ATOM   568  N NZ  . LYS A 1 72  ? -12.206 -12.368 10.018  1.00 24.00 ? 99  LYS A NZ  1 
ATOM   569  N N   . ILE A 1 73  ? -9.313  -12.153 2.953   1.00 16.45 ? 100 ILE A N   1 
ATOM   570  C CA  . ILE A 1 73  ? -8.722  -12.453 1.635   1.00 16.23 ? 100 ILE A CA  1 
ATOM   571  C C   . ILE A 1 73  ? -7.285  -11.935 1.488   1.00 15.53 ? 100 ILE A C   1 
ATOM   572  O O   . ILE A 1 73  ? -6.444  -12.643 0.947   1.00 16.33 ? 100 ILE A O   1 
ATOM   573  C CB  . ILE A 1 73  ? -9.621  -11.904 0.508   1.00 16.65 ? 100 ILE A CB  1 
ATOM   574  C CG1 . ILE A 1 73  ? -10.989 -12.621 0.532   1.00 17.18 ? 100 ILE A CG1 1 
ATOM   575  C CG2 . ILE A 1 73  ? -8.993  -12.100 -0.860  1.00 17.45 ? 100 ILE A CG2 1 
ATOM   576  C CD1 . ILE A 1 73  ? -12.087 -11.861 -0.188  1.00 17.54 ? 100 ILE A CD1 1 
ATOM   577  N N   . ILE A 1 74  ? -7.033  -10.717 1.960   1.00 14.22 ? 101 ILE A N   1 
ATOM   578  C CA  . ILE A 1 74  ? -5.731  -10.057 1.876   1.00 14.12 ? 101 ILE A CA  1 
ATOM   579  C C   . ILE A 1 74  ? -4.963  -10.218 3.172   1.00 14.31 ? 101 ILE A C   1 
ATOM   580  O O   . ILE A 1 74  ? -5.311  -9.584  4.157   1.00 14.25 ? 101 ILE A O   1 
ATOM   581  C CB  . ILE A 1 74  ? -5.908  -8.558  1.543   1.00 14.12 ? 101 ILE A CB  1 
ATOM   582  C CG1 . ILE A 1 74  ? -6.644  -8.421  0.197   1.00 13.72 ? 101 ILE A CG1 1 
ATOM   583  C CG2 . ILE A 1 74  ? -4.557  -7.854  1.542   1.00 14.52 ? 101 ILE A CG2 1 
ATOM   584  C CD1 . ILE A 1 74  ? -6.075  -9.220  -0.947  1.00 13.52 ? 101 ILE A CD1 1 
ATOM   585  N N   . LYS A 1 75  ? -3.933  -11.078 3.152   1.00 14.62 ? 102 LYS A N   1 
ATOM   586  C CA  . LYS A 1 75  ? -3.083  -11.356 4.312   1.00 16.25 ? 102 LYS A CA  1 
ATOM   587  C C   . LYS A 1 75  ? -1.765  -10.566 4.347   1.00 16.29 ? 102 LYS A C   1 
ATOM   588  O O   . LYS A 1 75  ? -1.093  -10.579 5.371   1.00 15.10 ? 102 LYS A O   1 
ATOM   589  C CB  . LYS A 1 75  ? -2.742  -12.855 4.389   1.00 16.93 ? 102 LYS A CB  1 
ATOM   590  C CG  . LYS A 1 75  ? -3.939  -13.795 4.437   1.00 17.57 ? 102 LYS A CG  1 
ATOM   591  C CD  . LYS A 1 75  ? -4.978  -13.308 5.439   1.00 18.61 ? 102 LYS A CD  1 
ATOM   592  C CE  . LYS A 1 75  ? -5.906  -14.417 5.895   1.00 19.08 ? 102 LYS A CE  1 
ATOM   593  N NZ  . LYS A 1 75  ? -6.948  -13.882 6.794   1.00 18.81 ? 102 LYS A NZ  1 
ATOM   594  N N   . THR A 1 76  ? -1.382  -9.921  3.243   1.00 16.48 ? 103 THR A N   1 
ATOM   595  C CA  . THR A 1 76  ? -0.193  -9.074  3.209   1.00 17.72 ? 103 THR A CA  1 
ATOM   596  C C   . THR A 1 76  ? -0.583  -7.671  2.724   1.00 16.56 ? 103 THR A C   1 
ATOM   597  O O   . THR A 1 76  ? -0.248  -7.277  1.633   1.00 17.21 ? 103 THR A O   1 
ATOM   598  C CB  . THR A 1 76  ? 0.932   -9.693  2.344   1.00 19.96 ? 103 THR A CB  1 
ATOM   599  O OG1 . THR A 1 76  ? 0.535   -9.711  0.977   1.00 26.28 ? 103 THR A OG1 1 
ATOM   600  C CG2 . THR A 1 76  ? 1.227   -11.126 2.773   1.00 20.15 ? 103 THR A CG2 1 
ATOM   601  N N   . PRO A 1 77  ? -1.316  -6.908  3.550   1.00 15.47 ? 104 PRO A N   1 
ATOM   602  C CA  . PRO A 1 77  ? -1.745  -5.600  3.093   1.00 14.49 ? 104 PRO A CA  1 
ATOM   603  C C   . PRO A 1 77  ? -0.587  -4.625  2.856   1.00 13.47 ? 104 PRO A C   1 
ATOM   604  O O   . PRO A 1 77  ? 0.443   -4.707  3.513   1.00 12.48 ? 104 PRO A O   1 
ATOM   605  C CB  . PRO A 1 77  ? -2.659  -5.101  4.219   1.00 15.01 ? 104 PRO A CB  1 
ATOM   606  C CG  . PRO A 1 77  ? -2.306  -5.924  5.405   1.00 16.29 ? 104 PRO A CG  1 
ATOM   607  C CD  . PRO A 1 77  ? -1.830  -7.245  4.885   1.00 15.67 ? 104 PRO A CD  1 
ATOM   608  N N   . MET A 1 78  ? -0.771  -3.706  1.919   1.00 12.68 ? 105 MET A N   1 
ATOM   609  C CA  . MET A 1 78  ? 0.194   -2.642  1.725   1.00 12.30 ? 105 MET A CA  1 
ATOM   610  C C   . MET A 1 78  ? -0.490  -1.458  1.096   1.00 12.22 ? 105 MET A C   1 
ATOM   611  O O   . MET A 1 78  ? -1.460  -1.619  0.366   1.00 11.95 ? 105 MET A O   1 
ATOM   612  C CB  . MET A 1 78  ? 1.374   -3.136  0.889   1.00 12.19 ? 105 MET A CB  1 
ATOM   613  C CG  . MET A 1 78  ? 2.542   -2.161  0.761   1.00 12.25 ? 105 MET A CG  1 
ATOM   614  S SD  . MET A 1 78  ? 3.182   -1.494  2.316   1.00 11.90 ? 105 MET A SD  1 
ATOM   615  C CE  . MET A 1 78  ? 3.654   -2.997  3.166   1.00 11.72 ? 105 MET A CE  1 
ATOM   616  N N   . ASP A 1 79  ? 0.021   -0.262  1.390   1.00 12.36 ? 106 ASP A N   1 
ATOM   617  C CA  . ASP A 1 79  ? -0.586  0.977   0.906   1.00 12.41 ? 106 ASP A CA  1 
ATOM   618  C C   . ASP A 1 79  ? 0.490   2.032   0.759   1.00 12.66 ? 106 ASP A C   1 
ATOM   619  O O   . ASP A 1 79  ? 1.573   1.867   1.309   1.00 12.64 ? 106 ASP A O   1 
ATOM   620  C CB  . ASP A 1 79  ? -1.632  1.427   1.901   1.00 12.44 ? 106 ASP A CB  1 
ATOM   621  C CG  . ASP A 1 79  ? -1.022  1.809   3.223   1.00 12.49 ? 106 ASP A CG  1 
ATOM   622  O OD1 . ASP A 1 79  ? -0.717  0.907   4.034   1.00 12.84 ? 106 ASP A OD1 1 
ATOM   623  O OD2 . ASP A 1 79  ? -0.792  3.007   3.424   1.00 12.66 ? 106 ASP A OD2 1 
ATOM   624  N N   . MET A 1 80  ? 0.202   3.115   0.045   1.00 12.89 ? 107 MET A N   1 
ATOM   625  C CA  . MET A 1 80  ? 1.217   4.133   -0.224  1.00 14.07 ? 107 MET A CA  1 
ATOM   626  C C   . MET A 1 80  ? 1.533   5.004   0.966   1.00 13.50 ? 107 MET A C   1 
ATOM   627  O O   . MET A 1 80  ? 2.596   5.639   0.995   1.00 13.81 ? 107 MET A O   1 
ATOM   628  C CB  . MET A 1 80  ? 0.832   5.062   -1.386  1.00 15.05 ? 107 MET A CB  1 
ATOM   629  C CG  . MET A 1 80  ? 0.851   4.436   -2.755  1.00 16.26 ? 107 MET A CG  1 
ATOM   630  S SD  . MET A 1 80  ? 1.116   5.671   -4.062  1.00 17.86 ? 107 MET A SD  1 
ATOM   631  C CE  . MET A 1 80  ? -0.317  6.693   -3.788  1.00 17.98 ? 107 MET A CE  1 
ATOM   632  N N   . GLY A 1 81  ? 0.614   5.092   1.922   1.00 13.33 ? 108 GLY A N   1 
ATOM   633  C CA  . GLY A 1 81  ? 0.885   5.816   3.176   1.00 13.29 ? 108 GLY A CA  1 
ATOM   634  C C   . GLY A 1 81  ? 1.992   5.116   3.943   1.00 12.59 ? 108 GLY A C   1 
ATOM   635  O O   . GLY A 1 81  ? 2.961   5.746   4.395   1.00 12.39 ? 108 GLY A O   1 
ATOM   636  N N   . THR A 1 82  ? 1.844   3.799   4.079   1.00 11.77 ? 109 THR A N   1 
ATOM   637  C CA  . THR A 1 82  ? 2.886   2.962   4.663   1.00 11.60 ? 109 THR A CA  1 
ATOM   638  C C   . THR A 1 82  ? 4.200   3.080   3.916   1.00 11.44 ? 109 THR A C   1 
ATOM   639  O O   . THR A 1 82  ? 5.246   3.246   4.547   1.00 12.20 ? 109 THR A O   1 
ATOM   640  C CB  . THR A 1 82  ? 2.460   1.487   4.712   1.00 11.55 ? 109 THR A CB  1 
ATOM   641  O OG1 . THR A 1 82  ? 1.332   1.380   5.578   1.00 11.06 ? 109 THR A OG1 1 
ATOM   642  C CG2 . THR A 1 82  ? 3.583   0.629   5.235   1.00 11.95 ? 109 THR A CG2 1 
ATOM   643  N N   . ILE A 1 83  ? 4.145   3.035   2.585   1.00 11.18 ? 110 ILE A N   1 
ATOM   644  C CA  . ILE A 1 83  ? 5.339   3.173   1.767   1.00 11.34 ? 110 ILE A CA  1 
ATOM   645  C C   . ILE A 1 83  ? 5.968   4.569   1.951   1.00 11.79 ? 110 ILE A C   1 
ATOM   646  O O   . ILE A 1 83  ? 7.186   4.693   2.127   1.00 10.58 ? 110 ILE A O   1 
ATOM   647  C CB  . ILE A 1 83  ? 5.066   2.906   0.274   1.00 11.07 ? 110 ILE A CB  1 
ATOM   648  C CG1 . ILE A 1 83  ? 4.637   1.437   0.046   1.00 11.08 ? 110 ILE A CG1 1 
ATOM   649  C CG2 . ILE A 1 83  ? 6.320   3.182   -0.551  1.00 11.19 ? 110 ILE A CG2 1 
ATOM   650  C CD1 . ILE A 1 83  ? 3.984   1.179   -1.296  1.00 10.59 ? 110 ILE A CD1 1 
ATOM   651  N N   . LYS A 1 84  ? 5.144   5.603   1.920   1.00 12.46 ? 111 LYS A N   1 
ATOM   652  C CA  . LYS A 1 84  ? 5.643   6.974   2.144   1.00 13.69 ? 111 LYS A CA  1 
ATOM   653  C C   . LYS A 1 84  ? 6.369   7.118   3.496   1.00 14.14 ? 111 LYS A C   1 
ATOM   654  O O   . LYS A 1 84  ? 7.443   7.692   3.558   1.00 12.81 ? 111 LYS A O   1 
ATOM   655  C CB  . LYS A 1 84  ? 4.499   7.958   2.070   1.00 15.33 ? 111 LYS A CB  1 
ATOM   656  C CG  . LYS A 1 84  ? 4.881   9.418   2.320   1.00 17.46 ? 111 LYS A CG  1 
ATOM   657  C CD  . LYS A 1 84  ? 3.699   10.294  1.971   1.00 19.82 ? 111 LYS A CD  1 
ATOM   658  C CE  . LYS A 1 84  ? 4.094   11.750  1.832   1.00 21.82 ? 111 LYS A CE  1 
ATOM   659  N NZ  . LYS A 1 84  ? 4.244   12.319  3.190   1.00 23.18 ? 111 LYS A NZ  1 
ATOM   660  N N   . LYS A 1 85  ? 5.783   6.583   4.560   1.00 15.26 ? 112 LYS A N   1 
ATOM   661  C CA  . LYS A 1 85  ? 6.416   6.634   5.869   1.00 17.06 ? 112 LYS A CA  1 
ATOM   662  C C   . LYS A 1 85  ? 7.715   5.827   5.926   1.00 14.67 ? 112 LYS A C   1 
ATOM   663  O O   . LYS A 1 85  ? 8.687   6.287   6.501   1.00 13.00 ? 112 LYS A O   1 
ATOM   664  C CB  . LYS A 1 85  ? 5.465   6.158   6.955   1.00 20.54 ? 112 LYS A CB  1 
ATOM   665  C CG  . LYS A 1 85  ? 4.358   7.158   7.243   1.00 25.86 ? 112 LYS A CG  1 
ATOM   666  C CD  . LYS A 1 85  ? 3.912   7.146   8.704   1.00 30.92 ? 112 LYS A CD  1 
ATOM   667  C CE  . LYS A 1 85  ? 3.092   8.396   9.051   1.00 35.53 ? 112 LYS A CE  1 
ATOM   668  N NZ  . LYS A 1 85  ? 1.806   8.501   8.289   1.00 36.65 ? 112 LYS A NZ  1 
ATOM   669  N N   . ARG A 1 86  ? 7.728   4.662   5.284   1.00 12.82 ? 113 ARG A N   1 
ATOM   670  C CA  . ARG A 1 86  ? 8.936   3.845   5.170   1.00 12.45 ? 113 ARG A CA  1 
ATOM   671  C C   . ARG A 1 86  ? 10.082  4.594   4.467   1.00 13.01 ? 113 ARG A C   1 
ATOM   672  O O   . ARG A 1 86  ? 11.215  4.623   4.956   1.00 13.41 ? 113 ARG A O   1 
ATOM   673  C CB  . ARG A 1 86  ? 8.627   2.514   4.470   1.00 11.72 ? 113 ARG A CB  1 
ATOM   674  C CG  . ARG A 1 86  ? 7.901   1.531   5.372   1.00 11.59 ? 113 ARG A CG  1 
ATOM   675  C CD  . ARG A 1 86  ? 7.565   0.237   4.662   1.00 11.26 ? 113 ARG A CD  1 
ATOM   676  N NE  . ARG A 1 86  ? 6.954   -0.687  5.585   1.00 11.16 ? 113 ARG A NE  1 
ATOM   677  C CZ  . ARG A 1 86  ? 6.769   -1.989  5.373   1.00 11.35 ? 113 ARG A CZ  1 
ATOM   678  N NH1 . ARG A 1 86  ? 7.113   -2.563  4.228   1.00 11.41 ? 113 ARG A NH1 1 
ATOM   679  N NH2 . ARG A 1 86  ? 6.233   -2.734  6.331   1.00 11.31 ? 113 ARG A NH2 1 
ATOM   680  N N   . LEU A 1 87  ? 9.785   5.241   3.361   1.00 13.04 ? 114 LEU A N   1 
ATOM   681  C CA  . LEU A 1 87  ? 10.776  6.072   2.672   1.00 13.55 ? 114 LEU A CA  1 
ATOM   682  C C   . LEU A 1 87  ? 11.256  7.252   3.529   1.00 14.79 ? 114 LEU A C   1 
ATOM   683  O O   . LEU A 1 87  ? 12.462  7.501   3.634   1.00 14.68 ? 114 LEU A O   1 
ATOM   684  C CB  . LEU A 1 87  ? 10.244  6.567   1.327   1.00 13.16 ? 114 LEU A CB  1 
ATOM   685  C CG  . LEU A 1 87  ? 10.064  5.504   0.235   1.00 12.80 ? 114 LEU A CG  1 
ATOM   686  C CD1 . LEU A 1 87  ? 9.201   6.014   -0.897  1.00 13.01 ? 114 LEU A CD1 1 
ATOM   687  C CD2 . LEU A 1 87  ? 11.421  5.024   -0.296  1.00 12.75 ? 114 LEU A CD2 1 
ATOM   688  N N   . GLU A 1 88  ? 10.326  7.956   4.145   1.00 16.72 ? 115 GLU A N   1 
ATOM   689  C CA  . GLU A 1 88  ? 10.671  9.066   5.068   1.00 18.70 ? 115 GLU A CA  1 
ATOM   690  C C   . GLU A 1 88  ? 11.513  8.607   6.267   1.00 20.19 ? 115 GLU A C   1 
ATOM   691  O O   . GLU A 1 88  ? 12.427  9.320   6.688   1.00 18.83 ? 115 GLU A O   1 
ATOM   692  C CB  . GLU A 1 88  ? 9.396   9.758   5.543   1.00 20.51 ? 115 GLU A CB  1 
ATOM   693  C CG  . GLU A 1 88  ? 8.721   10.543  4.430   1.00 21.52 ? 115 GLU A CG  1 
ATOM   694  C CD  . GLU A 1 88  ? 7.310   11.002  4.754   1.00 23.37 ? 115 GLU A CD  1 
ATOM   695  O OE1 . GLU A 1 88  ? 6.726   10.620  5.791   1.00 24.76 ? 115 GLU A OE1 1 
ATOM   696  O OE2 . GLU A 1 88  ? 6.778   11.762  3.925   1.00 26.71 ? 115 GLU A OE2 1 
ATOM   697  N N   . ASN A 1 89  ? 11.227  7.403   6.781   1.00 19.62 ? 116 ASN A N   1 
ATOM   698  C CA  . ASN A 1 89  ? 11.985  6.803   7.890   1.00 20.20 ? 116 ASN A CA  1 
ATOM   699  C C   . ASN A 1 89  ? 13.233  6.039   7.481   1.00 19.50 ? 116 ASN A C   1 
ATOM   700  O O   . ASN A 1 89  ? 13.871  5.438   8.327   1.00 20.65 ? 116 ASN A O   1 
ATOM   701  C CB  . ASN A 1 89  ? 11.088  5.869   8.709   1.00 21.58 ? 116 ASN A CB  1 
ATOM   702  C CG  . ASN A 1 89  ? 9.972   6.602   9.410   1.00 22.35 ? 116 ASN A CG  1 
ATOM   703  O OD1 . ASN A 1 89  ? 9.987   7.832   9.507   1.00 24.80 ? 116 ASN A OD1 1 
ATOM   704  N ND2 . ASN A 1 89  ? 9.005   5.851   9.933   1.00 22.00 ? 116 ASN A ND2 1 
ATOM   705  N N   . ASN A 1 90  ? 13.597  6.069   6.208   1.00 19.05 ? 117 ASN A N   1 
ATOM   706  C CA  . ASN A 1 90  ? 14.771  5.370   5.699   1.00 19.66 ? 117 ASN A CA  1 
ATOM   707  C C   . ASN A 1 90  ? 14.740  3.884   6.058   1.00 18.98 ? 117 ASN A C   1 
ATOM   708  O O   . ASN A 1 90  ? 15.786  3.281   6.337   1.00 20.08 ? 117 ASN A O   1 
ATOM   709  C CB  . ASN A 1 90  ? 16.075  6.034   6.178   1.00 21.54 ? 117 ASN A CB  1 
ATOM   710  C CG  . ASN A 1 90  ? 16.213  7.469   5.698   1.00 23.52 ? 117 ASN A CG  1 
ATOM   711  O OD1 . ASN A 1 90  ? 16.092  7.763   4.515   1.00 26.32 ? 117 ASN A OD1 1 
ATOM   712  N ND2 . ASN A 1 90  ? 16.469  8.365   6.621   1.00 26.86 ? 117 ASN A ND2 1 
ATOM   713  N N   . TYR A 1 91  ? 13.539  3.302   6.017   1.00 16.30 ? 118 TYR A N   1 
ATOM   714  C CA  . TYR A 1 91  ? 13.283  1.898   6.411   1.00 15.04 ? 118 TYR A CA  1 
ATOM   715  C C   . TYR A 1 91  ? 13.920  0.839   5.501   1.00 14.02 ? 118 TYR A C   1 
ATOM   716  O O   . TYR A 1 91  ? 14.226  -0.277  5.947   1.00 12.68 ? 118 TYR A O   1 
ATOM   717  C CB  . TYR A 1 91  ? 11.748  1.698   6.458   1.00 14.61 ? 118 TYR A CB  1 
ATOM   718  C CG  . TYR A 1 91  ? 11.212  0.329   6.789   1.00 14.27 ? 118 TYR A CG  1 
ATOM   719  C CD1 . TYR A 1 91  ? 10.962  -0.042  8.095   1.00 14.68 ? 118 TYR A CD1 1 
ATOM   720  C CD2 . TYR A 1 91  ? 10.893  -0.580  5.770   1.00 14.91 ? 118 TYR A CD2 1 
ATOM   721  C CE1 . TYR A 1 91  ? 10.435  -1.284  8.398   1.00 14.76 ? 118 TYR A CE1 1 
ATOM   722  C CE2 . TYR A 1 91  ? 10.390  -1.839  6.067   1.00 14.70 ? 118 TYR A CE2 1 
ATOM   723  C CZ  . TYR A 1 91  ? 10.144  -2.175  7.383   1.00 15.40 ? 118 TYR A CZ  1 
ATOM   724  O OH  . TYR A 1 91  ? 9.617   -3.422  7.682   1.00 15.77 ? 118 TYR A OH  1 
ATOM   725  N N   . TYR A 1 92  ? 14.104  1.185   4.227   1.00 13.34 ? 119 TYR A N   1 
ATOM   726  C CA  . TYR A 1 92  ? 14.529  0.225   3.219   1.00 13.07 ? 119 TYR A CA  1 
ATOM   727  C C   . TYR A 1 92  ? 16.050  0.070   3.117   1.00 12.92 ? 119 TYR A C   1 
ATOM   728  O O   . TYR A 1 92  ? 16.803  1.012   3.319   1.00 13.25 ? 119 TYR A O   1 
ATOM   729  C CB  . TYR A 1 92  ? 13.982  0.627   1.841   1.00 12.65 ? 119 TYR A CB  1 
ATOM   730  C CG  . TYR A 1 92  ? 12.467  0.625   1.732   1.00 12.01 ? 119 TYR A CG  1 
ATOM   731  C CD1 . TYR A 1 92  ? 11.731  -0.564  1.840   1.00 11.47 ? 119 TYR A CD1 1 
ATOM   732  C CD2 . TYR A 1 92  ? 11.763  1.822   1.532   1.00 11.86 ? 119 TYR A CD2 1 
ATOM   733  C CE1 . TYR A 1 92  ? 10.332  -0.558  1.744   1.00 11.29 ? 119 TYR A CE1 1 
ATOM   734  C CE2 . TYR A 1 92  ? 10.387  1.821   1.425   1.00 11.58 ? 119 TYR A CE2 1 
ATOM   735  C CZ  . TYR A 1 92  ? 9.684   0.646   1.524   1.00 11.29 ? 119 TYR A CZ  1 
ATOM   736  O OH  . TYR A 1 92  ? 8.335   0.705   1.372   1.00 12.05 ? 119 TYR A OH  1 
ATOM   737  N N   . TRP A 1 93  ? 16.468  -1.127  2.734   1.00 12.96 ? 120 TRP A N   1 
ATOM   738  C CA  . TRP A 1 93  ? 17.847  -1.426  2.380   1.00 13.34 ? 120 TRP A CA  1 
ATOM   739  C C   . TRP A 1 93  ? 18.151  -1.104  0.911   1.00 13.26 ? 120 TRP A C   1 
ATOM   740  O O   . TRP A 1 93  ? 19.243  -0.680  0.570   1.00 13.03 ? 120 TRP A O   1 
ATOM   741  C CB  . TRP A 1 93  ? 18.125  -2.907  2.642   1.00 13.54 ? 120 TRP A CB  1 
ATOM   742  C CG  . TRP A 1 93  ? 19.525  -3.334  2.269   1.00 13.80 ? 120 TRP A CG  1 
ATOM   743  C CD1 . TRP A 1 93  ? 19.901  -4.016  1.156   1.00 14.25 ? 120 TRP A CD1 1 
ATOM   744  C CD2 . TRP A 1 93  ? 20.723  -3.065  2.998   1.00 14.16 ? 120 TRP A CD2 1 
ATOM   745  N NE1 . TRP A 1 93  ? 21.253  -4.218  1.161   1.00 14.14 ? 120 TRP A NE1 1 
ATOM   746  C CE2 . TRP A 1 93  ? 21.783  -3.628  2.278   1.00 14.45 ? 120 TRP A CE2 1 
ATOM   747  C CE3 . TRP A 1 93  ? 21.002  -2.412  4.213   1.00 14.86 ? 120 TRP A CE3 1 
ATOM   748  C CZ2 . TRP A 1 93  ? 23.098  -3.584  2.734   1.00 14.67 ? 120 TRP A CZ2 1 
ATOM   749  C CZ3 . TRP A 1 93  ? 22.308  -2.359  4.650   1.00 14.80 ? 120 TRP A CZ3 1 
ATOM   750  C CH2 . TRP A 1 93  ? 23.335  -2.944  3.920   1.00 14.95 ? 120 TRP A CH2 1 
ATOM   751  N N   . ASN A 1 94  ? 17.189  -1.335  0.034   1.00 13.24 ? 121 ASN A N   1 
ATOM   752  C CA  . ASN A 1 94  ? 17.385  -1.085  -1.375  1.00 12.85 ? 121 ASN A CA  1 
ATOM   753  C C   . ASN A 1 94  ? 16.086  -0.730  -2.076  1.00 12.50 ? 121 ASN A C   1 
ATOM   754  O O   . ASN A 1 94  ? 15.011  -0.806  -1.502  1.00 12.18 ? 121 ASN A O   1 
ATOM   755  C CB  . ASN A 1 94  ? 18.093  -2.300  -2.034  1.00 12.91 ? 121 ASN A CB  1 
ATOM   756  C CG  . ASN A 1 94  ? 17.289  -3.579  -1.958  1.00 13.78 ? 121 ASN A CG  1 
ATOM   757  O OD1 . ASN A 1 94  ? 16.065  -3.571  -1.793  1.00 13.78 ? 121 ASN A OD1 1 
ATOM   758  N ND2 . ASN A 1 94  ? 17.974  -4.700  -2.119  1.00 14.82 ? 121 ASN A ND2 1 
ATOM   759  N N   . ALA A 1 95  ? 16.199  -0.362  -3.339  1.00 12.17 ? 122 ALA A N   1 
ATOM   760  C CA  . ALA A 1 95  ? 15.042  -0.043  -4.142  1.00 12.21 ? 122 ALA A CA  1 
ATOM   761  C C   . ALA A 1 95  ? 14.070  -1.230  -4.281  1.00 12.43 ? 122 ALA A C   1 
ATOM   762  O O   . ALA A 1 95  ? 12.857  -1.048  -4.293  1.00 11.71 ? 122 ALA A O   1 
ATOM   763  C CB  . ALA A 1 95  ? 15.497  0.455   -5.507  1.00 12.11 ? 122 ALA A CB  1 
ATOM   764  N N   . GLN A 1 96  ? 14.597  -2.442  -4.362  1.00 12.65 ? 123 GLN A N   1 
ATOM   765  C CA  . GLN A 1 96  ? 13.771  -3.622  -4.571  1.00 13.57 ? 123 GLN A CA  1 
ATOM   766  C C   . GLN A 1 96  ? 12.750  -3.794  -3.463  1.00 12.74 ? 123 GLN A C   1 
ATOM   767  O O   . GLN A 1 96  ? 11.616  -4.165  -3.729  1.00 12.30 ? 123 GLN A O   1 
ATOM   768  C CB  . GLN A 1 96  ? 14.649  -4.885  -4.675  1.00 14.86 ? 123 GLN A CB  1 
ATOM   769  C CG  . GLN A 1 96  ? 13.931  -6.132  -5.174  1.00 17.26 ? 123 GLN A CG  1 
ATOM   770  C CD  . GLN A 1 96  ? 13.043  -6.804  -4.142  1.00 19.98 ? 123 GLN A CD  1 
ATOM   771  O OE1 . GLN A 1 96  ? 13.382  -6.888  -2.961  1.00 20.52 ? 123 GLN A OE1 1 
ATOM   772  N NE2 . GLN A 1 96  ? 11.875  -7.289  -4.592  1.00 23.07 ? 123 GLN A NE2 1 
ATOM   773  N N   . GLU A 1 97  ? 13.160  -3.572  -2.224  1.00 12.46 ? 124 GLU A N   1 
ATOM   774  C CA  . GLU A 1 97  ? 12.244  -3.703  -1.101  1.00 12.97 ? 124 GLU A CA  1 
ATOM   775  C C   . GLU A 1 97  ? 11.087  -2.711  -1.230  1.00 12.12 ? 124 GLU A C   1 
ATOM   776  O O   . GLU A 1 97  ? 9.953   -3.064  -0.955  1.00 11.74 ? 124 GLU A O   1 
ATOM   777  C CB  . GLU A 1 97  ? 12.953  -3.515  0.232   1.00 13.41 ? 124 GLU A CB  1 
ATOM   778  C CG  . GLU A 1 97  ? 13.972  -4.603  0.581   1.00 14.18 ? 124 GLU A CG  1 
ATOM   779  C CD  . GLU A 1 97  ? 14.655  -4.382  1.909   1.00 14.67 ? 124 GLU A CD  1 
ATOM   780  O OE1 . GLU A 1 97  ? 14.584  -3.263  2.452   1.00 13.75 ? 124 GLU A OE1 1 
ATOM   781  O OE2 . GLU A 1 97  ? 15.277  -5.347  2.426   1.00 15.55 ? 124 GLU A OE2 1 
ATOM   782  N N   . CYS A 1 98  ? 11.368  -1.479  -1.663  1.00 11.62 ? 125 CYS A N   1 
ATOM   783  C CA  . CYS A 1 98  ? 10.317  -0.482  -1.823  1.00 11.51 ? 125 CYS A CA  1 
ATOM   784  C C   . CYS A 1 98  ? 9.387   -0.840  -2.977  1.00 11.21 ? 125 CYS A C   1 
ATOM   785  O O   . CYS A 1 98  ? 8.173   -0.752  -2.863  1.00 10.67 ? 125 CYS A O   1 
ATOM   786  C CB  . CYS A 1 98  ? 10.926  0.894   -2.057  1.00 12.29 ? 125 CYS A CB  1 
ATOM   787  S SG  . CYS A 1 98  ? 9.698   2.190   -2.357  1.00 12.66 ? 125 CYS A SG  1 
ATOM   788  N N   . ILE A 1 99  ? 9.979   -1.247  -4.084  1.00 11.54 ? 126 ILE A N   1 
ATOM   789  C CA  . ILE A 1 99  ? 9.235   -1.622  -5.268  1.00 12.17 ? 126 ILE A CA  1 
ATOM   790  C C   . ILE A 1 99  ? 8.319   -2.818  -4.997  1.00 12.21 ? 126 ILE A C   1 
ATOM   791  O O   . ILE A 1 99  ? 7.213   -2.854  -5.496  1.00 11.52 ? 126 ILE A O   1 
ATOM   792  C CB  . ILE A 1 99  ? 10.194  -1.897  -6.464  1.00 12.69 ? 126 ILE A CB  1 
ATOM   793  C CG1 . ILE A 1 99  ? 10.811  -0.587  -6.945  1.00 12.88 ? 126 ILE A CG1 1 
ATOM   794  C CG2 . ILE A 1 99  ? 9.469   -2.640  -7.601  1.00 13.06 ? 126 ILE A CG2 1 
ATOM   795  C CD1 . ILE A 1 99  ? 12.066  -0.764  -7.804  1.00 13.17 ? 126 ILE A CD1 1 
ATOM   796  N N   . GLN A 1 100 ? 8.796   -3.804  -4.235  1.00 13.06 ? 127 GLN A N   1 
ATOM   797  C CA  . GLN A 1 100 ? 7.968   -4.942  -3.881  1.00 14.51 ? 127 GLN A CA  1 
ATOM   798  C C   . GLN A 1 100 ? 6.757   -4.506  -3.062  1.00 13.12 ? 127 GLN A C   1 
ATOM   799  O O   . GLN A 1 100 ? 5.689   -5.062  -3.221  1.00 12.31 ? 127 GLN A O   1 
ATOM   800  C CB  . GLN A 1 100 ? 8.766   -5.972  -3.090  1.00 18.00 ? 127 GLN A CB  1 
ATOM   801  C CG  . GLN A 1 100 ? 7.939   -7.220  -2.784  1.00 21.77 ? 127 GLN A CG  1 
ATOM   802  C CD  . GLN A 1 100 ? 8.755   -8.416  -2.289  1.00 27.19 ? 127 GLN A CD  1 
ATOM   803  O OE1 . GLN A 1 100 ? 8.197   -9.343  -1.676  1.00 35.50 ? 127 GLN A OE1 1 
ATOM   804  N NE2 . GLN A 1 100 ? 10.056  -8.421  -2.565  1.00 28.16 ? 127 GLN A NE2 1 
ATOM   805  N N   . ASP A 1 101 ? 6.912   -3.516  -2.193  1.00 11.89 ? 128 ASP A N   1 
ATOM   806  C CA  . ASP A 1 101 ? 5.743   -2.964  -1.491  1.00 11.51 ? 128 ASP A CA  1 
ATOM   807  C C   . ASP A 1 101 ? 4.701   -2.410  -2.471  1.00 11.19 ? 128 ASP A C   1 
ATOM   808  O O   . ASP A 1 101 ? 3.511   -2.666  -2.316  1.00 10.73 ? 128 ASP A O   1 
ATOM   809  C CB  . ASP A 1 101 ? 6.148   -1.885  -0.468  1.00 11.49 ? 128 ASP A CB  1 
ATOM   810  C CG  . ASP A 1 101 ? 6.776   -2.463  0.789   1.00 12.02 ? 128 ASP A CG  1 
ATOM   811  O OD1 . ASP A 1 101 ? 6.671   -3.701  1.018   1.00 11.33 ? 128 ASP A OD1 1 
ATOM   812  O OD2 . ASP A 1 101 ? 7.350   -1.656  1.581   1.00 12.58 ? 128 ASP A OD2 1 
ATOM   813  N N   . PHE A 1 102 ? 5.140   -1.637  -3.462  1.00 11.20 ? 129 PHE A N   1 
ATOM   814  C CA  . PHE A 1 102 ? 4.227   -1.128  -4.501  1.00 11.56 ? 129 PHE A CA  1 
ATOM   815  C C   . PHE A 1 102 ? 3.553   -2.288  -5.233  1.00 11.75 ? 129 PHE A C   1 
ATOM   816  O O   . PHE A 1 102 ? 2.338   -2.278  -5.420  1.00 11.02 ? 129 PHE A O   1 
ATOM   817  C CB  . PHE A 1 102 ? 4.962   -0.247  -5.522  1.00 11.49 ? 129 PHE A CB  1 
ATOM   818  C CG  . PHE A 1 102 ? 5.134   1.186   -5.096  1.00 11.62 ? 129 PHE A CG  1 
ATOM   819  C CD1 . PHE A 1 102 ? 4.089   2.083   -5.222  1.00 11.72 ? 129 PHE A CD1 1 
ATOM   820  C CD2 . PHE A 1 102 ? 6.362   1.655   -4.640  1.00 11.87 ? 129 PHE A CD2 1 
ATOM   821  C CE1 . PHE A 1 102 ? 4.258   3.432   -4.891  1.00 12.68 ? 129 PHE A CE1 1 
ATOM   822  C CE2 . PHE A 1 102 ? 6.534   2.999   -4.292  1.00 12.15 ? 129 PHE A CE2 1 
ATOM   823  C CZ  . PHE A 1 102 ? 5.474   3.883   -4.414  1.00 12.04 ? 129 PHE A CZ  1 
ATOM   824  N N   . ASN A 1 103 ? 4.339   -3.288  -5.631  1.00 12.78 ? 130 ASN A N   1 
ATOM   825  C CA  . ASN A 1 103 ? 3.793   -4.485  -6.306  1.00 13.48 ? 130 ASN A CA  1 
ATOM   826  C C   . ASN A 1 103 ? 2.724   -5.210  -5.466  1.00 13.55 ? 130 ASN A C   1 
ATOM   827  O O   . ASN A 1 103 ? 1.681   -5.647  -5.986  1.00 13.44 ? 130 ASN A O   1 
ATOM   828  C CB  . ASN A 1 103 ? 4.898   -5.484  -6.635  1.00 15.14 ? 130 ASN A CB  1 
ATOM   829  C CG  . ASN A 1 103 ? 5.967   -4.931  -7.572  1.00 16.24 ? 130 ASN A CG  1 
ATOM   830  O OD1 . ASN A 1 103 ? 5.740   -4.004  -8.340  1.00 17.10 ? 130 ASN A OD1 1 
ATOM   831  N ND2 . ASN A 1 103 ? 7.149   -5.544  -7.524  1.00 17.61 ? 130 ASN A ND2 1 
ATOM   832  N N   . THR A 1 104 ? 2.991   -5.332  -4.164  1.00 13.17 ? 131 THR A N   1 
ATOM   833  C CA  . THR A 1 104 ? 2.061   -5.953  -3.229  1.00 12.97 ? 131 THR A CA  1 
ATOM   834  C C   . THR A 1 104 ? 0.747   -5.166  -3.167  1.00 12.08 ? 131 THR A C   1 
ATOM   835  O O   . THR A 1 104 ? -0.322  -5.750  -3.280  1.00 11.06 ? 131 THR A O   1 
ATOM   836  C CB  . THR A 1 104 ? 2.677   -6.109  -1.817  1.00 13.16 ? 131 THR A CB  1 
ATOM   837  O OG1 . THR A 1 104 ? 3.838   -6.945  -1.901  1.00 12.89 ? 131 THR A OG1 1 
ATOM   838  C CG2 . THR A 1 104 ? 1.674   -6.732  -0.857  1.00 12.82 ? 131 THR A CG2 1 
ATOM   839  N N   . MET A 1 105 ? 0.844   -3.848  -3.008  1.00 11.51 ? 132 MET A N   1 
ATOM   840  C CA  . MET A 1 105 ? -0.324  -2.978  -2.999  1.00 11.54 ? 132 MET A CA  1 
ATOM   841  C C   . MET A 1 105 ? -1.189  -3.199  -4.233  1.00 11.68 ? 132 MET A C   1 
ATOM   842  O O   . MET A 1 105 ? -2.407  -3.413  -4.124  1.00 11.59 ? 132 MET A O   1 
ATOM   843  C CB  . MET A 1 105 ? 0.123   -1.501  -2.859  1.00 11.67 ? 132 MET A CB  1 
ATOM   844  C CG  . MET A 1 105 ? -1.017  -0.504  -2.898  1.00 11.97 ? 132 MET A CG  1 
ATOM   845  S SD  . MET A 1 105 ? -0.400  1.169   -2.942  1.00 12.94 ? 132 MET A SD  1 
ATOM   846  C CE  . MET A 1 105 ? 0.016   1.335   -4.671  1.00 12.67 ? 132 MET A CE  1 
ATOM   847  N N   . PHE A 1 106 ? -0.569  -3.169  -5.416  1.00 11.68 ? 133 PHE A N   1 
ATOM   848  C CA  . PHE A 1 106 ? -1.340  -3.311  -6.665  1.00 11.77 ? 133 PHE A CA  1 
ATOM   849  C C   . PHE A 1 106 ? -1.939  -4.709  -6.779  1.00 12.00 ? 133 PHE A C   1 
ATOM   850  O O   . PHE A 1 106 ? -3.113  -4.859  -7.096  1.00 11.08 ? 133 PHE A O   1 
ATOM   851  C CB  . PHE A 1 106 ? -0.462  -3.050  -7.895  1.00 12.31 ? 133 PHE A CB  1 
ATOM   852  C CG  . PHE A 1 106 ? -0.036  -1.626  -8.048  1.00 12.47 ? 133 PHE A CG  1 
ATOM   853  C CD1 . PHE A 1 106 ? -0.976  -0.623  -8.122  1.00 13.06 ? 133 PHE A CD1 1 
ATOM   854  C CD2 . PHE A 1 106 ? 1.301   -1.295  -8.143  1.00 13.08 ? 133 PHE A CD2 1 
ATOM   855  C CE1 . PHE A 1 106 ? -0.587  0.709   -8.264  1.00 13.93 ? 133 PHE A CE1 1 
ATOM   856  C CE2 . PHE A 1 106 ? 1.705   0.037   -8.286  1.00 13.90 ? 133 PHE A CE2 1 
ATOM   857  C CZ  . PHE A 1 106 ? 0.757   1.038   -8.350  1.00 13.67 ? 133 PHE A CZ  1 
ATOM   858  N N   . THR A 1 107 ? -1.120  -5.726  -6.507  1.00 12.20 ? 134 THR A N   1 
ATOM   859  C CA  . THR A 1 107 ? -1.590  -7.117  -6.485  1.00 12.98 ? 134 THR A CA  1 
ATOM   860  C C   . THR A 1 107 ? -2.779  -7.370  -5.542  1.00 12.82 ? 134 THR A C   1 
ATOM   861  O O   . THR A 1 107 ? -3.743  -8.047  -5.936  1.00 12.59 ? 134 THR A O   1 
ATOM   862  C CB  . THR A 1 107 ? -0.427  -8.077  -6.191  1.00 13.70 ? 134 THR A CB  1 
ATOM   863  O OG1 . THR A 1 107 ? 0.547   -7.942  -7.239  1.00 14.11 ? 134 THR A OG1 1 
ATOM   864  C CG2 . THR A 1 107 ? -0.905  -9.531  -6.145  1.00 14.83 ? 134 THR A CG2 1 
ATOM   865  N N   . ASN A 1 108 ? -2.731  -6.834  -4.318  1.00 12.33 ? 135 ASN A N   1 
ATOM   866  C CA  . ASN A 1 108 ? -3.875  -6.922  -3.390  1.00 12.51 ? 135 ASN A CA  1 
ATOM   867  C C   . ASN A 1 108 ? -5.161  -6.389  -4.016  1.00 12.86 ? 135 ASN A C   1 
ATOM   868  O O   . ASN A 1 108 ? -6.221  -7.006  -3.903  1.00 13.42 ? 135 ASN A O   1 
ATOM   869  C CB  . ASN A 1 108 ? -3.621  -6.152  -2.089  1.00 12.03 ? 135 ASN A CB  1 
ATOM   870  C CG  . ASN A 1 108 ? -2.500  -6.745  -1.266  1.00 12.34 ? 135 ASN A CG  1 
ATOM   871  O OD1 . ASN A 1 108 ? -2.107  -7.892  -1.445  1.00 12.05 ? 135 ASN A OD1 1 
ATOM   872  N ND2 . ASN A 1 108 ? -1.993  -5.954  -0.338  1.00 12.52 ? 135 ASN A ND2 1 
ATOM   873  N N   . CYS A 1 109 ? -5.045  -5.240  -4.670  1.00 12.98 ? 136 CYS A N   1 
ATOM   874  C CA  . CYS A 1 109 ? -6.188  -4.602  -5.316  1.00 13.86 ? 136 CYS A CA  1 
ATOM   875  C C   . CYS A 1 109 ? -6.784  -5.515  -6.382  1.00 14.17 ? 136 CYS A C   1 
ATOM   876  O O   . CYS A 1 109 ? -8.000  -5.697  -6.431  1.00 12.96 ? 136 CYS A O   1 
ATOM   877  C CB  . CYS A 1 109 ? -5.795  -3.251  -5.914  1.00 13.92 ? 136 CYS A CB  1 
ATOM   878  S SG  . CYS A 1 109 ? -7.220  -2.393  -6.568  1.00 15.58 ? 136 CYS A SG  1 
ATOM   879  N N   . TYR A 1 110 ? -5.921  -6.146  -7.179  1.00 15.09 ? 137 TYR A N   1 
ATOM   880  C CA  . TYR A 1 110 ? -6.402  -7.014  -8.261  1.00 14.84 ? 137 TYR A CA  1 
ATOM   881  C C   . TYR A 1 110 ? -6.928  -8.343  -7.771  1.00 15.88 ? 137 TYR A C   1 
ATOM   882  O O   . TYR A 1 110 ? -7.843  -8.882  -8.389  1.00 16.21 ? 137 TYR A O   1 
ATOM   883  C CB  . TYR A 1 110 ? -5.329  -7.252  -9.300  1.00 14.81 ? 137 TYR A CB  1 
ATOM   884  C CG  . TYR A 1 110 ? -4.727  -5.988  -9.881  1.00 14.80 ? 137 TYR A CG  1 
ATOM   885  C CD1 . TYR A 1 110 ? -5.520  -4.872  -10.178 1.00 15.16 ? 137 TYR A CD1 1 
ATOM   886  C CD2 . TYR A 1 110 ? -3.365  -5.915  -10.151 1.00 14.71 ? 137 TYR A CD2 1 
ATOM   887  C CE1 . TYR A 1 110 ? -4.963  -3.710  -10.710 1.00 14.94 ? 137 TYR A CE1 1 
ATOM   888  C CE2 . TYR A 1 110 ? -2.802  -4.766  -10.699 1.00 14.80 ? 137 TYR A CE2 1 
ATOM   889  C CZ  . TYR A 1 110 ? -3.607  -3.671  -10.980 1.00 14.71 ? 137 TYR A CZ  1 
ATOM   890  O OH  . TYR A 1 110 ? -3.059  -2.523  -11.493 1.00 15.05 ? 137 TYR A OH  1 
ATOM   891  N N   . ILE A 1 111 ? -6.329  -8.889  -6.708  1.00 16.18 ? 138 ILE A N   1 
ATOM   892  C CA  . ILE A 1 111 ? -6.862  -10.091 -6.046  1.00 16.50 ? 138 ILE A CA  1 
ATOM   893  C C   . ILE A 1 111 ? -8.269  -9.862  -5.464  1.00 16.95 ? 138 ILE A C   1 
ATOM   894  O O   . ILE A 1 111 ? -9.203  -10.638 -5.727  1.00 16.31 ? 138 ILE A O   1 
ATOM   895  C CB  . ILE A 1 111 ? -5.903  -10.599 -4.946  1.00 16.59 ? 138 ILE A CB  1 
ATOM   896  C CG1 . ILE A 1 111 ? -4.632  -11.149 -5.600  1.00 17.32 ? 138 ILE A CG1 1 
ATOM   897  C CG2 . ILE A 1 111 ? -6.568  -11.671 -4.105  1.00 16.64 ? 138 ILE A CG2 1 
ATOM   898  C CD1 . ILE A 1 111 ? -3.538  -11.569 -4.636  1.00 17.86 ? 138 ILE A CD1 1 
ATOM   899  N N   . TYR A 1 112 ? -8.425  -8.788  -4.692  1.00 16.35 ? 139 TYR A N   1 
ATOM   900  C CA  . TYR A 1 112 ? -9.660  -8.569  -3.955  1.00 15.51 ? 139 TYR A CA  1 
ATOM   901  C C   . TYR A 1 112 ? -10.823 -8.206  -4.883  1.00 15.90 ? 139 TYR A C   1 
ATOM   902  O O   . TYR A 1 112 ? -11.957 -8.612  -4.636  1.00 13.92 ? 139 TYR A O   1 
ATOM   903  C CB  . TYR A 1 112 ? -9.479  -7.535  -2.823  1.00 14.85 ? 139 TYR A CB  1 
ATOM   904  C CG  . TYR A 1 112 ? -10.741 -7.337  -2.023  1.00 15.24 ? 139 TYR A CG  1 
ATOM   905  C CD1 . TYR A 1 112 ? -11.152 -8.265  -1.070  1.00 15.16 ? 139 TYR A CD1 1 
ATOM   906  C CD2 . TYR A 1 112 ? -11.555 -6.239  -2.250  1.00 15.78 ? 139 TYR A CD2 1 
ATOM   907  C CE1 . TYR A 1 112 ? -12.341 -8.071  -0.358  1.00 16.27 ? 139 TYR A CE1 1 
ATOM   908  C CE2 . TYR A 1 112 ? -12.726 -6.041  -1.555  1.00 15.91 ? 139 TYR A CE2 1 
ATOM   909  C CZ  . TYR A 1 112 ? -13.127 -6.950  -0.623  1.00 15.82 ? 139 TYR A CZ  1 
ATOM   910  O OH  . TYR A 1 112 ? -14.302 -6.706  0.009   1.00 16.08 ? 139 TYR A OH  1 
ATOM   911  N N   . ASN A 1 113 ? -10.535 -7.463  -5.949  1.00 16.64 ? 140 ASN A N   1 
ATOM   912  C CA  . ASN A 1 113 ? -11.573 -6.853  -6.765  1.00 17.09 ? 140 ASN A CA  1 
ATOM   913  C C   . ASN A 1 113 ? -11.741 -7.544  -8.134  1.00 19.07 ? 140 ASN A C   1 
ATOM   914  O O   . ASN A 1 113 ? -11.132 -8.564  -8.380  1.00 18.17 ? 140 ASN A O   1 
ATOM   915  C CB  . ASN A 1 113 ? -11.245 -5.373  -6.902  1.00 16.31 ? 140 ASN A CB  1 
ATOM   916  C CG  . ASN A 1 113 ? -11.254 -4.665  -5.567  1.00 15.30 ? 140 ASN A CG  1 
ATOM   917  O OD1 . ASN A 1 113 ? -12.308 -4.387  -5.038  1.00 14.71 ? 140 ASN A OD1 1 
ATOM   918  N ND2 . ASN A 1 113 ? -10.080 -4.401  -5.003  1.00 15.03 ? 140 ASN A ND2 1 
ATOM   919  N N   . LYS A 1 114 ? -12.598 -7.010  -9.001  1.00 22.20 ? 141 LYS A N   1 
ATOM   920  C CA  . LYS A 1 114 ? -12.785 -7.575  -10.345 1.00 24.95 ? 141 LYS A CA  1 
ATOM   921  C C   . LYS A 1 114 ? -12.369 -6.605  -11.444 1.00 24.74 ? 141 LYS A C   1 
ATOM   922  O O   . LYS A 1 114 ? -12.410 -5.393  -11.241 1.00 21.85 ? 141 LYS A O   1 
ATOM   923  C CB  . LYS A 1 114 ? -14.233 -8.011  -10.552 1.00 28.37 ? 141 LYS A CB  1 
ATOM   924  C CG  . LYS A 1 114 ? -14.639 -9.132  -9.607  1.00 32.58 ? 141 LYS A CG  1 
ATOM   925  C CD  . LYS A 1 114 ? -15.976 -9.757  -9.991  1.00 35.84 ? 141 LYS A CD  1 
ATOM   926  C CE  . LYS A 1 114 ? -16.427 -10.821 -8.982  1.00 37.14 ? 141 LYS A CE  1 
ATOM   927  N NZ  . LYS A 1 114 ? -15.430 -11.911 -8.770  1.00 37.82 ? 141 LYS A NZ  1 
ATOM   928  N N   . PRO A 1 115 ? -11.966 -7.144  -12.624 1.00 26.20 ? 142 PRO A N   1 
ATOM   929  C CA  . PRO A 1 115 ? -11.692 -6.242  -13.765 1.00 26.75 ? 142 PRO A CA  1 
ATOM   930  C C   . PRO A 1 115 ? -12.915 -5.364  -14.076 1.00 26.04 ? 142 PRO A C   1 
ATOM   931  O O   . PRO A 1 115 ? -14.047 -5.846  -14.058 1.00 25.32 ? 142 PRO A O   1 
ATOM   932  C CB  . PRO A 1 115 ? -11.348 -7.209  -14.926 1.00 27.41 ? 142 PRO A CB  1 
ATOM   933  C CG  . PRO A 1 115 ? -10.965 -8.492  -14.257 1.00 26.73 ? 142 PRO A CG  1 
ATOM   934  C CD  . PRO A 1 115 ? -11.772 -8.565  -12.985 1.00 26.35 ? 142 PRO A CD  1 
ATOM   935  N N   . GLY A 1 116 ? -12.681 -4.067  -14.252 1.00 25.04 ? 143 GLY A N   1 
ATOM   936  C CA  . GLY A 1 116 ? -13.752 -3.131  -14.516 1.00 24.08 ? 143 GLY A CA  1 
ATOM   937  C C   . GLY A 1 116 ? -14.257 -2.372  -13.324 1.00 21.69 ? 143 GLY A C   1 
ATOM   938  O O   . GLY A 1 116 ? -14.874 -1.327  -13.504 1.00 21.43 ? 143 GLY A O   1 
ATOM   939  N N   . ASP A 1 117 ? -14.013 -2.866  -12.109 1.00 19.54 ? 144 ASP A N   1 
ATOM   940  C CA  . ASP A 1 117 ? -14.373 -2.115  -10.904 1.00 18.56 ? 144 ASP A CA  1 
ATOM   941  C C   . ASP A 1 117 ? -13.620 -0.787  -10.868 1.00 16.86 ? 144 ASP A C   1 
ATOM   942  O O   . ASP A 1 117 ? -12.483 -0.720  -11.297 1.00 16.60 ? 144 ASP A O   1 
ATOM   943  C CB  . ASP A 1 117 ? -14.000 -2.875  -9.636  1.00 20.12 ? 144 ASP A CB  1 
ATOM   944  C CG  . ASP A 1 117 ? -14.868 -4.091  -9.377  1.00 22.49 ? 144 ASP A CG  1 
ATOM   945  O OD1 . ASP A 1 117 ? -15.952 -4.254  -10.006 1.00 23.00 ? 144 ASP A OD1 1 
ATOM   946  O OD2 . ASP A 1 117 ? -14.436 -4.881  -8.518  1.00 22.53 ? 144 ASP A OD2 1 
ATOM   947  N N   . ASP A 1 118 ? -14.231 0.244   -10.306 1.00 16.14 ? 145 ASP A N   1 
ATOM   948  C CA  . ASP A 1 118 ? -13.594 1.560   -10.222 1.00 15.87 ? 145 ASP A CA  1 
ATOM   949  C C   . ASP A 1 118 ? -12.208 1.475   -9.589  1.00 15.30 ? 145 ASP A C   1 
ATOM   950  O O   . ASP A 1 118 ? -11.234 2.039   -10.116 1.00 14.88 ? 145 ASP A O   1 
ATOM   951  C CB  . ASP A 1 118 ? -14.450 2.514   -9.393  1.00 16.12 ? 145 ASP A CB  1 
ATOM   952  C CG  . ASP A 1 118 ? -15.529 3.203   -10.212 1.00 17.03 ? 145 ASP A CG  1 
ATOM   953  O OD1 . ASP A 1 118 ? -15.467 3.172   -11.465 1.00 16.93 ? 145 ASP A OD1 1 
ATOM   954  O OD2 . ASP A 1 118 ? -16.433 3.789   -9.588  1.00 17.15 ? 145 ASP A OD2 1 
ATOM   955  N N   . ILE A 1 119 ? -12.110 0.742   -8.475  1.00 14.76 ? 146 ILE A N   1 
ATOM   956  C CA  . ILE A 1 119 ? -10.841 0.626   -7.761  1.00 15.16 ? 146 ILE A CA  1 
ATOM   957  C C   . ILE A 1 119 ? -9.769  -0.012  -8.647  1.00 14.69 ? 146 ILE A C   1 
ATOM   958  O O   . ILE A 1 119 ? -8.587  0.393   -8.574  1.00 15.04 ? 146 ILE A O   1 
ATOM   959  C CB  . ILE A 1 119 ? -10.977 -0.083  -6.382  1.00 15.08 ? 146 ILE A CB  1 
ATOM   960  C CG1 . ILE A 1 119 ? -9.724  0.118   -5.525  1.00 15.63 ? 146 ILE A CG1 1 
ATOM   961  C CG2 . ILE A 1 119 ? -11.260 -1.565  -6.539  1.00 15.39 ? 146 ILE A CG2 1 
ATOM   962  C CD1 . ILE A 1 119 ? -9.506  1.530   -5.051  1.00 15.82 ? 146 ILE A CD1 1 
ATOM   963  N N   . VAL A 1 120 ? -10.157 -0.978  -9.476  1.00 14.04 ? 147 VAL A N   1 
ATOM   964  C CA  . VAL A 1 120 ? -9.205  -1.630  -10.384 1.00 13.96 ? 147 VAL A CA  1 
ATOM   965  C C   . VAL A 1 120 ? -8.754  -0.684  -11.490 1.00 13.89 ? 147 VAL A C   1 
ATOM   966  O O   . VAL A 1 120 ? -7.564  -0.612  -11.822 1.00 14.45 ? 147 VAL A O   1 
ATOM   967  C CB  . VAL A 1 120 ? -9.760  -2.962  -10.931 1.00 13.81 ? 147 VAL A CB  1 
ATOM   968  C CG1 . VAL A 1 120 ? -8.848  -3.551  -12.008 1.00 13.93 ? 147 VAL A CG1 1 
ATOM   969  C CG2 . VAL A 1 120 ? -9.918  -3.936  -9.769  1.00 13.33 ? 147 VAL A CG2 1 
ATOM   970  N N   . LEU A 1 121 ? -9.682  0.094   -12.015 1.00 14.64 ? 148 LEU A N   1 
ATOM   971  C CA  . LEU A 1 121 ? -9.330  1.085   -13.013 1.00 15.12 ? 148 LEU A CA  1 
ATOM   972  C C   . LEU A 1 121 ? -8.332  2.108   -12.467 1.00 14.42 ? 148 LEU A C   1 
ATOM   973  O O   . LEU A 1 121 ? -7.392  2.483   -13.156 1.00 14.48 ? 148 LEU A O   1 
ATOM   974  C CB  . LEU A 1 121 ? -10.578 1.788   -13.527 1.00 16.88 ? 148 LEU A CB  1 
ATOM   975  C CG  . LEU A 1 121 ? -11.653 0.943   -14.224 1.00 17.96 ? 148 LEU A CG  1 
ATOM   976  C CD1 . LEU A 1 121 ? -12.761 1.871   -14.681 1.00 19.05 ? 148 LEU A CD1 1 
ATOM   977  C CD2 . LEU A 1 121 ? -11.099 0.166   -15.395 1.00 18.85 ? 148 LEU A CD2 1 
ATOM   978  N N   . MET A 1 122 ? -8.538  2.516   -11.220 1.00 14.07 ? 149 MET A N   1 
ATOM   979  C CA  . MET A 1 122 ? -7.634  3.423   -10.500 1.00 14.32 ? 149 MET A CA  1 
ATOM   980  C C   . MET A 1 122 ? -6.243  2.823   -10.306 1.00 14.14 ? 149 MET A C   1 
ATOM   981  O O   . MET A 1 122 ? -5.223  3.466   -10.603 1.00 14.55 ? 149 MET A O   1 
ATOM   982  C CB  . MET A 1 122 ? -8.252  3.782   -9.143  1.00 14.15 ? 149 MET A CB  1 
ATOM   983  C CG  . MET A 1 122 ? -9.505  4.633   -9.298  1.00 15.05 ? 149 MET A CG  1 
ATOM   984  S SD  . MET A 1 122 ? -10.432 4.817   -7.771  1.00 16.60 ? 149 MET A SD  1 
ATOM   985  C CE  . MET A 1 122 ? -9.741  6.362   -7.212  1.00 15.33 ? 149 MET A CE  1 
ATOM   986  N N   . ALA A 1 123 ? -6.207  1.582   -9.819  1.00 13.53 ? 150 ALA A N   1 
ATOM   987  C CA  . ALA A 1 123 ? -4.948  0.850   -9.664  1.00 13.51 ? 150 ALA A CA  1 
ATOM   988  C C   . ALA A 1 123 ? -4.193  0.672   -11.011 1.00 14.29 ? 150 ALA A C   1 
ATOM   989  O O   . ALA A 1 123 ? -3.001  0.921   -11.070 1.00 14.07 ? 150 ALA A O   1 
ATOM   990  C CB  . ALA A 1 123 ? -5.211  -0.489  -8.997  1.00 12.91 ? 150 ALA A CB  1 
ATOM   991  N N   . GLU A 1 124 ? -4.896  0.290   -12.090 1.00 15.38 ? 151 GLU A N   1 
ATOM   992  C CA  . GLU A 1 124 ? -4.284  0.167   -13.422 1.00 16.37 ? 151 GLU A CA  1 
ATOM   993  C C   . GLU A 1 124 ? -3.612  1.439   -13.891 1.00 16.24 ? 151 GLU A C   1 
ATOM   994  O O   . GLU A 1 124 ? -2.465  1.408   -14.350 1.00 16.82 ? 151 GLU A O   1 
ATOM   995  C CB  . GLU A 1 124 ? -5.301  -0.257  -14.482 1.00 18.58 ? 151 GLU A CB  1 
ATOM   996  C CG  . GLU A 1 124 ? -5.713  -1.718  -14.404 1.00 20.43 ? 151 GLU A CG  1 
ATOM   997  C CD  . GLU A 1 124 ? -6.947  -2.037  -15.233 1.00 22.36 ? 151 GLU A CD  1 
ATOM   998  O OE1 . GLU A 1 124 ? -7.375  -1.213  -16.060 1.00 25.09 ? 151 GLU A OE1 1 
ATOM   999  O OE2 . GLU A 1 124 ? -7.481  -3.153  -15.075 1.00 26.75 ? 151 GLU A OE2 1 
ATOM   1000 N N   . ALA A 1 125 ? -4.317  2.557   -13.746 1.00 15.55 ? 152 ALA A N   1 
ATOM   1001 C CA  . ALA A 1 125 ? -3.773  3.863   -14.115 1.00 15.57 ? 152 ALA A CA  1 
ATOM   1002 C C   . ALA A 1 125 ? -2.517  4.212   -13.322 1.00 14.87 ? 152 ALA A C   1 
ATOM   1003 O O   . ALA A 1 125 ? -1.517  4.611   -13.891 1.00 14.85 ? 152 ALA A O   1 
ATOM   1004 C CB  . ALA A 1 125 ? -4.846  4.940   -13.930 1.00 15.85 ? 152 ALA A CB  1 
ATOM   1005 N N   . LEU A 1 126 ? -2.585  4.072   -12.003 1.00 15.33 ? 153 LEU A N   1 
ATOM   1006 C CA  . LEU A 1 126 ? -1.441  4.316   -11.124 1.00 15.32 ? 153 LEU A CA  1 
ATOM   1007 C C   . LEU A 1 126 ? -0.289  3.338   -11.396 1.00 15.60 ? 153 LEU A C   1 
ATOM   1008 O O   . LEU A 1 126 ? 0.863   3.713   -11.283 1.00 15.80 ? 153 LEU A O   1 
ATOM   1009 C CB  . LEU A 1 126 ? -1.848  4.212   -9.651  1.00 15.23 ? 153 LEU A CB  1 
ATOM   1010 C CG  . LEU A 1 126 ? -2.739  5.298   -9.060  1.00 15.67 ? 153 LEU A CG  1 
ATOM   1011 C CD1 . LEU A 1 126 ? -3.035  4.935   -7.610  1.00 16.64 ? 153 LEU A CD1 1 
ATOM   1012 C CD2 . LEU A 1 126 ? -2.136  6.690   -9.151  1.00 15.58 ? 153 LEU A CD2 1 
ATOM   1013 N N   . GLU A 1 127 ? -0.610  2.090   -11.732 1.00 16.46 ? 154 GLU A N   1 
ATOM   1014 C CA  . GLU A 1 127 ? 0.413   1.102   -12.041 1.00 17.18 ? 154 GLU A CA  1 
ATOM   1015 C C   . GLU A 1 127 ? 1.126   1.436   -13.336 1.00 17.88 ? 154 GLU A C   1 
ATOM   1016 O O   . GLU A 1 127 ? 2.326   1.312   -13.427 1.00 16.65 ? 154 GLU A O   1 
ATOM   1017 C CB  . GLU A 1 127 ? -0.170  -0.293  -12.148 1.00 18.50 ? 154 GLU A CB  1 
ATOM   1018 C CG  . GLU A 1 127 ? 0.931   -1.331  -12.295 1.00 21.49 ? 154 GLU A CG  1 
ATOM   1019 C CD  . GLU A 1 127 ? 0.436   -2.757  -12.338 1.00 24.65 ? 154 GLU A CD  1 
ATOM   1020 O OE1 . GLU A 1 127 ? -0.704  -3.012  -12.750 1.00 25.02 ? 154 GLU A OE1 1 
ATOM   1021 O OE2 . GLU A 1 127 ? 1.231   -3.628  -11.960 1.00 28.96 ? 154 GLU A OE2 1 
ATOM   1022 N N   . LYS A 1 128 ? 0.368   1.818   -14.351 1.00 18.02 ? 155 LYS A N   1 
ATOM   1023 C CA  . LYS A 1 128 ? 0.947   2.275   -15.605 1.00 19.06 ? 155 LYS A CA  1 
ATOM   1024 C C   . LYS A 1 128 ? 1.923   3.430   -15.378 1.00 18.00 ? 155 LYS A C   1 
ATOM   1025 O O   . LYS A 1 128 ? 2.984   3.435   -15.949 1.00 17.27 ? 155 LYS A O   1 
ATOM   1026 C CB  . LYS A 1 128 ? -0.163  2.708   -16.549 1.00 20.38 ? 155 LYS A CB  1 
ATOM   1027 C CG  . LYS A 1 128 ? 0.275   3.513   -17.759 1.00 22.96 ? 155 LYS A CG  1 
ATOM   1028 C CD  . LYS A 1 128 ? -0.945  4.208   -18.333 1.00 25.37 ? 155 LYS A CD  1 
ATOM   1029 C CE  . LYS A 1 128 ? -0.615  5.082   -19.513 1.00 26.39 ? 155 LYS A CE  1 
ATOM   1030 N NZ  . LYS A 1 128 ? -1.899  5.350   -20.197 1.00 27.58 ? 155 LYS A NZ  1 
ATOM   1031 N N   . LEU A 1 129 ? 1.552   4.390   -14.544 1.00 18.16 ? 156 LEU A N   1 
ATOM   1032 C CA  . LEU A 1 129 ? 2.420   5.536   -14.229 1.00 18.56 ? 156 LEU A CA  1 
ATOM   1033 C C   . LEU A 1 129 ? 3.695   5.122   -13.435 1.00 17.70 ? 156 LEU A C   1 
ATOM   1034 O O   . LEU A 1 129 ? 4.821   5.552   -13.728 1.00 15.19 ? 156 LEU A O   1 
ATOM   1035 C CB  . LEU A 1 129 ? 1.634   6.569   -13.414 1.00 21.42 ? 156 LEU A CB  1 
ATOM   1036 C CG  . LEU A 1 129 ? 1.083   7.790   -14.121 1.00 25.46 ? 156 LEU A CG  1 
ATOM   1037 C CD1 . LEU A 1 129 ? 0.142   8.556   -13.203 1.00 27.23 ? 156 LEU A CD1 1 
ATOM   1038 C CD2 . LEU A 1 129 ? 2.236   8.701   -14.520 1.00 26.93 ? 156 LEU A CD2 1 
ATOM   1039 N N   . PHE A 1 130 ? 3.465   4.332   -12.388 1.00 15.49 ? 157 PHE A N   1 
ATOM   1040 C CA  . PHE A 1 130 ? 4.521   3.717   -11.623 1.00 15.07 ? 157 PHE A CA  1 
ATOM   1041 C C   . PHE A 1 130 ? 5.555   3.083   -12.550 1.00 14.97 ? 157 PHE A C   1 
ATOM   1042 O O   . PHE A 1 130 ? 6.741   3.387   -12.437 1.00 14.43 ? 157 PHE A O   1 
ATOM   1043 C CB  . PHE A 1 130 ? 3.927   2.652   -10.678 1.00 14.75 ? 157 PHE A CB  1 
ATOM   1044 C CG  . PHE A 1 130 ? 4.959   1.903   -9.886  1.00 14.24 ? 157 PHE A CG  1 
ATOM   1045 C CD1 . PHE A 1 130 ? 5.641   2.526   -8.855  1.00 14.21 ? 157 PHE A CD1 1 
ATOM   1046 C CD2 . PHE A 1 130 ? 5.231   0.551   -10.168 1.00 14.98 ? 157 PHE A CD2 1 
ATOM   1047 C CE1 . PHE A 1 130 ? 6.594   1.833   -8.112  1.00 14.53 ? 157 PHE A CE1 1 
ATOM   1048 C CE2 . PHE A 1 130 ? 6.172   -0.138  -9.426  1.00 14.96 ? 157 PHE A CE2 1 
ATOM   1049 C CZ  . PHE A 1 130 ? 6.857   0.502   -8.404  1.00 14.49 ? 157 PHE A CZ  1 
ATOM   1050 N N   . LEU A 1 131 ? 5.109   2.217   -13.461 1.00 15.87 ? 158 LEU A N   1 
ATOM   1051 C CA  . LEU A 1 131 ? 6.033   1.519   -14.383 1.00 16.65 ? 158 LEU A CA  1 
ATOM   1052 C C   . LEU A 1 131 ? 6.810   2.487   -15.287 1.00 17.25 ? 158 LEU A C   1 
ATOM   1053 O O   . LEU A 1 131 ? 8.012   2.287   -15.532 1.00 15.88 ? 158 LEU A O   1 
ATOM   1054 C CB  . LEU A 1 131 ? 5.305   0.448   -15.204 1.00 18.31 ? 158 LEU A CB  1 
ATOM   1055 C CG  . LEU A 1 131 ? 4.828   -0.771  -14.415 1.00 18.34 ? 158 LEU A CG  1 
ATOM   1056 C CD1 . LEU A 1 131 ? 3.876   -1.605  -15.248 1.00 19.54 ? 158 LEU A CD1 1 
ATOM   1057 C CD2 . LEU A 1 131 ? 5.992   -1.625  -13.918 1.00 19.35 ? 158 LEU A CD2 1 
ATOM   1058 N N   . GLN A 1 132 ? 6.151   3.554   -15.740 1.00 18.12 ? 159 GLN A N   1 
ATOM   1059 C CA  . GLN A 1 132 ? 6.822   4.600   -16.526 1.00 19.40 ? 159 GLN A CA  1 
ATOM   1060 C C   . GLN A 1 132 ? 7.911   5.279   -15.729 1.00 18.79 ? 159 GLN A C   1 
ATOM   1061 O O   . GLN A 1 132 ? 9.032   5.424   -16.226 1.00 18.94 ? 159 GLN A O   1 
ATOM   1062 C CB  . GLN A 1 132 ? 5.838   5.636   -17.097 1.00 22.06 ? 159 GLN A CB  1 
ATOM   1063 C CG  . GLN A 1 132 ? 4.908   5.066   -18.173 1.00 25.15 ? 159 GLN A CG  1 
ATOM   1064 C CD  . GLN A 1 132 ? 3.868   6.059   -18.720 1.00 29.45 ? 159 GLN A CD  1 
ATOM   1065 O OE1 . GLN A 1 132 ? 3.976   7.279   -18.544 1.00 31.37 ? 159 GLN A OE1 1 
ATOM   1066 N NE2 . GLN A 1 132 ? 2.866   5.527   -19.412 1.00 33.33 ? 159 GLN A NE2 1 
ATOM   1067 N N   . LYS A 1 133 ? 7.615   5.645   -14.486 1.00 19.32 ? 160 LYS A N   1 
ATOM   1068 C CA  . LYS A 1 133 ? 8.582   6.319   -13.624 1.00 19.62 ? 160 LYS A CA  1 
ATOM   1069 C C   . LYS A 1 133 ? 9.712   5.381   -13.208 1.00 19.21 ? 160 LYS A C   1 
ATOM   1070 O O   . LYS A 1 133 ? 10.833  5.812   -13.064 1.00 17.54 ? 160 LYS A O   1 
ATOM   1071 C CB  . LYS A 1 133 ? 7.923   6.865   -12.369 1.00 21.68 ? 160 LYS A CB  1 
ATOM   1072 C CG  . LYS A 1 133 ? 6.753   7.822   -12.606 1.00 23.89 ? 160 LYS A CG  1 
ATOM   1073 C CD  . LYS A 1 133 ? 7.129   9.274   -12.452 1.00 27.83 ? 160 LYS A CD  1 
ATOM   1074 C CE  . LYS A 1 133 ? 8.091   9.736   -13.521 1.00 29.73 ? 160 LYS A CE  1 
ATOM   1075 N NZ  . LYS A 1 133 ? 8.022   11.217  -13.768 1.00 33.18 ? 160 LYS A NZ  1 
ATOM   1076 N N   . ILE A 1 134 ? 9.400   4.099   -13.004 1.00 18.71 ? 161 ILE A N   1 
ATOM   1077 C CA  . ILE A 1 134 ? 10.420  3.077   -12.716 1.00 19.17 ? 161 ILE A CA  1 
ATOM   1078 C C   . ILE A 1 134 ? 11.461  2.954   -13.846 1.00 19.25 ? 161 ILE A C   1 
ATOM   1079 O O   . ILE A 1 134 ? 12.658  2.765   -13.580 1.00 18.47 ? 161 ILE A O   1 
ATOM   1080 C CB  . ILE A 1 134 ? 9.756   1.702   -12.394 1.00 19.66 ? 161 ILE A CB  1 
ATOM   1081 C CG1 . ILE A 1 134 ? 9.126   1.730   -11.010 1.00 18.83 ? 161 ILE A CG1 1 
ATOM   1082 C CG2 . ILE A 1 134 ? 10.735  0.532   -12.518 1.00 20.72 ? 161 ILE A CG2 1 
ATOM   1083 C CD1 . ILE A 1 134 ? 10.050  2.065   -9.871  1.00 19.71 ? 161 ILE A CD1 1 
ATOM   1084 N N   . ASN A 1 135 ? 11.033  3.074   -15.098 1.00 20.58 ? 162 ASN A N   1 
ATOM   1085 C CA  . ASN A 1 135 ? 11.984  3.097   -16.225 1.00 22.97 ? 162 ASN A CA  1 
ATOM   1086 C C   . ASN A 1 135 ? 12.957  4.292   -16.292 1.00 23.97 ? 162 ASN A C   1 
ATOM   1087 O O   . ASN A 1 135 ? 13.892  4.258   -17.088 1.00 25.45 ? 162 ASN A O   1 
ATOM   1088 C CB  . ASN A 1 135 ? 11.263  2.925   -17.579 1.00 23.15 ? 162 ASN A CB  1 
ATOM   1089 C CG  . ASN A 1 135 ? 10.946  1.455   -17.896 1.00 25.04 ? 162 ASN A CG  1 
ATOM   1090 O OD1 . ASN A 1 135 ? 11.762  0.559   -17.640 1.00 24.77 ? 162 ASN A OD1 1 
ATOM   1091 N ND2 . ASN A 1 135 ? 9.755   1.206   -18.463 1.00 24.95 ? 162 ASN A ND2 1 
ATOM   1092 N N   . GLU A 1 136 ? 12.746  5.331   -15.488 1.00 24.06 ? 163 GLU A N   1 
ATOM   1093 C CA  . GLU A 1 136 ? 13.679  6.477   -15.422 1.00 26.23 ? 163 GLU A CA  1 
ATOM   1094 C C   . GLU A 1 136 ? 14.536  6.420   -14.147 1.00 24.72 ? 163 GLU A C   1 
ATOM   1095 O O   . GLU A 1 136 ? 15.167  7.404   -13.785 1.00 23.25 ? 163 GLU A O   1 
ATOM   1096 C CB  . GLU A 1 136 ? 12.954  7.855   -15.556 1.00 30.16 ? 163 GLU A CB  1 
ATOM   1097 C CG  . GLU A 1 136 ? 11.423  7.854   -15.669 1.00 33.20 ? 163 GLU A CG  1 
ATOM   1098 C CD  . GLU A 1 136 ? 10.749  9.226   -15.492 1.00 36.81 ? 163 GLU A CD  1 
ATOM   1099 O OE1 . GLU A 1 136 ? 11.186  10.046  -14.623 1.00 40.01 ? 163 GLU A OE1 1 
ATOM   1100 O OE2 . GLU A 1 136 ? 9.742   9.467   -16.216 1.00 36.09 ? 163 GLU A OE2 1 
ATOM   1101 N N   . LEU A 1 137 ? 14.547  5.268   -13.469 1.00 22.61 ? 164 LEU A N   1 
ATOM   1102 C CA  . LEU A 1 137 ? 15.292  5.097   -12.226 1.00 23.72 ? 164 LEU A CA  1 
ATOM   1103 C C   . LEU A 1 137 ? 16.798  5.236   -12.527 1.00 23.63 ? 164 LEU A C   1 
ATOM   1104 O O   . LEU A 1 137 ? 17.249  4.759   -13.570 1.00 22.86 ? 164 LEU A O   1 
ATOM   1105 C CB  . LEU A 1 137 ? 14.990  3.703   -11.637 1.00 25.11 ? 164 LEU A CB  1 
ATOM   1106 C CG  . LEU A 1 137 ? 15.252  3.373   -10.182 1.00 25.57 ? 164 LEU A CG  1 
ATOM   1107 C CD1 . LEU A 1 137 ? 14.367  4.193   -9.262  1.00 26.44 ? 164 LEU A CD1 1 
ATOM   1108 C CD2 . LEU A 1 137 ? 15.057  1.876   -9.932  1.00 27.77 ? 164 LEU A CD2 1 
ATOM   1109 N N   . PRO A 1 138 ? 17.574  5.892   -11.641 1.00 23.74 ? 165 PRO A N   1 
ATOM   1110 C CA  . PRO A 1 138 ? 19.036  5.948   -11.866 1.00 23.54 ? 165 PRO A CA  1 
ATOM   1111 C C   . PRO A 1 138 ? 19.709  4.566   -11.843 1.00 23.79 ? 165 PRO A C   1 
ATOM   1112 O O   . PRO A 1 138 ? 19.295  3.706   -11.051 1.00 23.93 ? 165 PRO A O   1 
ATOM   1113 C CB  . PRO A 1 138 ? 19.559  6.788   -10.698 1.00 24.05 ? 165 PRO A CB  1 
ATOM   1114 C CG  . PRO A 1 138 ? 18.377  7.303   -9.976  1.00 24.65 ? 165 PRO A CG  1 
ATOM   1115 C CD  . PRO A 1 138 ? 17.181  6.504   -10.364 1.00 24.09 ? 165 PRO A CD  1 
HETATM 1116 N N   . NO3 B 2 .   ? -24.641 -10.619 22.968  1.00 27.68 ? 201 NO3 A N   1 
HETATM 1117 O O1  . NO3 B 2 .   ? -25.426 -10.548 22.021  1.00 25.72 ? 201 NO3 A O1  1 
HETATM 1118 O O2  . NO3 B 2 .   ? -23.321 -10.203 22.854  1.00 27.74 ? 201 NO3 A O2  1 
HETATM 1119 O O3  . NO3 B 2 .   ? -25.055 -11.114 24.200  1.00 27.58 ? 201 NO3 A O3  1 
HETATM 1120 N N   . NO3 C 2 .   ? 20.712  0.738   9.645   1.00 29.79 ? 202 NO3 A N   1 
HETATM 1121 O O1  . NO3 C 2 .   ? 21.116  -0.272  9.044   1.00 26.65 ? 202 NO3 A O1  1 
HETATM 1122 O O2  . NO3 C 2 .   ? 19.577  0.636   10.462  1.00 31.84 ? 202 NO3 A O2  1 
HETATM 1123 O O3  . NO3 C 2 .   ? 21.352  1.996   9.519   1.00 25.02 ? 202 NO3 A O3  1 
HETATM 1124 C CAU . EB5 D 3 .   ? -13.523 3.360   -5.807  1.00 26.90 ? 203 EB5 A CAU 1 
HETATM 1125 C CAT . EB5 D 3 .   ? -13.325 3.841   -4.396  1.00 26.58 ? 203 EB5 A CAT 1 
HETATM 1126 N NAS . EB5 D 3 .   ? -14.294 3.073   -3.587  1.00 26.28 ? 203 EB5 A NAS 1 
HETATM 1127 S SAP . EB5 D 3 .   ? -14.036 3.028   -1.846  1.00 24.41 ? 203 EB5 A SAP 1 
HETATM 1128 O OAQ . EB5 D 3 .   ? -13.631 4.391   -1.228  1.00 25.07 ? 203 EB5 A OAQ 1 
HETATM 1129 O OAR . EB5 D 3 .   ? -15.314 2.454   -1.215  1.00 26.88 ? 203 EB5 A OAR 1 
HETATM 1130 C CAC . EB5 D 3 .   ? -12.612 1.887   -1.705  1.00 23.41 ? 203 EB5 A CAC 1 
HETATM 1131 C CAB . EB5 D 3 .   ? -11.401 2.415   -1.228  1.00 22.54 ? 203 EB5 A CAB 1 
HETATM 1132 C CAA . EB5 D 3 .   ? -10.263 1.590   -1.156  1.00 22.28 ? 203 EB5 A CAA 1 
HETATM 1133 C CAF . EB5 D 3 .   ? -10.340 0.301   -1.541  1.00 21.41 ? 203 EB5 A CAF 1 
HETATM 1134 C CAE . EB5 D 3 .   ? -11.501 -0.186  -2.013  1.00 21.29 ? 203 EB5 A CAE 1 
HETATM 1135 C CAD . EB5 D 3 .   ? -12.646 0.529   -2.126  1.00 21.64 ? 203 EB5 A CAD 1 
HETATM 1136 C CAG . EB5 D 3 .   ? -13.779 -0.125  -2.629  1.00 21.00 ? 203 EB5 A CAG 1 
HETATM 1137 C CAH . EB5 D 3 .   ? -13.653 -1.478  -2.997  1.00 21.30 ? 203 EB5 A CAH 1 
HETATM 1138 C CAI . EB5 D 3 .   ? -12.409 -2.135  -2.836  1.00 20.79 ? 203 EB5 A CAI 1 
HETATM 1139 C CAJ . EB5 D 3 .   ? -11.355 -1.478  -2.338  1.00 20.87 ? 203 EB5 A CAJ 1 
HETATM 1140 C CAL . EB5 D 3 .   ? -10.053 -1.761  -2.097  1.00 20.55 ? 203 EB5 A CAL 1 
HETATM 1141 O OAO . EB5 D 3 .   ? -9.469  -2.802  -2.405  1.00 17.99 ? 203 EB5 A OAO 1 
HETATM 1142 N NAK . EB5 D 3 .   ? -9.431  -0.680  -1.610  1.00 20.12 ? 203 EB5 A NAK 1 
HETATM 1143 C CAM . EB5 D 3 .   ? -8.029  -0.537  -1.314  1.00 20.23 ? 203 EB5 A CAM 1 
HETATM 1144 C CAN . EB5 D 3 .   ? -7.275  -0.094  -2.574  1.00 20.17 ? 203 EB5 A CAN 1 
HETATM 1145 C C1  . GOL E 4 .   ? 1.413   -6.553  8.573   1.00 38.50 ? 204 GOL A C1  1 
HETATM 1146 O O1  . GOL E 4 .   ? 0.163   -6.076  8.090   1.00 36.94 ? 204 GOL A O1  1 
HETATM 1147 C C2  . GOL E 4 .   ? 1.594   -6.197  10.050  1.00 40.63 ? 204 GOL A C2  1 
HETATM 1148 O O2  . GOL E 4 .   ? 0.354   -6.072  10.756  1.00 36.31 ? 204 GOL A O2  1 
HETATM 1149 C C3  . GOL E 4 .   ? 2.428   -7.255  10.758  1.00 43.18 ? 204 GOL A C3  1 
HETATM 1150 O O3  . GOL E 4 .   ? 3.035   -6.625  11.887  1.00 47.81 ? 204 GOL A O3  1 
HETATM 1151 C C1  . EDO F 5 .   ? -3.376  -12.372 -0.410  1.00 25.54 ? 205 EDO A C1  1 
HETATM 1152 O O1  . EDO F 5 .   ? -3.381  -12.686 0.978   1.00 24.44 ? 205 EDO A O1  1 
HETATM 1153 C C2  . EDO F 5 .   ? -2.229  -11.415 -0.676  1.00 25.46 ? 205 EDO A C2  1 
HETATM 1154 O O2  . EDO F 5 .   ? -2.322  -10.341 0.264   1.00 25.50 ? 205 EDO A O2  1 
HETATM 1155 S S   . DMS G 6 .   ? 0.167   4.832   7.385   1.00 62.56 ? 206 DMS A S   1 
HETATM 1156 O O   . DMS G 6 .   ? 1.423   5.602   7.407   1.00 65.86 ? 206 DMS A O   1 
HETATM 1157 C C1  . DMS G 6 .   ? -0.100  4.142   8.929   1.00 58.94 ? 206 DMS A C1  1 
HETATM 1158 C C2  . DMS G 6 .   ? -1.134  5.928   7.234   1.00 60.13 ? 206 DMS A C2  1 
HETATM 1159 S S   . DMS H 6 .   ? 20.344  4.782   7.387   1.00 70.35 ? 207 DMS A S   1 
HETATM 1160 O O   . DMS H 6 .   ? 20.445  5.774   6.304   1.00 71.50 ? 207 DMS A O   1 
HETATM 1161 C C1  . DMS H 6 .   ? 21.831  4.803   8.231   1.00 70.49 ? 207 DMS A C1  1 
HETATM 1162 C C2  . DMS H 6 .   ? 19.225  5.314   8.568   1.00 67.09 ? 207 DMS A C2  1 
HETATM 1163 O O   . HOH I 7 .   ? -14.437 -9.495  9.076   1.00 33.20 ? 301 HOH A O   1 
HETATM 1164 O O   . HOH I 7 .   ? -1.939  -4.697  8.263   1.00 14.64 ? 302 HOH A O   1 
HETATM 1165 O O   . HOH I 7 .   ? -16.477 4.438   -13.452 1.00 22.29 ? 303 HOH A O   1 
HETATM 1166 O O   . HOH I 7 .   ? -11.605 -7.793  16.373  1.00 28.39 ? 304 HOH A O   1 
HETATM 1167 O O   . HOH I 7 .   ? 2.416   -9.708  -7.437  1.00 25.30 ? 305 HOH A O   1 
HETATM 1168 O O   . HOH I 7 .   ? 18.450  -1.599  -7.627  1.00 28.30 ? 306 HOH A O   1 
HETATM 1169 O O   . HOH I 7 .   ? 13.840  -4.875  15.662  1.00 32.25 ? 307 HOH A O   1 
HETATM 1170 O O   . HOH I 7 .   ? 15.795  -7.255  -2.007  1.00 27.94 ? 308 HOH A O   1 
HETATM 1171 O O   . HOH I 7 .   ? -3.872  -3.730  0.885   1.00 17.15 ? 309 HOH A O   1 
HETATM 1172 O O   . HOH I 7 .   ? -5.366  -0.748  12.656  1.00 35.98 ? 310 HOH A O   1 
HETATM 1173 O O   . HOH I 7 .   ? -19.359 2.383   6.940   1.00 21.49 ? 311 HOH A O   1 
HETATM 1174 O O   . HOH I 7 .   ? -18.087 -6.411  14.092  1.00 17.79 ? 312 HOH A O   1 
HETATM 1175 O O   . HOH I 7 .   ? -11.742 -6.063  9.224   1.00 28.07 ? 313 HOH A O   1 
HETATM 1176 O O   . HOH I 7 .   ? -6.685  -3.576  -2.304  1.00 15.68 ? 314 HOH A O   1 
HETATM 1177 O O   . HOH I 7 .   ? 20.002  2.964   11.742  1.00 32.93 ? 315 HOH A O   1 
HETATM 1178 O O   . HOH I 7 .   ? -7.617  -6.152  15.158  1.00 21.04 ? 316 HOH A O   1 
HETATM 1179 O O   . HOH I 7 .   ? 1.863   -6.423  5.027   1.00 22.35 ? 317 HOH A O   1 
HETATM 1180 O O   . HOH I 7 .   ? 18.863  1.024   -4.058  1.00 16.89 ? 318 HOH A O   1 
HETATM 1181 O O   . HOH I 7 .   ? -15.867 1.535   -5.157  1.00 30.56 ? 319 HOH A O   1 
HETATM 1182 O O   . HOH I 7 .   ? -3.813  -0.586  -0.531  1.00 16.23 ? 320 HOH A O   1 
HETATM 1183 O O   . HOH I 7 .   ? -10.164 -3.573  -15.389 1.00 36.59 ? 321 HOH A O   1 
HETATM 1184 O O   . HOH I 7 .   ? -6.663  3.469   7.432   1.00 27.86 ? 322 HOH A O   1 
HETATM 1185 O O   . HOH I 7 .   ? -14.455 -3.049  -6.078  1.00 31.70 ? 323 HOH A O   1 
HETATM 1186 O O   . HOH I 7 .   ? 11.138  -1.567  -16.005 1.00 17.77 ? 324 HOH A O   1 
HETATM 1187 O O   . HOH I 7 .   ? -6.094  11.355  -4.791  1.00 19.66 ? 325 HOH A O   1 
HETATM 1188 O O   . HOH I 7 .   ? -4.388  -2.232  -2.610  1.00 15.24 ? 326 HOH A O   1 
HETATM 1189 O O   . HOH I 7 .   ? -14.338 9.282   8.497   1.00 37.62 ? 327 HOH A O   1 
HETATM 1190 O O   . HOH I 7 .   ? -6.727  9.635   1.590   1.00 26.76 ? 328 HOH A O   1 
HETATM 1191 O O   . HOH I 7 .   ? 1.417   1.515   8.351   1.00 15.18 ? 329 HOH A O   1 
HETATM 1192 O O   . HOH I 7 .   ? -1.759  -1.627  4.453   1.00 9.92  ? 330 HOH A O   1 
HETATM 1193 O O   . HOH I 7 .   ? -16.388 -4.121  7.978   1.00 27.54 ? 331 HOH A O   1 
HETATM 1194 O O   . HOH I 7 .   ? -8.649  3.493   1.460   1.00 34.25 ? 332 HOH A O   1 
HETATM 1195 O O   . HOH I 7 .   ? -11.626 -7.900  7.118   1.00 18.21 ? 333 HOH A O   1 
HETATM 1196 O O   . HOH I 7 .   ? -11.325 -9.778  9.492   1.00 27.89 ? 334 HOH A O   1 
HETATM 1197 O O   . HOH I 7 .   ? -7.695  2.929   -15.892 1.00 22.07 ? 335 HOH A O   1 
HETATM 1198 O O   . HOH I 7 .   ? 1.380   -1.951  13.674  1.00 31.64 ? 336 HOH A O   1 
HETATM 1199 O O   . HOH I 7 .   ? -5.138  1.216   0.654   1.00 13.57 ? 337 HOH A O   1 
HETATM 1200 O O   . HOH I 7 .   ? -8.895  -7.955  -10.803 1.00 25.28 ? 338 HOH A O   1 
HETATM 1201 O O   . HOH I 7 .   ? 16.619  -5.163  4.887   1.00 22.28 ? 339 HOH A O   1 
HETATM 1202 O O   . HOH I 7 .   ? -15.260 -6.056  20.596  1.00 28.26 ? 340 HOH A O   1 
HETATM 1203 O O   . HOH I 7 .   ? -9.183  2.884   3.870   1.00 20.34 ? 341 HOH A O   1 
HETATM 1204 O O   . HOH I 7 .   ? -19.849 -14.067 20.902  1.00 33.21 ? 342 HOH A O   1 
HETATM 1205 O O   . HOH I 7 .   ? -6.831  -0.483  8.663   1.00 19.84 ? 343 HOH A O   1 
HETATM 1206 O O   . HOH I 7 .   ? -4.524  -1.510  9.239   1.00 20.60 ? 344 HOH A O   1 
HETATM 1207 O O   . HOH I 7 .   ? 5.739   -6.303  0.329   1.00 43.80 ? 345 HOH A O   1 
HETATM 1208 O O   . HOH I 7 .   ? 16.046  12.470  -6.420  1.00 42.40 ? 346 HOH A O   1 
HETATM 1209 O O   . HOH I 7 .   ? 3.647   -3.296  -10.166 1.00 40.21 ? 347 HOH A O   1 
HETATM 1210 O O   . HOH I 7 .   ? -17.505 0.716   0.025   1.00 38.07 ? 348 HOH A O   1 
HETATM 1211 O O   . HOH I 7 .   ? 2.140   8.423   5.172   1.00 35.79 ? 349 HOH A O   1 
HETATM 1212 O O   . HOH I 7 .   ? -3.792  13.641  -3.883  1.00 40.13 ? 350 HOH A O   1 
HETATM 1213 O O   . HOH I 7 .   ? 6.054   0.949   12.964  1.00 24.99 ? 351 HOH A O   1 
HETATM 1214 O O   . HOH I 7 .   ? -4.167  -1.925  3.131   1.00 16.98 ? 352 HOH A O   1 
HETATM 1215 O O   . HOH I 7 .   ? 8.653   -0.565  -15.794 1.00 25.71 ? 353 HOH A O   1 
HETATM 1216 O O   . HOH I 7 .   ? 14.908  3.685   2.899   1.00 23.94 ? 354 HOH A O   1 
HETATM 1217 O O   . HOH I 7 .   ? -10.345 -1.280  14.090  1.00 21.49 ? 355 HOH A O   1 
HETATM 1218 O O   . HOH I 7 .   ? 14.399  10.003  3.629   1.00 38.80 ? 356 HOH A O   1 
HETATM 1219 O O   . HOH I 7 .   ? -14.334 -0.378  -6.889  1.00 20.16 ? 357 HOH A O   1 
HETATM 1220 O O   . HOH I 7 .   ? -5.720  -5.099  -13.670 1.00 32.68 ? 358 HOH A O   1 
HETATM 1221 O O   . HOH I 7 .   ? 20.824  -0.626  -4.020  1.00 33.97 ? 359 HOH A O   1 
HETATM 1222 O O   . HOH I 7 .   ? 14.114  10.919  -14.160 1.00 43.27 ? 360 HOH A O   1 
HETATM 1223 O O   . HOH I 7 .   ? -17.113 0.034   -9.176  1.00 34.55 ? 361 HOH A O   1 
HETATM 1224 O O   . HOH I 7 .   ? 17.464  -3.020  -5.419  1.00 13.49 ? 362 HOH A O   1 
HETATM 1225 O O   . HOH I 7 .   ? 21.182  3.816   -5.939  1.00 44.88 ? 363 HOH A O   1 
HETATM 1226 O O   . HOH I 7 .   ? 23.131  4.677   4.166   1.00 29.27 ? 364 HOH A O   1 
HETATM 1227 O O   . HOH I 7 .   ? 4.755   -5.295  9.088   1.00 31.74 ? 365 HOH A O   1 
HETATM 1228 O O   . HOH I 7 .   ? -3.382  -2.733  6.932   1.00 13.22 ? 366 HOH A O   1 
HETATM 1229 O O   . HOH I 7 .   ? 1.172   -5.971  -9.665  1.00 32.46 ? 367 HOH A O   1 
HETATM 1230 O O   . HOH I 7 .   ? -8.060  -1.639  -19.231 1.00 41.76 ? 368 HOH A O   1 
HETATM 1231 O O   . HOH I 7 .   ? -18.357 -12.130 1.789   1.00 36.09 ? 369 HOH A O   1 
HETATM 1232 O O   . HOH I 7 .   ? 20.120  -7.624  13.187  1.00 33.53 ? 370 HOH A O   1 
HETATM 1233 O O   . HOH I 7 .   ? -7.890  12.965  -0.542  1.00 35.08 ? 371 HOH A O   1 
# 
